data_5HP0
#
_entry.id   5HP0
#
loop_
_entity.id
_entity.type
_entity.pdbx_description
1 polymer 'CREB-binding protein,Cellular tumor antigen p53 fusion protein'
2 non-polymer 'ZINC ION'
#
_entity_poly.entity_id   1
_entity_poly.type   'polypeptide(L)'
_entity_poly.pdbx_seq_one_letter_code
;SPQESRRLSIQRCIQSLVHACQCRNANCSLPSCQKMKRVVQHTKGCKRKTNGGCPVCKQLIALCCYHAKHCQENKCPVPF
CLNIKHKLRQQQGSGSGSQAMDDLMLSPDDIEQWFTEDPGPD
;
_entity_poly.pdbx_strand_id   A
#
# COMPACT_ATOMS: atom_id res chain seq x y z
N SER A 1 -15.78 -0.54 -17.19
CA SER A 1 -15.23 -1.78 -16.62
C SER A 1 -15.05 -1.67 -15.09
N PRO A 2 -15.25 -2.76 -14.32
CA PRO A 2 -15.05 -2.75 -12.87
C PRO A 2 -13.57 -2.58 -12.51
N GLN A 3 -12.67 -3.01 -13.39
CA GLN A 3 -11.22 -2.87 -13.25
C GLN A 3 -10.77 -1.40 -13.22
N GLU A 4 -11.49 -0.49 -13.88
CA GLU A 4 -11.19 0.95 -13.81
C GLU A 4 -11.55 1.50 -12.42
N SER A 5 -12.71 1.13 -11.90
CA SER A 5 -13.15 1.54 -10.55
C SER A 5 -12.20 0.97 -9.48
N ARG A 6 -11.76 -0.29 -9.67
CA ARG A 6 -10.78 -0.97 -8.81
C ARG A 6 -9.44 -0.23 -8.81
N ARG A 7 -8.94 0.11 -10.00
CA ARG A 7 -7.71 0.89 -10.21
C ARG A 7 -7.84 2.26 -9.54
N LEU A 8 -8.97 2.96 -9.70
CA LEU A 8 -9.24 4.26 -9.06
C LEU A 8 -9.19 4.19 -7.52
N SER A 9 -9.84 3.20 -6.90
CA SER A 9 -9.83 3.02 -5.43
C SER A 9 -8.41 2.72 -4.91
N ILE A 10 -7.72 1.78 -5.58
CA ILE A 10 -6.33 1.45 -5.27
C ILE A 10 -5.43 2.69 -5.45
N GLN A 11 -5.56 3.47 -6.53
CA GLN A 11 -4.81 4.71 -6.74
C GLN A 11 -5.10 5.74 -5.63
N ARG A 12 -6.35 5.87 -5.20
CA ARG A 12 -6.77 6.71 -4.05
C ARG A 12 -5.93 6.34 -2.82
N CYS A 13 -5.92 5.05 -2.49
CA CYS A 13 -5.15 4.56 -1.34
C CYS A 13 -3.62 4.66 -1.55
N ILE A 14 -3.10 4.42 -2.75
CA ILE A 14 -1.65 4.54 -3.05
C ILE A 14 -1.18 6.00 -2.94
N GLN A 15 -1.96 6.94 -3.46
CA GLN A 15 -1.65 8.37 -3.32
C GLN A 15 -1.71 8.76 -1.84
N SER A 16 -2.72 8.27 -1.12
CA SER A 16 -2.83 8.48 0.34
C SER A 16 -1.66 7.87 1.12
N LEU A 17 -1.13 6.73 0.67
CA LEU A 17 -0.01 6.00 1.28
C LEU A 17 1.31 6.76 1.08
N VAL A 18 1.64 7.16 -0.15
CA VAL A 18 2.87 7.93 -0.43
C VAL A 18 2.79 9.31 0.22
N HIS A 19 1.59 9.92 0.24
CA HIS A 19 1.32 11.17 0.96
C HIS A 19 1.63 10.95 2.44
N ALA A 20 1.01 9.96 3.09
CA ALA A 20 1.21 9.69 4.51
C ALA A 20 2.67 9.41 4.88
N CYS A 21 3.42 8.74 4.00
CA CYS A 21 4.83 8.47 4.24
C CYS A 21 5.68 9.74 4.10
N GLN A 22 5.34 10.66 3.18
CA GLN A 22 6.06 11.95 3.05
C GLN A 22 5.46 13.14 3.86
N CYS A 23 4.32 12.96 4.54
CA CYS A 23 3.58 13.99 5.28
C CYS A 23 4.30 14.45 6.56
N ARG A 24 4.98 15.60 6.48
CA ARG A 24 5.70 16.24 7.60
C ARG A 24 4.78 17.06 8.52
N ASN A 25 3.48 17.11 8.18
CA ASN A 25 2.38 17.80 8.86
C ASN A 25 1.57 16.84 9.77
N ALA A 26 2.14 15.67 10.12
CA ALA A 26 1.63 14.49 10.85
C ALA A 26 0.16 14.46 11.35
N ASN A 27 -0.32 15.47 12.09
CA ASN A 27 -1.72 15.61 12.52
C ASN A 27 -2.60 16.23 11.40
N CYS A 28 -2.33 15.79 10.16
CA CYS A 28 -2.92 16.20 8.89
C CYS A 28 -4.46 16.07 8.83
N SER A 29 -5.10 16.90 7.98
CA SER A 29 -6.55 16.97 7.79
C SER A 29 -7.12 15.97 6.78
N LEU A 30 -6.29 15.31 5.96
CA LEU A 30 -6.75 14.30 4.99
C LEU A 30 -7.22 13.02 5.69
N PRO A 31 -8.34 12.38 5.28
CA PRO A 31 -8.88 11.20 5.94
C PRO A 31 -7.98 9.96 5.81
N SER A 32 -7.55 9.61 4.59
CA SER A 32 -6.71 8.43 4.35
C SER A 32 -5.23 8.62 4.73
N CYS A 33 -4.78 9.87 4.94
CA CYS A 33 -3.44 10.17 5.44
C CYS A 33 -3.28 9.57 6.84
N GLN A 34 -4.21 9.93 7.74
CA GLN A 34 -4.26 9.43 9.12
C GLN A 34 -4.44 7.90 9.17
N LYS A 35 -5.25 7.33 8.27
CA LYS A 35 -5.45 5.87 8.16
C LYS A 35 -4.15 5.15 7.76
N MET A 36 -3.40 5.69 6.81
CA MET A 36 -2.11 5.13 6.39
C MET A 36 -1.02 5.33 7.45
N LYS A 37 -0.94 6.51 8.09
CA LYS A 37 0.02 6.76 9.20
C LYS A 37 -0.16 5.79 10.36
N ARG A 38 -1.39 5.36 10.67
CA ARG A 38 -1.69 4.35 11.71
C ARG A 38 -1.04 3.02 11.37
N VAL A 39 -1.26 2.50 10.16
CA VAL A 39 -0.71 1.20 9.73
C VAL A 39 0.81 1.25 9.48
N VAL A 40 1.36 2.38 9.00
CA VAL A 40 2.80 2.57 8.81
C VAL A 40 3.52 2.58 10.17
N GLN A 41 3.00 3.32 11.16
CA GLN A 41 3.61 3.33 12.50
C GLN A 41 3.45 1.97 13.20
N HIS A 42 2.34 1.26 12.95
CA HIS A 42 2.12 -0.09 13.48
C HIS A 42 3.18 -1.07 12.93
N THR A 43 3.27 -1.22 11.59
CA THR A 43 4.17 -2.20 10.96
C THR A 43 5.66 -1.98 11.30
N LYS A 44 6.08 -0.73 11.49
CA LYS A 44 7.45 -0.37 11.90
C LYS A 44 7.83 -0.93 13.30
N GLY A 45 6.83 -1.22 14.14
CA GLY A 45 6.97 -1.79 15.48
C GLY A 45 6.46 -3.24 15.62
N CYS A 46 5.99 -3.86 14.53
CA CYS A 46 5.42 -5.21 14.50
C CYS A 46 6.50 -6.32 14.41
N LYS A 47 6.16 -7.50 14.95
CA LYS A 47 7.00 -8.72 15.00
C LYS A 47 6.38 -9.95 14.31
N ARG A 48 5.14 -9.83 13.80
CA ARG A 48 4.37 -10.89 13.11
C ARG A 48 4.00 -10.55 11.67
N LYS A 49 4.63 -9.51 11.10
CA LYS A 49 4.49 -8.98 9.74
C LYS A 49 4.24 -10.08 8.71
N THR A 50 3.33 -9.86 7.75
CA THR A 50 2.81 -10.74 6.67
C THR A 50 3.36 -12.19 6.58
N ASN A 51 4.68 -12.38 6.52
CA ASN A 51 5.40 -13.66 6.58
C ASN A 51 4.93 -14.55 7.75
N GLY A 52 4.67 -13.96 8.92
CA GLY A 52 4.19 -14.62 10.13
C GLY A 52 2.67 -14.85 10.08
N GLY A 53 1.88 -13.78 10.23
CA GLY A 53 0.41 -13.85 10.18
C GLY A 53 -0.37 -12.54 10.38
N CYS A 54 0.31 -11.39 10.59
CA CYS A 54 -0.33 -10.10 10.84
C CYS A 54 -1.21 -9.63 9.65
N PRO A 55 -2.52 -9.40 9.84
CA PRO A 55 -3.42 -8.98 8.77
C PRO A 55 -3.24 -7.51 8.38
N VAL A 56 -2.91 -6.61 9.31
CA VAL A 56 -2.69 -5.18 9.01
C VAL A 56 -1.43 -4.99 8.17
N CYS A 57 -0.30 -5.63 8.51
CA CYS A 57 0.90 -5.60 7.66
C CYS A 57 0.58 -6.20 6.28
N LYS A 58 -0.06 -7.38 6.21
CA LYS A 58 -0.44 -8.05 4.95
C LYS A 58 -1.33 -7.17 4.05
N GLN A 59 -2.32 -6.49 4.62
CA GLN A 59 -3.22 -5.57 3.91
C GLN A 59 -2.49 -4.30 3.44
N LEU A 60 -1.54 -3.80 4.24
CA LEU A 60 -0.69 -2.68 3.84
C LEU A 60 0.25 -3.11 2.68
N ILE A 61 0.81 -4.33 2.75
CA ILE A 61 1.65 -4.93 1.70
C ILE A 61 0.90 -5.01 0.38
N ALA A 62 -0.41 -5.32 0.38
CA ALA A 62 -1.20 -5.42 -0.86
C ALA A 62 -1.17 -4.10 -1.67
N LEU A 63 -1.40 -2.95 -1.02
CA LEU A 63 -1.33 -1.65 -1.67
C LEU A 63 0.12 -1.20 -1.93
N CYS A 64 1.06 -1.46 -0.99
CA CYS A 64 2.48 -1.11 -1.19
C CYS A 64 3.09 -1.89 -2.37
N CYS A 65 2.73 -3.16 -2.55
CA CYS A 65 3.19 -3.98 -3.68
C CYS A 65 2.63 -3.48 -5.01
N TYR A 66 1.33 -3.15 -5.04
CA TYR A 66 0.71 -2.54 -6.23
C TYR A 66 1.43 -1.22 -6.58
N HIS A 67 1.74 -0.38 -5.58
CA HIS A 67 2.49 0.88 -5.74
C HIS A 67 3.92 0.65 -6.29
N ALA A 68 4.70 -0.20 -5.63
CA ALA A 68 6.10 -0.48 -5.95
C ALA A 68 6.35 -0.90 -7.41
N LYS A 69 5.39 -1.57 -8.05
CA LYS A 69 5.46 -1.99 -9.46
C LYS A 69 5.58 -0.78 -10.41
N HIS A 70 4.87 0.31 -10.10
CA HIS A 70 4.84 1.56 -10.87
C HIS A 70 5.90 2.60 -10.45
N CYS A 71 6.25 2.64 -9.17
CA CYS A 71 7.23 3.57 -8.60
C CYS A 71 8.63 3.37 -9.23
N GLN A 72 9.34 4.48 -9.47
CA GLN A 72 10.65 4.53 -10.13
C GLN A 72 11.66 5.47 -9.44
N GLU A 73 11.35 5.96 -8.23
CA GLU A 73 12.20 6.83 -7.44
C GLU A 73 13.39 6.06 -6.83
N ASN A 74 14.56 6.70 -6.68
CA ASN A 74 15.77 6.07 -6.14
C ASN A 74 15.59 5.62 -4.68
N LYS A 75 15.02 6.49 -3.83
CA LYS A 75 14.77 6.30 -2.40
C LYS A 75 13.39 6.85 -2.00
N CYS A 76 12.32 6.18 -2.42
CA CYS A 76 10.94 6.58 -2.13
C CYS A 76 10.58 6.51 -0.63
N PRO A 77 9.71 7.42 -0.14
CA PRO A 77 9.29 7.50 1.26
C PRO A 77 8.53 6.29 1.81
N VAL A 78 7.84 5.48 0.99
CA VAL A 78 7.05 4.32 1.45
C VAL A 78 7.99 3.25 2.04
N PRO A 79 7.70 2.68 3.25
CA PRO A 79 8.59 1.75 3.94
C PRO A 79 8.88 0.45 3.18
N PHE A 80 7.86 -0.19 2.58
CA PHE A 80 8.03 -1.46 1.88
C PHE A 80 8.46 -1.29 0.41
N CYS A 81 8.09 -0.17 -0.24
CA CYS A 81 8.35 0.11 -1.65
C CYS A 81 9.81 -0.19 -2.05
N LEU A 82 10.80 0.33 -1.30
CA LEU A 82 12.21 0.12 -1.59
C LEU A 82 12.60 -1.37 -1.66
N ASN A 83 12.19 -2.15 -0.66
CA ASN A 83 12.43 -3.59 -0.59
C ASN A 83 11.75 -4.32 -1.77
N ILE A 84 10.47 -4.00 -2.00
CA ILE A 84 9.66 -4.58 -3.08
C ILE A 84 10.28 -4.24 -4.45
N LYS A 85 10.70 -3.00 -4.71
CA LYS A 85 11.38 -2.59 -5.95
C LYS A 85 12.68 -3.33 -6.14
N HIS A 86 13.50 -3.49 -5.10
CA HIS A 86 14.75 -4.27 -5.19
C HIS A 86 14.47 -5.74 -5.60
N LYS A 87 13.58 -6.45 -4.90
CA LYS A 87 13.24 -7.83 -5.29
C LYS A 87 12.55 -7.90 -6.66
N LEU A 88 11.68 -6.95 -7.03
CA LEU A 88 11.06 -6.91 -8.36
C LEU A 88 12.05 -6.56 -9.47
N ARG A 89 13.01 -5.67 -9.27
CA ARG A 89 14.04 -5.39 -10.30
C ARG A 89 14.95 -6.61 -10.47
N GLN A 90 15.21 -7.36 -9.39
CA GLN A 90 15.96 -8.62 -9.47
C GLN A 90 15.17 -9.75 -10.18
N GLN A 91 13.87 -9.92 -9.88
CA GLN A 91 13.01 -11.00 -10.42
C GLN A 91 12.30 -10.68 -11.76
N GLN A 92 11.52 -9.60 -11.81
CA GLN A 92 10.69 -9.19 -12.96
C GLN A 92 11.43 -8.25 -13.93
N GLY A 93 12.17 -7.26 -13.41
CA GLY A 93 12.93 -6.27 -14.16
C GLY A 93 12.09 -5.20 -14.89
N SER A 94 11.13 -5.61 -15.71
CA SER A 94 10.27 -4.74 -16.53
C SER A 94 9.04 -4.15 -15.82
N GLY A 95 8.82 -4.47 -14.54
CA GLY A 95 7.67 -3.99 -13.76
C GLY A 95 6.32 -4.56 -14.25
N SER A 96 5.26 -3.76 -14.19
CA SER A 96 3.89 -4.12 -14.59
C SER A 96 3.24 -3.08 -15.53
N GLY A 97 2.15 -3.47 -16.20
CA GLY A 97 1.39 -2.63 -17.14
C GLY A 97 0.42 -1.65 -16.47
N SER A 98 -0.74 -1.42 -17.10
CA SER A 98 -1.80 -0.52 -16.62
C SER A 98 -3.20 -1.13 -16.78
N GLN A 99 -4.13 -0.69 -15.94
CA GLN A 99 -5.56 -1.05 -15.84
C GLN A 99 -5.88 -2.55 -15.95
N ALA A 100 -6.09 -3.08 -17.16
CA ALA A 100 -6.37 -4.50 -17.37
C ALA A 100 -5.17 -5.41 -17.06
N MET A 101 -3.98 -4.82 -16.93
CA MET A 101 -2.73 -5.51 -16.59
C MET A 101 -2.10 -4.85 -15.36
N ASP A 102 -2.66 -5.17 -14.21
CA ASP A 102 -2.29 -4.62 -12.90
C ASP A 102 -2.40 -5.70 -11.82
N ASP A 103 -1.99 -5.40 -10.58
CA ASP A 103 -2.02 -6.35 -9.47
C ASP A 103 -3.43 -6.51 -8.87
N LEU A 104 -4.37 -6.99 -9.70
CA LEU A 104 -5.81 -7.18 -9.44
C LEU A 104 -6.18 -8.26 -8.39
N MET A 105 -5.25 -8.60 -7.50
CA MET A 105 -5.37 -9.65 -6.47
C MET A 105 -6.27 -9.31 -5.26
N LEU A 106 -6.90 -8.13 -5.23
CA LEU A 106 -7.71 -7.63 -4.11
C LEU A 106 -8.96 -6.83 -4.52
N SER A 107 -9.95 -6.78 -3.61
CA SER A 107 -11.21 -6.04 -3.79
C SER A 107 -11.04 -4.55 -3.42
N PRO A 108 -11.54 -3.61 -4.23
CA PRO A 108 -11.38 -2.18 -3.98
C PRO A 108 -12.25 -1.62 -2.85
N ASP A 109 -13.34 -2.29 -2.45
CA ASP A 109 -14.12 -1.85 -1.29
C ASP A 109 -13.50 -2.43 -0.03
N ASP A 110 -12.86 -3.60 -0.11
CA ASP A 110 -12.19 -4.23 1.02
C ASP A 110 -11.00 -3.40 1.52
N ILE A 111 -10.32 -2.63 0.66
CA ILE A 111 -9.25 -1.73 1.10
C ILE A 111 -9.77 -0.68 2.10
N GLU A 112 -11.06 -0.33 2.02
CA GLU A 112 -11.69 0.63 2.93
C GLU A 112 -12.00 -0.03 4.29
N GLN A 113 -12.11 -1.38 4.33
CA GLN A 113 -12.26 -2.17 5.57
C GLN A 113 -10.90 -2.37 6.25
N TRP A 114 -9.81 -2.54 5.49
CA TRP A 114 -8.45 -2.77 5.99
C TRP A 114 -7.93 -1.70 6.98
N PHE A 115 -8.51 -0.51 6.95
CA PHE A 115 -8.14 0.62 7.82
C PHE A 115 -9.26 1.03 8.82
N THR A 116 -10.31 0.21 8.91
CA THR A 116 -11.49 0.41 9.79
C THR A 116 -11.75 -0.79 10.71
N GLU A 117 -11.52 -2.01 10.23
CA GLU A 117 -11.73 -3.28 10.96
C GLU A 117 -10.41 -3.99 11.35
N ASP A 118 -9.29 -3.25 11.33
CA ASP A 118 -7.95 -3.73 11.72
C ASP A 118 -7.86 -4.10 13.23
N PRO A 119 -6.90 -4.96 13.65
CA PRO A 119 -6.74 -5.41 15.03
C PRO A 119 -6.70 -4.29 16.09
N GLY A 120 -7.41 -4.50 17.19
CA GLY A 120 -7.52 -3.58 18.33
C GLY A 120 -8.56 -4.02 19.37
N PRO A 121 -8.76 -3.25 20.45
CA PRO A 121 -9.72 -3.54 21.51
C PRO A 121 -11.19 -3.37 21.05
N ASP A 122 -12.11 -4.06 21.73
CA ASP A 122 -13.55 -4.03 21.48
C ASP A 122 -14.39 -4.13 22.77
N SER A 1 -14.77 -0.98 -18.15
CA SER A 1 -14.25 -2.12 -17.39
C SER A 1 -14.23 -1.89 -15.87
N PRO A 2 -14.44 -2.93 -15.04
CA PRO A 2 -14.42 -2.81 -13.58
C PRO A 2 -13.01 -2.55 -13.03
N GLN A 3 -11.98 -2.96 -13.79
CA GLN A 3 -10.57 -2.74 -13.48
C GLN A 3 -10.23 -1.26 -13.33
N GLU A 4 -10.88 -0.35 -14.07
CA GLU A 4 -10.62 1.08 -13.95
C GLU A 4 -11.09 1.61 -12.59
N SER A 5 -12.33 1.33 -12.21
CA SER A 5 -12.89 1.72 -10.91
C SER A 5 -12.11 1.09 -9.75
N ARG A 6 -11.74 -0.19 -9.88
CA ARG A 6 -10.88 -0.91 -8.93
C ARG A 6 -9.55 -0.17 -8.76
N ARG A 7 -8.93 0.20 -9.89
CA ARG A 7 -7.70 0.98 -9.92
C ARG A 7 -7.91 2.36 -9.33
N LEU A 8 -9.04 3.04 -9.54
CA LEU A 8 -9.29 4.37 -8.95
C LEU A 8 -9.36 4.28 -7.42
N SER A 9 -10.02 3.28 -6.82
CA SER A 9 -9.99 3.07 -5.36
C SER A 9 -8.56 2.79 -4.87
N ILE A 10 -7.87 1.87 -5.56
CA ILE A 10 -6.46 1.53 -5.28
C ILE A 10 -5.56 2.77 -5.36
N GLN A 11 -5.69 3.62 -6.39
CA GLN A 11 -4.92 4.85 -6.57
C GLN A 11 -5.25 5.87 -5.48
N ARG A 12 -6.51 5.97 -5.03
CA ARG A 12 -6.92 6.80 -3.89
C ARG A 12 -6.08 6.38 -2.67
N CYS A 13 -6.08 5.08 -2.37
CA CYS A 13 -5.30 4.57 -1.25
C CYS A 13 -3.77 4.67 -1.47
N ILE A 14 -3.24 4.44 -2.67
CA ILE A 14 -1.81 4.55 -2.97
C ILE A 14 -1.31 6.01 -2.87
N GLN A 15 -2.09 6.98 -3.37
CA GLN A 15 -1.75 8.39 -3.21
C GLN A 15 -1.82 8.77 -1.73
N SER A 16 -2.83 8.26 -0.99
CA SER A 16 -2.93 8.47 0.46
C SER A 16 -1.75 7.84 1.24
N LEU A 17 -1.24 6.70 0.79
CA LEU A 17 -0.13 5.95 1.37
C LEU A 17 1.20 6.70 1.17
N VAL A 18 1.52 7.09 -0.06
CA VAL A 18 2.76 7.86 -0.34
C VAL A 18 2.70 9.24 0.31
N HIS A 19 1.50 9.86 0.34
CA HIS A 19 1.27 11.11 1.06
C HIS A 19 1.59 10.89 2.54
N ALA A 20 0.98 9.90 3.19
CA ALA A 20 1.21 9.61 4.61
C ALA A 20 2.69 9.34 4.93
N CYS A 21 3.41 8.65 4.04
CA CYS A 21 4.82 8.37 4.21
C CYS A 21 5.69 9.63 4.06
N GLN A 22 5.32 10.59 3.19
CA GLN A 22 6.04 11.87 3.04
C GLN A 22 5.45 13.06 3.85
N CYS A 23 4.34 12.87 4.58
CA CYS A 23 3.61 13.91 5.32
C CYS A 23 4.34 14.39 6.60
N ARG A 24 5.00 15.56 6.49
CA ARG A 24 5.71 16.22 7.60
C ARG A 24 4.79 17.12 8.44
N ASN A 25 3.50 17.16 8.08
CA ASN A 25 2.41 17.88 8.73
C ASN A 25 1.63 16.97 9.72
N ALA A 26 2.22 15.85 10.15
CA ALA A 26 1.74 14.71 10.95
C ALA A 26 0.29 14.68 11.49
N ASN A 27 -0.22 15.74 12.13
CA ASN A 27 -1.62 15.88 12.57
C ASN A 27 -2.48 16.45 11.42
N CYS A 28 -2.25 15.93 10.21
CA CYS A 28 -2.83 16.31 8.92
C CYS A 28 -4.38 16.23 8.87
N SER A 29 -4.99 17.04 7.98
CA SER A 29 -6.44 17.13 7.79
C SER A 29 -7.04 16.10 6.82
N LEU A 30 -6.22 15.39 6.02
CA LEU A 30 -6.70 14.36 5.09
C LEU A 30 -7.16 13.10 5.85
N PRO A 31 -8.29 12.47 5.47
CA PRO A 31 -8.83 11.30 6.17
C PRO A 31 -7.94 10.05 6.06
N SER A 32 -7.54 9.67 4.84
CA SER A 32 -6.71 8.47 4.63
C SER A 32 -5.22 8.67 4.96
N CYS A 33 -4.77 9.92 5.16
CA CYS A 33 -3.41 10.22 5.61
C CYS A 33 -3.21 9.65 7.02
N GLN A 34 -4.11 10.03 7.93
CA GLN A 34 -4.12 9.59 9.32
C GLN A 34 -4.34 8.07 9.44
N LYS A 35 -5.18 7.50 8.56
CA LYS A 35 -5.45 6.05 8.50
C LYS A 35 -4.22 5.26 8.03
N MET A 36 -3.48 5.76 7.03
CA MET A 36 -2.24 5.15 6.55
C MET A 36 -1.09 5.34 7.55
N LYS A 37 -0.95 6.51 8.18
CA LYS A 37 0.09 6.77 9.21
C LYS A 37 -0.01 5.76 10.34
N ARG A 38 -1.22 5.43 10.81
CA ARG A 38 -1.46 4.43 11.87
C ARG A 38 -0.90 3.06 11.49
N VAL A 39 -1.18 2.56 10.29
CA VAL A 39 -0.68 1.25 9.83
C VAL A 39 0.83 1.26 9.52
N VAL A 40 1.37 2.38 9.01
CA VAL A 40 2.81 2.55 8.76
C VAL A 40 3.58 2.58 10.09
N GLN A 41 3.11 3.35 11.07
CA GLN A 41 3.74 3.41 12.40
C GLN A 41 3.64 2.05 13.12
N HIS A 42 2.53 1.33 12.93
CA HIS A 42 2.35 -0.03 13.46
C HIS A 42 3.38 -1.00 12.86
N THR A 43 3.41 -1.15 11.53
CA THR A 43 4.29 -2.12 10.85
C THR A 43 5.78 -1.88 11.09
N LYS A 44 6.20 -0.61 11.28
CA LYS A 44 7.59 -0.25 11.61
C LYS A 44 8.06 -0.83 12.95
N GLY A 45 7.13 -1.06 13.89
CA GLY A 45 7.38 -1.67 15.20
C GLY A 45 6.97 -3.15 15.32
N CYS A 46 6.18 -3.66 14.37
CA CYS A 46 5.66 -5.03 14.34
C CYS A 46 6.75 -6.11 14.19
N LYS A 47 6.51 -7.26 14.83
CA LYS A 47 7.37 -8.45 14.87
C LYS A 47 6.68 -9.73 14.38
N ARG A 48 5.40 -9.66 13.99
CA ARG A 48 4.59 -10.82 13.51
C ARG A 48 4.18 -10.79 12.03
N LYS A 49 4.38 -9.65 11.36
CA LYS A 49 4.10 -9.19 9.95
C LYS A 49 3.44 -10.16 8.94
N THR A 50 3.54 -9.89 7.63
CA THR A 50 2.97 -10.78 6.59
C THR A 50 3.64 -12.16 6.57
N ASN A 51 4.92 -12.24 6.97
CA ASN A 51 5.70 -13.49 7.04
C ASN A 51 5.16 -14.48 8.10
N GLY A 52 4.67 -13.97 9.23
CA GLY A 52 4.12 -14.76 10.33
C GLY A 52 2.61 -14.93 10.25
N GLY A 53 1.86 -13.85 10.50
CA GLY A 53 0.38 -13.88 10.45
C GLY A 53 -0.34 -12.56 10.77
N CYS A 54 0.33 -11.41 10.75
CA CYS A 54 -0.26 -10.11 11.05
C CYS A 54 -1.15 -9.61 9.88
N PRO A 55 -2.46 -9.33 10.11
CA PRO A 55 -3.37 -8.90 9.04
C PRO A 55 -3.14 -7.45 8.61
N VAL A 56 -2.79 -6.53 9.50
CA VAL A 56 -2.56 -5.11 9.15
C VAL A 56 -1.34 -4.96 8.25
N CYS A 57 -0.20 -5.57 8.57
CA CYS A 57 0.97 -5.58 7.69
C CYS A 57 0.62 -6.24 6.34
N LYS A 58 -0.01 -7.42 6.34
CA LYS A 58 -0.40 -8.15 5.11
C LYS A 58 -1.32 -7.34 4.19
N GLN A 59 -2.34 -6.67 4.72
CA GLN A 59 -3.24 -5.83 3.92
C GLN A 59 -2.57 -4.52 3.47
N LEU A 60 -1.64 -3.97 4.27
CA LEU A 60 -0.84 -2.81 3.87
C LEU A 60 0.07 -3.19 2.69
N ILE A 61 0.69 -4.38 2.73
CA ILE A 61 1.52 -4.95 1.66
C ILE A 61 0.75 -5.03 0.33
N ALA A 62 -0.56 -5.30 0.33
CA ALA A 62 -1.35 -5.39 -0.90
C ALA A 62 -1.30 -4.08 -1.70
N LEU A 63 -1.57 -2.93 -1.07
CA LEU A 63 -1.49 -1.62 -1.73
C LEU A 63 -0.03 -1.19 -1.97
N CYS A 64 0.89 -1.48 -1.04
CA CYS A 64 2.31 -1.14 -1.23
C CYS A 64 2.93 -1.90 -2.41
N CYS A 65 2.60 -3.18 -2.61
CA CYS A 65 3.09 -3.98 -3.75
C CYS A 65 2.52 -3.46 -5.07
N TYR A 66 1.22 -3.13 -5.11
CA TYR A 66 0.60 -2.51 -6.29
C TYR A 66 1.31 -1.19 -6.62
N HIS A 67 1.60 -0.35 -5.61
CA HIS A 67 2.34 0.91 -5.75
C HIS A 67 3.76 0.71 -6.30
N ALA A 68 4.54 -0.18 -5.68
CA ALA A 68 5.95 -0.44 -6.01
C ALA A 68 6.19 -0.80 -7.48
N LYS A 69 5.21 -1.46 -8.14
CA LYS A 69 5.29 -1.83 -9.56
C LYS A 69 5.36 -0.59 -10.47
N HIS A 70 4.63 0.47 -10.10
CA HIS A 70 4.55 1.74 -10.84
C HIS A 70 5.60 2.79 -10.42
N CYS A 71 6.01 2.78 -9.14
CA CYS A 71 7.01 3.69 -8.58
C CYS A 71 8.39 3.50 -9.24
N GLN A 72 9.12 4.61 -9.44
CA GLN A 72 10.44 4.65 -10.11
C GLN A 72 11.48 5.54 -9.38
N GLU A 73 11.17 6.00 -8.17
CA GLU A 73 12.07 6.81 -7.35
C GLU A 73 13.26 5.98 -6.81
N ASN A 74 14.43 6.60 -6.65
CA ASN A 74 15.66 5.93 -6.19
C ASN A 74 15.55 5.41 -4.73
N LYS A 75 15.00 6.24 -3.83
CA LYS A 75 14.81 5.97 -2.40
C LYS A 75 13.43 6.50 -1.95
N CYS A 76 12.36 5.82 -2.35
CA CYS A 76 10.97 6.23 -2.07
C CYS A 76 10.62 6.24 -0.56
N PRO A 77 9.75 7.18 -0.13
CA PRO A 77 9.30 7.34 1.26
C PRO A 77 8.51 6.15 1.83
N VAL A 78 7.82 5.34 1.02
CA VAL A 78 7.02 4.19 1.50
C VAL A 78 7.95 3.11 2.08
N PRO A 79 7.67 2.54 3.28
CA PRO A 79 8.57 1.59 3.94
C PRO A 79 8.83 0.30 3.16
N PHE A 80 7.81 -0.29 2.52
CA PHE A 80 7.96 -1.54 1.79
C PHE A 80 8.35 -1.36 0.32
N CYS A 81 7.93 -0.26 -0.32
CA CYS A 81 8.17 0.01 -1.74
C CYS A 81 9.63 -0.23 -2.15
N LEU A 82 10.60 0.35 -1.44
CA LEU A 82 12.01 0.21 -1.76
C LEU A 82 12.47 -1.27 -1.80
N ASN A 83 12.08 -2.07 -0.81
CA ASN A 83 12.35 -3.50 -0.74
C ASN A 83 11.67 -4.25 -1.90
N ILE A 84 10.37 -3.98 -2.12
CA ILE A 84 9.57 -4.57 -3.19
C ILE A 84 10.18 -4.24 -4.57
N LYS A 85 10.57 -2.99 -4.82
CA LYS A 85 11.25 -2.56 -6.05
C LYS A 85 12.54 -3.33 -6.23
N HIS A 86 13.41 -3.42 -5.22
CA HIS A 86 14.65 -4.21 -5.34
C HIS A 86 14.36 -5.69 -5.73
N LYS A 87 13.44 -6.38 -5.05
CA LYS A 87 13.10 -7.78 -5.45
C LYS A 87 12.41 -7.86 -6.82
N LEU A 88 11.60 -6.87 -7.21
CA LEU A 88 11.00 -6.81 -8.55
C LEU A 88 12.08 -6.51 -9.63
N ARG A 89 13.11 -5.71 -9.32
CA ARG A 89 14.27 -5.51 -10.22
C ARG A 89 15.01 -6.84 -10.40
N GLN A 90 15.16 -7.62 -9.33
CA GLN A 90 15.79 -8.95 -9.40
C GLN A 90 14.95 -9.99 -10.18
N GLN A 91 13.63 -10.05 -9.97
CA GLN A 91 12.71 -11.02 -10.59
C GLN A 91 12.11 -10.61 -11.95
N GLN A 92 11.45 -9.46 -12.03
CA GLN A 92 10.77 -8.93 -13.22
C GLN A 92 11.72 -8.13 -14.14
N GLY A 93 12.66 -7.39 -13.56
CA GLY A 93 13.65 -6.59 -14.28
C GLY A 93 13.03 -5.57 -15.25
N SER A 94 13.37 -5.71 -16.54
CA SER A 94 12.91 -4.84 -17.63
C SER A 94 11.51 -5.16 -18.19
N GLY A 95 10.84 -6.23 -17.72
CA GLY A 95 9.50 -6.62 -18.16
C GLY A 95 8.42 -5.57 -17.82
N SER A 96 7.72 -5.06 -18.84
CA SER A 96 6.68 -4.03 -18.70
C SER A 96 5.36 -4.54 -18.10
N GLY A 97 4.69 -3.67 -17.33
CA GLY A 97 3.37 -3.94 -16.73
C GLY A 97 2.19 -3.57 -17.66
N SER A 98 0.97 -3.63 -17.12
CA SER A 98 -0.28 -3.29 -17.82
C SER A 98 -1.33 -2.69 -16.88
N GLN A 99 -2.18 -1.81 -17.42
CA GLN A 99 -3.29 -1.18 -16.69
C GLN A 99 -4.55 -2.06 -16.68
N ALA A 100 -4.72 -2.90 -17.72
CA ALA A 100 -5.79 -3.89 -17.77
C ALA A 100 -5.43 -5.15 -16.97
N MET A 101 -4.12 -5.44 -16.87
CA MET A 101 -3.58 -6.57 -16.12
C MET A 101 -2.56 -6.03 -15.12
N ASP A 102 -3.13 -5.48 -14.06
CA ASP A 102 -2.47 -4.88 -12.90
C ASP A 102 -2.46 -5.89 -11.75
N ASP A 103 -2.03 -5.49 -10.55
CA ASP A 103 -2.01 -6.36 -9.37
C ASP A 103 -3.41 -6.51 -8.75
N LEU A 104 -4.36 -6.97 -9.58
CA LEU A 104 -5.80 -7.18 -9.33
C LEU A 104 -6.16 -8.32 -8.35
N MET A 105 -5.22 -8.67 -7.47
CA MET A 105 -5.32 -9.72 -6.45
C MET A 105 -6.23 -9.38 -5.24
N LEU A 106 -6.89 -8.22 -5.27
CA LEU A 106 -7.73 -7.68 -4.19
C LEU A 106 -8.98 -6.92 -4.67
N SER A 107 -9.98 -6.81 -3.80
CA SER A 107 -11.23 -6.09 -4.05
C SER A 107 -11.14 -4.61 -3.63
N PRO A 108 -11.63 -3.65 -4.45
CA PRO A 108 -11.55 -2.22 -4.12
C PRO A 108 -12.49 -1.79 -2.99
N ASP A 109 -13.61 -2.50 -2.75
CA ASP A 109 -14.50 -2.17 -1.64
C ASP A 109 -13.98 -2.69 -0.30
N ASP A 110 -13.08 -3.67 -0.37
CA ASP A 110 -12.43 -4.31 0.77
C ASP A 110 -11.27 -3.49 1.33
N ILE A 111 -10.58 -2.68 0.52
CA ILE A 111 -9.45 -1.85 0.99
C ILE A 111 -9.86 -0.87 2.10
N GLU A 112 -11.10 -0.35 2.02
CA GLU A 112 -11.65 0.57 3.00
C GLU A 112 -12.02 -0.14 4.33
N GLN A 113 -12.03 -1.49 4.32
CA GLN A 113 -12.32 -2.36 5.46
C GLN A 113 -11.03 -2.80 6.19
N TRP A 114 -9.88 -2.74 5.51
CA TRP A 114 -8.56 -3.08 6.05
C TRP A 114 -8.03 -2.08 7.09
N PHE A 115 -8.52 -0.83 7.03
CA PHE A 115 -8.06 0.29 7.86
C PHE A 115 -9.08 0.77 8.92
N THR A 116 -10.33 0.31 8.86
CA THR A 116 -11.44 0.66 9.77
C THR A 116 -11.69 -0.36 10.89
N GLU A 117 -10.96 -1.47 10.87
CA GLU A 117 -11.05 -2.62 11.77
C GLU A 117 -10.35 -2.44 13.14
N ASP A 118 -10.12 -1.20 13.57
CA ASP A 118 -9.50 -0.88 14.87
C ASP A 118 -10.41 -1.23 16.07
N PRO A 119 -9.85 -1.65 17.22
CA PRO A 119 -10.62 -2.03 18.40
C PRO A 119 -11.32 -0.84 19.10
N GLY A 120 -12.44 -1.12 19.76
CA GLY A 120 -13.26 -0.14 20.49
C GLY A 120 -14.48 -0.76 21.19
N PRO A 121 -15.30 0.05 21.89
CA PRO A 121 -16.50 -0.41 22.60
C PRO A 121 -17.63 -0.83 21.66
N ASP A 122 -18.56 -1.66 22.17
CA ASP A 122 -19.73 -2.17 21.45
C ASP A 122 -20.97 -2.31 22.36
N SER A 1 -16.03 0.49 -16.13
CA SER A 1 -15.53 -0.88 -15.96
C SER A 1 -15.18 -1.20 -14.49
N PRO A 2 -15.36 -2.44 -14.02
CA PRO A 2 -15.02 -2.83 -12.65
C PRO A 2 -13.50 -2.77 -12.41
N GLN A 3 -12.73 -3.06 -13.46
CA GLN A 3 -11.26 -2.96 -13.48
C GLN A 3 -10.81 -1.51 -13.23
N GLU A 4 -11.44 -0.54 -13.88
CA GLU A 4 -11.12 0.88 -13.73
C GLU A 4 -11.56 1.38 -12.36
N SER A 5 -12.72 0.93 -11.86
CA SER A 5 -13.19 1.29 -10.51
C SER A 5 -12.21 0.76 -9.45
N ARG A 6 -11.73 -0.49 -9.64
CA ARG A 6 -10.69 -1.10 -8.79
C ARG A 6 -9.46 -0.21 -8.78
N ARG A 7 -8.97 0.14 -9.96
CA ARG A 7 -7.81 1.02 -10.11
C ARG A 7 -8.03 2.40 -9.49
N LEU A 8 -9.21 2.99 -9.59
CA LEU A 8 -9.54 4.29 -8.99
C LEU A 8 -9.43 4.21 -7.45
N SER A 9 -10.05 3.22 -6.80
CA SER A 9 -9.93 3.07 -5.34
C SER A 9 -8.48 2.76 -4.92
N ILE A 10 -7.80 1.86 -5.66
CA ILE A 10 -6.38 1.53 -5.45
C ILE A 10 -5.50 2.79 -5.56
N GLN A 11 -5.66 3.60 -6.61
CA GLN A 11 -4.90 4.85 -6.80
C GLN A 11 -5.20 5.86 -5.70
N ARG A 12 -6.46 5.96 -5.23
CA ARG A 12 -6.84 6.78 -4.07
C ARG A 12 -5.99 6.39 -2.85
N CYS A 13 -5.95 5.09 -2.54
CA CYS A 13 -5.17 4.60 -1.42
C CYS A 13 -3.64 4.68 -1.66
N ILE A 14 -3.14 4.46 -2.87
CA ILE A 14 -1.71 4.57 -3.19
C ILE A 14 -1.22 6.02 -3.06
N GLN A 15 -2.00 6.99 -3.56
CA GLN A 15 -1.67 8.41 -3.41
C GLN A 15 -1.74 8.78 -1.92
N SER A 16 -2.74 8.28 -1.19
CA SER A 16 -2.84 8.50 0.27
C SER A 16 -1.68 7.86 1.05
N LEU A 17 -1.16 6.71 0.60
CA LEU A 17 -0.04 5.98 1.19
C LEU A 17 1.29 6.73 1.00
N VAL A 18 1.62 7.13 -0.23
CA VAL A 18 2.85 7.91 -0.50
C VAL A 18 2.76 9.29 0.16
N HIS A 19 1.56 9.90 0.17
CA HIS A 19 1.32 11.14 0.89
C HIS A 19 1.63 10.93 2.37
N ALA A 20 1.01 9.94 3.03
CA ALA A 20 1.21 9.66 4.45
C ALA A 20 2.67 9.39 4.80
N CYS A 21 3.41 8.69 3.93
CA CYS A 21 4.82 8.42 4.16
C CYS A 21 5.68 9.68 4.00
N GLN A 22 5.34 10.61 3.10
CA GLN A 22 6.05 11.89 2.94
C GLN A 22 5.47 13.08 3.76
N CYS A 23 4.35 12.89 4.46
CA CYS A 23 3.63 13.91 5.23
C CYS A 23 4.35 14.28 6.54
N ARG A 24 5.08 15.41 6.53
CA ARG A 24 5.82 15.96 7.68
C ARG A 24 4.94 16.83 8.59
N ASN A 25 3.65 16.95 8.25
CA ASN A 25 2.59 17.68 8.94
C ASN A 25 1.73 16.75 9.84
N ALA A 26 2.26 15.55 10.19
CA ALA A 26 1.70 14.39 10.91
C ALA A 26 0.23 14.43 11.43
N ASN A 27 -0.19 15.47 12.15
CA ASN A 27 -1.58 15.70 12.57
C ASN A 27 -2.47 16.25 11.41
N CYS A 28 -2.17 15.82 10.19
CA CYS A 28 -2.78 16.19 8.91
C CYS A 28 -4.31 15.98 8.87
N SER A 29 -5.00 16.84 8.11
CA SER A 29 -6.46 16.85 7.96
C SER A 29 -7.02 15.87 6.93
N LEU A 30 -6.19 15.26 6.08
CA LEU A 30 -6.66 14.28 5.08
C LEU A 30 -7.14 12.97 5.78
N PRO A 31 -8.27 12.37 5.34
CA PRO A 31 -8.83 11.18 6.00
C PRO A 31 -7.97 9.92 5.82
N SER A 32 -7.57 9.59 4.60
CA SER A 32 -6.75 8.39 4.34
C SER A 32 -5.27 8.57 4.72
N CYS A 33 -4.81 9.81 4.91
CA CYS A 33 -3.47 10.11 5.42
C CYS A 33 -3.35 9.53 6.84
N GLN A 34 -4.31 9.89 7.70
CA GLN A 34 -4.43 9.40 9.08
C GLN A 34 -4.56 7.86 9.12
N LYS A 35 -5.35 7.26 8.20
CA LYS A 35 -5.50 5.79 8.10
C LYS A 35 -4.18 5.11 7.73
N MET A 36 -3.44 5.64 6.77
CA MET A 36 -2.14 5.10 6.35
C MET A 36 -1.06 5.32 7.41
N LYS A 37 -1.00 6.49 8.05
CA LYS A 37 -0.03 6.77 9.14
C LYS A 37 -0.19 5.80 10.31
N ARG A 38 -1.41 5.38 10.64
CA ARG A 38 -1.68 4.38 11.69
C ARG A 38 -1.03 3.03 11.35
N VAL A 39 -1.27 2.51 10.15
CA VAL A 39 -0.71 1.22 9.72
C VAL A 39 0.79 1.27 9.44
N VAL A 40 1.31 2.40 8.92
CA VAL A 40 2.76 2.61 8.70
C VAL A 40 3.51 2.67 10.03
N GLN A 41 3.00 3.38 11.04
CA GLN A 41 3.65 3.42 12.37
C GLN A 41 3.52 2.06 13.07
N HIS A 42 2.40 1.35 12.89
CA HIS A 42 2.20 0.00 13.44
C HIS A 42 3.24 -0.99 12.90
N THR A 43 3.31 -1.15 11.56
CA THR A 43 4.19 -2.15 10.93
C THR A 43 5.68 -1.95 11.23
N LYS A 44 6.13 -0.70 11.46
CA LYS A 44 7.52 -0.37 11.85
C LYS A 44 7.90 -0.92 13.22
N GLY A 45 6.92 -1.12 14.11
CA GLY A 45 7.09 -1.69 15.45
C GLY A 45 6.66 -3.16 15.58
N CYS A 46 6.03 -3.73 14.54
CA CYS A 46 5.51 -5.09 14.51
C CYS A 46 6.61 -6.17 14.38
N LYS A 47 6.31 -7.37 14.89
CA LYS A 47 7.17 -8.57 14.92
C LYS A 47 6.55 -9.80 14.23
N ARG A 48 5.25 -9.74 13.90
CA ARG A 48 4.47 -10.80 13.23
C ARG A 48 4.08 -10.48 11.77
N LYS A 49 4.71 -9.45 11.19
CA LYS A 49 4.57 -8.94 9.82
C LYS A 49 4.32 -10.06 8.81
N THR A 50 3.44 -9.83 7.82
CA THR A 50 2.94 -10.73 6.74
C THR A 50 3.48 -12.17 6.67
N ASN A 51 4.81 -12.36 6.62
CA ASN A 51 5.53 -13.63 6.69
C ASN A 51 5.04 -14.54 7.85
N GLY A 52 4.78 -13.93 9.02
CA GLY A 52 4.25 -14.59 10.22
C GLY A 52 2.73 -14.79 10.13
N GLY A 53 1.97 -13.71 10.30
CA GLY A 53 0.49 -13.77 10.22
C GLY A 53 -0.28 -12.46 10.44
N CYS A 54 0.39 -11.32 10.68
CA CYS A 54 -0.26 -10.04 10.95
C CYS A 54 -1.13 -9.54 9.77
N PRO A 55 -2.45 -9.32 9.96
CA PRO A 55 -3.35 -8.91 8.89
C PRO A 55 -3.15 -7.45 8.47
N VAL A 56 -2.85 -6.52 9.38
CA VAL A 56 -2.63 -5.10 9.04
C VAL A 56 -1.38 -4.94 8.17
N CYS A 57 -0.26 -5.58 8.51
CA CYS A 57 0.93 -5.59 7.66
C CYS A 57 0.62 -6.25 6.30
N LYS A 58 -0.02 -7.43 6.28
CA LYS A 58 -0.36 -8.15 5.03
C LYS A 58 -1.27 -7.33 4.10
N GLN A 59 -2.28 -6.65 4.62
CA GLN A 59 -3.18 -5.80 3.81
C GLN A 59 -2.49 -4.48 3.39
N LEU A 60 -1.57 -3.94 4.20
CA LEU A 60 -0.76 -2.79 3.82
C LEU A 60 0.17 -3.17 2.66
N ILE A 61 0.78 -4.37 2.72
CA ILE A 61 1.62 -4.94 1.67
C ILE A 61 0.87 -5.02 0.32
N ALA A 62 -0.44 -5.28 0.31
CA ALA A 62 -1.23 -5.35 -0.93
C ALA A 62 -1.15 -4.03 -1.74
N LEU A 63 -1.45 -2.89 -1.11
CA LEU A 63 -1.37 -1.58 -1.76
C LEU A 63 0.08 -1.13 -1.96
N CYS A 64 1.01 -1.43 -1.03
CA CYS A 64 2.42 -1.09 -1.21
C CYS A 64 3.05 -1.86 -2.38
N CYS A 65 2.72 -3.14 -2.57
CA CYS A 65 3.23 -3.94 -3.69
C CYS A 65 2.67 -3.45 -5.01
N TYR A 66 1.36 -3.13 -5.07
CA TYR A 66 0.76 -2.54 -6.27
C TYR A 66 1.46 -1.22 -6.62
N HIS A 67 1.74 -0.36 -5.63
CA HIS A 67 2.47 0.90 -5.78
C HIS A 67 3.91 0.69 -6.30
N ALA A 68 4.68 -0.19 -5.65
CA ALA A 68 6.09 -0.46 -5.94
C ALA A 68 6.37 -0.86 -7.40
N LYS A 69 5.42 -1.56 -8.03
CA LYS A 69 5.51 -1.97 -9.45
C LYS A 69 5.62 -0.75 -10.37
N HIS A 70 4.91 0.33 -10.05
CA HIS A 70 4.87 1.60 -10.80
C HIS A 70 5.92 2.64 -10.37
N CYS A 71 6.31 2.65 -9.10
CA CYS A 71 7.28 3.60 -8.54
C CYS A 71 8.67 3.43 -9.19
N GLN A 72 9.39 4.55 -9.37
CA GLN A 72 10.70 4.63 -10.03
C GLN A 72 11.71 5.55 -9.32
N GLU A 73 11.40 6.02 -8.11
CA GLU A 73 12.28 6.89 -7.30
C GLU A 73 13.49 6.10 -6.77
N ASN A 74 14.63 6.77 -6.58
CA ASN A 74 15.87 6.11 -6.10
C ASN A 74 15.76 5.61 -4.66
N LYS A 75 15.09 6.39 -3.78
CA LYS A 75 14.84 6.12 -2.35
C LYS A 75 13.44 6.63 -1.96
N CYS A 76 12.38 5.92 -2.37
CA CYS A 76 10.99 6.34 -2.10
C CYS A 76 10.63 6.35 -0.59
N PRO A 77 9.77 7.30 -0.17
CA PRO A 77 9.32 7.46 1.21
C PRO A 77 8.53 6.27 1.79
N VAL A 78 7.84 5.46 0.96
CA VAL A 78 7.04 4.31 1.44
C VAL A 78 7.99 3.23 2.03
N PRO A 79 7.71 2.68 3.23
CA PRO A 79 8.62 1.75 3.90
C PRO A 79 8.88 0.44 3.15
N PHE A 80 7.85 -0.17 2.56
CA PHE A 80 8.01 -1.45 1.84
C PHE A 80 8.42 -1.27 0.38
N CYS A 81 7.99 -0.19 -0.28
CA CYS A 81 8.23 0.07 -1.70
C CYS A 81 9.69 -0.18 -2.12
N LEU A 82 10.66 0.43 -1.42
CA LEU A 82 12.07 0.28 -1.73
C LEU A 82 12.54 -1.18 -1.69
N ASN A 83 12.12 -1.94 -0.68
CA ASN A 83 12.42 -3.37 -0.54
C ASN A 83 11.76 -4.18 -1.69
N ILE A 84 10.50 -3.88 -1.99
CA ILE A 84 9.72 -4.52 -3.06
C ILE A 84 10.35 -4.23 -4.42
N LYS A 85 10.76 -2.98 -4.71
CA LYS A 85 11.47 -2.61 -5.94
C LYS A 85 12.79 -3.35 -6.07
N HIS A 86 13.57 -3.44 -4.99
CA HIS A 86 14.82 -4.22 -4.99
C HIS A 86 14.56 -5.70 -5.37
N LYS A 87 13.62 -6.40 -4.71
CA LYS A 87 13.32 -7.79 -5.08
C LYS A 87 12.70 -7.92 -6.49
N LEU A 88 11.85 -6.99 -6.92
CA LEU A 88 11.25 -7.02 -8.27
C LEU A 88 12.28 -6.72 -9.37
N ARG A 89 13.24 -5.81 -9.15
CA ARG A 89 14.32 -5.57 -10.13
C ARG A 89 15.29 -6.76 -10.16
N GLN A 90 15.51 -7.43 -9.02
CA GLN A 90 16.29 -8.68 -8.98
C GLN A 90 15.57 -9.83 -9.72
N GLN A 91 14.24 -9.96 -9.54
CA GLN A 91 13.41 -11.02 -10.14
C GLN A 91 13.04 -10.82 -11.62
N GLN A 92 12.25 -9.78 -11.93
CA GLN A 92 11.74 -9.45 -13.26
C GLN A 92 12.65 -8.50 -14.06
N GLY A 93 13.23 -7.49 -13.39
CA GLY A 93 14.09 -6.47 -14.00
C GLY A 93 13.32 -5.36 -14.73
N SER A 94 12.53 -5.70 -15.75
CA SER A 94 11.74 -4.76 -16.56
C SER A 94 10.45 -5.38 -17.15
N GLY A 95 9.48 -4.53 -17.50
CA GLY A 95 8.19 -4.92 -18.09
C GLY A 95 7.23 -3.74 -18.27
N SER A 96 6.19 -3.92 -19.08
CA SER A 96 5.15 -2.90 -19.38
C SER A 96 3.82 -3.53 -19.81
N GLY A 97 2.73 -2.75 -19.73
CA GLY A 97 1.36 -3.16 -20.11
C GLY A 97 0.28 -2.14 -19.75
N SER A 98 -0.94 -2.39 -20.22
CA SER A 98 -2.12 -1.55 -19.95
C SER A 98 -2.70 -1.79 -18.54
N GLN A 99 -3.59 -0.90 -18.07
CA GLN A 99 -4.23 -0.94 -16.75
C GLN A 99 -4.95 -2.26 -16.39
N ALA A 100 -5.32 -3.06 -17.38
CA ALA A 100 -5.96 -4.37 -17.18
C ALA A 100 -4.98 -5.46 -16.69
N MET A 101 -3.67 -5.28 -16.92
CA MET A 101 -2.60 -6.19 -16.50
C MET A 101 -1.85 -5.56 -15.31
N ASP A 102 -2.48 -5.65 -14.14
CA ASP A 102 -1.99 -5.14 -12.85
C ASP A 102 -2.25 -6.14 -11.72
N ASP A 103 -1.85 -5.79 -10.50
CA ASP A 103 -1.95 -6.65 -9.31
C ASP A 103 -3.39 -6.71 -8.75
N LEU A 104 -4.33 -7.21 -9.55
CA LEU A 104 -5.79 -7.33 -9.28
C LEU A 104 -6.21 -8.36 -8.21
N MET A 105 -5.30 -8.71 -7.31
CA MET A 105 -5.47 -9.70 -6.23
C MET A 105 -6.39 -9.26 -5.06
N LEU A 106 -7.18 -8.20 -5.25
CA LEU A 106 -8.05 -7.61 -4.23
C LEU A 106 -9.35 -6.98 -4.79
N SER A 107 -10.24 -6.56 -3.89
CA SER A 107 -11.50 -5.86 -4.20
C SER A 107 -11.45 -4.41 -3.70
N PRO A 108 -11.90 -3.41 -4.48
CA PRO A 108 -11.85 -2.00 -4.08
C PRO A 108 -12.72 -1.64 -2.87
N ASP A 109 -13.79 -2.39 -2.60
CA ASP A 109 -14.63 -2.15 -1.42
C ASP A 109 -14.03 -2.82 -0.17
N ASP A 110 -13.03 -3.69 -0.34
CA ASP A 110 -12.34 -4.37 0.75
C ASP A 110 -11.18 -3.52 1.30
N ILE A 111 -10.51 -2.71 0.47
CA ILE A 111 -9.44 -1.80 0.91
C ILE A 111 -9.96 -0.78 1.94
N GLU A 112 -11.25 -0.42 1.80
CA GLU A 112 -11.95 0.49 2.71
C GLU A 112 -12.23 -0.16 4.09
N GLN A 113 -12.07 -1.48 4.20
CA GLN A 113 -12.24 -2.31 5.41
C GLN A 113 -10.90 -2.64 6.07
N TRP A 114 -9.81 -2.73 5.29
CA TRP A 114 -8.45 -2.99 5.78
C TRP A 114 -7.95 -1.95 6.80
N PHE A 115 -8.54 -0.75 6.79
CA PHE A 115 -8.17 0.40 7.64
C PHE A 115 -9.28 0.88 8.61
N THR A 116 -10.40 0.14 8.74
CA THR A 116 -11.52 0.51 9.64
C THR A 116 -11.42 -0.13 11.03
N GLU A 117 -12.39 0.17 11.90
CA GLU A 117 -12.46 -0.28 13.29
C GLU A 117 -13.86 -0.86 13.62
N ASP A 118 -13.90 -1.79 14.58
CA ASP A 118 -15.12 -2.44 15.07
C ASP A 118 -15.62 -1.82 16.40
N PRO A 119 -16.94 -1.82 16.67
CA PRO A 119 -17.52 -1.26 17.90
C PRO A 119 -17.20 -2.12 19.14
N GLY A 120 -17.22 -1.48 20.32
CA GLY A 120 -16.97 -2.13 21.62
C GLY A 120 -18.13 -3.03 22.11
N PRO A 121 -17.89 -3.86 23.14
CA PRO A 121 -18.90 -4.76 23.71
C PRO A 121 -20.01 -4.01 24.47
N ASP A 122 -21.17 -4.66 24.62
CA ASP A 122 -22.38 -4.15 25.31
C ASP A 122 -22.73 -2.71 24.94
N SER A 1 -14.93 0.29 -16.95
CA SER A 1 -14.52 -1.08 -16.61
C SER A 1 -14.42 -1.28 -15.08
N PRO A 2 -14.74 -2.47 -14.54
CA PRO A 2 -14.62 -2.76 -13.11
C PRO A 2 -13.15 -2.75 -12.67
N GLN A 3 -12.25 -3.15 -13.57
CA GLN A 3 -10.80 -3.12 -13.38
C GLN A 3 -10.26 -1.69 -13.24
N GLU A 4 -10.83 -0.73 -13.98
CA GLU A 4 -10.46 0.69 -13.89
C GLU A 4 -11.00 1.28 -12.58
N SER A 5 -12.23 0.95 -12.18
CA SER A 5 -12.81 1.40 -10.90
C SER A 5 -12.00 0.86 -9.72
N ARG A 6 -11.59 -0.41 -9.80
CA ARG A 6 -10.70 -1.06 -8.83
C ARG A 6 -9.38 -0.30 -8.75
N ARG A 7 -8.76 -0.03 -9.89
CA ARG A 7 -7.53 0.77 -9.97
C ARG A 7 -7.72 2.16 -9.39
N LEU A 8 -8.85 2.84 -9.64
CA LEU A 8 -9.12 4.16 -9.08
C LEU A 8 -9.17 4.12 -7.54
N SER A 9 -9.83 3.12 -6.93
CA SER A 9 -9.85 2.97 -5.46
C SER A 9 -8.44 2.66 -4.90
N ILE A 10 -7.75 1.68 -5.51
CA ILE A 10 -6.37 1.31 -5.15
C ILE A 10 -5.45 2.54 -5.27
N GLN A 11 -5.54 3.33 -6.34
CA GLN A 11 -4.76 4.55 -6.54
C GLN A 11 -5.13 5.61 -5.50
N ARG A 12 -6.40 5.76 -5.11
CA ARG A 12 -6.84 6.65 -4.02
C ARG A 12 -6.06 6.32 -2.74
N CYS A 13 -6.05 5.04 -2.38
CA CYS A 13 -5.35 4.59 -1.18
C CYS A 13 -3.82 4.65 -1.34
N ILE A 14 -3.25 4.36 -2.51
CA ILE A 14 -1.81 4.46 -2.78
C ILE A 14 -1.34 5.93 -2.73
N GLN A 15 -2.12 6.86 -3.27
CA GLN A 15 -1.81 8.29 -3.19
C GLN A 15 -1.88 8.73 -1.72
N SER A 16 -2.87 8.25 -0.97
CA SER A 16 -2.97 8.50 0.48
C SER A 16 -1.79 7.89 1.26
N LEU A 17 -1.25 6.75 0.82
CA LEU A 17 -0.12 6.02 1.41
C LEU A 17 1.21 6.76 1.17
N VAL A 18 1.51 7.13 -0.07
CA VAL A 18 2.74 7.89 -0.38
C VAL A 18 2.67 9.29 0.26
N HIS A 19 1.47 9.90 0.30
CA HIS A 19 1.22 11.15 1.00
C HIS A 19 1.57 10.95 2.48
N ALA A 20 0.97 9.96 3.16
CA ALA A 20 1.22 9.68 4.57
C ALA A 20 2.69 9.43 4.89
N CYS A 21 3.42 8.74 4.00
CA CYS A 21 4.84 8.48 4.19
C CYS A 21 5.68 9.76 4.02
N GLN A 22 5.30 10.68 3.11
CA GLN A 22 6.00 11.97 2.94
C GLN A 22 5.41 13.16 3.75
N CYS A 23 4.31 12.97 4.50
CA CYS A 23 3.60 13.99 5.27
C CYS A 23 4.35 14.40 6.55
N ARG A 24 5.05 15.55 6.48
CA ARG A 24 5.79 16.14 7.62
C ARG A 24 4.92 17.04 8.50
N ASN A 25 3.63 17.12 8.17
CA ASN A 25 2.54 17.84 8.83
C ASN A 25 1.73 16.90 9.78
N ALA A 26 2.30 15.74 10.15
CA ALA A 26 1.80 14.58 10.91
C ALA A 26 0.34 14.57 11.42
N ASN A 27 -0.14 15.57 12.16
CA ASN A 27 -1.54 15.72 12.61
C ASN A 27 -2.45 16.30 11.49
N CYS A 28 -2.18 15.89 10.25
CA CYS A 28 -2.80 16.28 8.98
C CYS A 28 -4.34 16.14 8.94
N SER A 29 -4.98 16.99 8.14
CA SER A 29 -6.44 17.07 7.96
C SER A 29 -7.03 16.03 7.00
N LEU A 30 -6.22 15.34 6.19
CA LEU A 30 -6.71 14.32 5.25
C LEU A 30 -7.15 13.04 5.99
N PRO A 31 -8.29 12.41 5.63
CA PRO A 31 -8.80 11.22 6.32
C PRO A 31 -7.92 9.97 6.16
N SER A 32 -7.54 9.62 4.92
CA SER A 32 -6.72 8.43 4.66
C SER A 32 -5.23 8.63 4.97
N CYS A 33 -4.77 9.88 5.16
CA CYS A 33 -3.41 10.19 5.61
C CYS A 33 -3.20 9.59 7.02
N GLN A 34 -4.09 9.95 7.95
CA GLN A 34 -4.10 9.48 9.33
C GLN A 34 -4.26 7.95 9.40
N LYS A 35 -5.12 7.35 8.55
CA LYS A 35 -5.30 5.89 8.46
C LYS A 35 -4.02 5.18 8.00
N MET A 36 -3.34 5.71 6.97
CA MET A 36 -2.09 5.14 6.48
C MET A 36 -0.94 5.34 7.49
N LYS A 37 -0.83 6.51 8.14
CA LYS A 37 0.18 6.77 9.18
C LYS A 37 0.07 5.75 10.32
N ARG A 38 -1.14 5.45 10.78
CA ARG A 38 -1.39 4.44 11.84
C ARG A 38 -0.84 3.06 11.47
N VAL A 39 -1.12 2.56 10.26
CA VAL A 39 -0.60 1.25 9.82
C VAL A 39 0.91 1.27 9.55
N VAL A 40 1.47 2.38 9.05
CA VAL A 40 2.92 2.55 8.84
C VAL A 40 3.65 2.57 10.18
N GLN A 41 3.17 3.33 11.16
CA GLN A 41 3.77 3.37 12.51
C GLN A 41 3.61 2.01 13.22
N HIS A 42 2.49 1.30 12.99
CA HIS A 42 2.26 -0.04 13.54
C HIS A 42 3.30 -1.04 13.00
N THR A 43 3.41 -1.21 11.67
CA THR A 43 4.31 -2.20 11.07
C THR A 43 5.79 -1.99 11.42
N LYS A 44 6.23 -0.73 11.61
CA LYS A 44 7.61 -0.39 12.03
C LYS A 44 7.99 -0.96 13.41
N GLY A 45 7.00 -1.21 14.28
CA GLY A 45 7.16 -1.77 15.62
C GLY A 45 6.62 -3.20 15.80
N CYS A 46 6.04 -3.80 14.75
CA CYS A 46 5.43 -5.13 14.80
C CYS A 46 6.48 -6.27 14.90
N LYS A 47 6.13 -7.32 15.66
CA LYS A 47 6.98 -8.51 15.91
C LYS A 47 6.76 -9.66 14.92
N ARG A 48 5.84 -9.45 13.97
CA ARG A 48 5.39 -10.32 12.86
C ARG A 48 5.08 -9.41 11.66
N LYS A 49 4.81 -10.01 10.49
CA LYS A 49 4.41 -9.34 9.23
C LYS A 49 3.53 -10.30 8.42
N THR A 50 3.27 -9.99 7.15
CA THR A 50 2.54 -10.85 6.19
C THR A 50 3.15 -12.26 6.07
N ASN A 51 4.48 -12.37 6.20
CA ASN A 51 5.22 -13.64 6.15
C ASN A 51 4.86 -14.59 7.32
N GLY A 52 4.53 -14.02 8.48
CA GLY A 52 4.14 -14.75 9.69
C GLY A 52 2.63 -14.92 9.78
N GLY A 53 1.91 -13.83 10.05
CA GLY A 53 0.44 -13.84 10.15
C GLY A 53 -0.26 -12.51 10.47
N CYS A 54 0.44 -11.36 10.46
CA CYS A 54 -0.18 -10.07 10.83
C CYS A 54 -1.14 -9.55 9.73
N PRO A 55 -2.44 -9.33 10.02
CA PRO A 55 -3.42 -8.90 9.03
C PRO A 55 -3.23 -7.44 8.59
N VAL A 56 -2.85 -6.53 9.50
CA VAL A 56 -2.63 -5.11 9.18
C VAL A 56 -1.37 -4.94 8.31
N CYS A 57 -0.26 -5.60 8.63
CA CYS A 57 0.93 -5.60 7.79
C CYS A 57 0.58 -6.19 6.40
N LYS A 58 -0.15 -7.32 6.33
CA LYS A 58 -0.58 -7.94 5.06
C LYS A 58 -1.45 -7.00 4.21
N GLN A 59 -2.43 -6.32 4.81
CA GLN A 59 -3.31 -5.37 4.13
C GLN A 59 -2.54 -4.12 3.65
N LEU A 60 -1.53 -3.68 4.40
CA LEU A 60 -0.63 -2.60 4.00
C LEU A 60 0.26 -3.06 2.84
N ILE A 61 0.79 -4.29 2.90
CA ILE A 61 1.60 -4.91 1.83
C ILE A 61 0.80 -4.99 0.53
N ALA A 62 -0.50 -5.26 0.58
CA ALA A 62 -1.34 -5.37 -0.61
C ALA A 62 -1.29 -4.10 -1.46
N LEU A 63 -1.42 -2.92 -0.85
CA LEU A 63 -1.33 -1.64 -1.57
C LEU A 63 0.13 -1.26 -1.86
N CYS A 64 1.06 -1.47 -0.92
CA CYS A 64 2.47 -1.14 -1.13
C CYS A 64 3.09 -1.94 -2.30
N CYS A 65 2.73 -3.23 -2.45
CA CYS A 65 3.22 -4.06 -3.54
C CYS A 65 2.64 -3.62 -4.90
N TYR A 66 1.33 -3.27 -4.93
CA TYR A 66 0.70 -2.72 -6.14
C TYR A 66 1.40 -1.41 -6.53
N HIS A 67 1.64 -0.52 -5.55
CA HIS A 67 2.35 0.76 -5.72
C HIS A 67 3.77 0.55 -6.28
N ALA A 68 4.57 -0.32 -5.65
CA ALA A 68 5.96 -0.57 -6.00
C ALA A 68 6.17 -0.99 -7.46
N LYS A 69 5.21 -1.72 -8.06
CA LYS A 69 5.28 -2.14 -9.48
C LYS A 69 5.31 -0.92 -10.42
N HIS A 70 4.55 0.13 -10.07
CA HIS A 70 4.41 1.39 -10.83
C HIS A 70 5.44 2.47 -10.44
N CYS A 71 5.89 2.52 -9.19
CA CYS A 71 6.87 3.47 -8.66
C CYS A 71 8.25 3.23 -9.31
N GLN A 72 8.98 4.30 -9.64
CA GLN A 72 10.29 4.29 -10.32
C GLN A 72 11.34 5.18 -9.63
N GLU A 73 11.09 5.60 -8.39
CA GLU A 73 12.01 6.43 -7.59
C GLU A 73 13.24 5.62 -7.12
N ASN A 74 14.36 6.31 -6.83
CA ASN A 74 15.59 5.67 -6.36
C ASN A 74 15.56 5.34 -4.85
N LYS A 75 14.92 6.20 -4.04
CA LYS A 75 14.75 6.08 -2.58
C LYS A 75 13.37 6.61 -2.16
N CYS A 76 12.30 5.87 -2.46
CA CYS A 76 10.91 6.28 -2.18
C CYS A 76 10.57 6.32 -0.67
N PRO A 77 9.70 7.26 -0.24
CA PRO A 77 9.26 7.44 1.15
C PRO A 77 8.49 6.25 1.75
N VAL A 78 7.78 5.43 0.96
CA VAL A 78 6.99 4.29 1.46
C VAL A 78 7.93 3.22 2.06
N PRO A 79 7.64 2.67 3.26
CA PRO A 79 8.54 1.74 3.95
C PRO A 79 8.83 0.43 3.20
N PHE A 80 7.83 -0.20 2.60
CA PHE A 80 8.02 -1.48 1.89
C PHE A 80 8.40 -1.30 0.41
N CYS A 81 7.93 -0.23 -0.23
CA CYS A 81 8.14 0.04 -1.65
C CYS A 81 9.60 -0.17 -2.09
N LEU A 82 10.56 0.48 -1.44
CA LEU A 82 11.98 0.38 -1.79
C LEU A 82 12.49 -1.08 -1.83
N ASN A 83 12.14 -1.87 -0.81
CA ASN A 83 12.48 -3.29 -0.72
C ASN A 83 11.82 -4.08 -1.86
N ILE A 84 10.49 -3.91 -2.02
CA ILE A 84 9.69 -4.56 -3.07
C ILE A 84 10.24 -4.21 -4.47
N LYS A 85 10.56 -2.94 -4.74
CA LYS A 85 11.17 -2.48 -5.99
C LYS A 85 12.48 -3.20 -6.23
N HIS A 86 13.42 -3.18 -5.28
CA HIS A 86 14.70 -3.89 -5.47
C HIS A 86 14.50 -5.38 -5.80
N LYS A 87 13.66 -6.12 -5.06
CA LYS A 87 13.41 -7.55 -5.38
C LYS A 87 12.65 -7.74 -6.69
N LEU A 88 11.76 -6.83 -7.10
CA LEU A 88 11.07 -6.90 -8.39
C LEU A 88 12.03 -6.58 -9.54
N ARG A 89 12.93 -5.61 -9.39
CA ARG A 89 13.98 -5.26 -10.36
C ARG A 89 14.88 -6.47 -10.58
N GLN A 90 15.28 -7.15 -9.50
CA GLN A 90 16.09 -8.36 -9.55
C GLN A 90 15.35 -9.53 -10.24
N GLN A 91 14.08 -9.76 -9.90
CA GLN A 91 13.26 -10.85 -10.48
C GLN A 91 12.86 -10.63 -11.96
N GLN A 92 12.54 -9.39 -12.34
CA GLN A 92 12.11 -9.02 -13.70
C GLN A 92 13.27 -8.81 -14.68
N GLY A 93 14.43 -8.37 -14.19
CA GLY A 93 15.58 -8.01 -15.02
C GLY A 93 15.43 -6.68 -15.76
N SER A 94 14.47 -5.84 -15.32
CA SER A 94 14.15 -4.52 -15.85
C SER A 94 13.62 -3.61 -14.72
N GLY A 95 13.54 -2.30 -14.96
CA GLY A 95 13.09 -1.31 -13.97
C GLY A 95 11.65 -1.43 -13.49
N SER A 96 10.73 -1.95 -14.33
CA SER A 96 9.30 -2.10 -14.00
C SER A 96 8.63 -3.32 -14.66
N GLY A 97 7.46 -3.69 -14.14
CA GLY A 97 6.62 -4.79 -14.66
C GLY A 97 5.67 -4.34 -15.78
N SER A 98 5.08 -5.31 -16.49
CA SER A 98 4.14 -5.09 -17.60
C SER A 98 2.75 -4.60 -17.14
N GLN A 99 1.96 -4.02 -18.05
CA GLN A 99 0.59 -3.52 -17.77
C GLN A 99 -0.37 -4.65 -17.29
N ALA A 100 -0.09 -5.90 -17.65
CA ALA A 100 -0.85 -7.07 -17.18
C ALA A 100 -0.62 -7.34 -15.67
N MET A 101 0.46 -6.80 -15.09
CA MET A 101 0.82 -6.90 -13.66
C MET A 101 0.37 -5.61 -12.97
N ASP A 102 -0.93 -5.55 -12.72
CA ASP A 102 -1.66 -4.47 -12.05
C ASP A 102 -2.34 -5.10 -10.82
N ASP A 103 -1.49 -5.77 -10.01
CA ASP A 103 -1.74 -6.66 -8.88
C ASP A 103 -3.23 -6.90 -8.53
N LEU A 104 -3.89 -7.63 -9.42
CA LEU A 104 -5.31 -7.97 -9.45
C LEU A 104 -5.79 -8.96 -8.36
N MET A 105 -4.99 -9.13 -7.30
CA MET A 105 -5.20 -10.06 -6.18
C MET A 105 -6.30 -9.67 -5.18
N LEU A 106 -6.73 -8.40 -5.17
CA LEU A 106 -7.66 -7.84 -4.17
C LEU A 106 -8.85 -7.06 -4.75
N SER A 107 -9.87 -6.84 -3.91
CA SER A 107 -11.11 -6.11 -4.24
C SER A 107 -11.08 -4.66 -3.70
N PRO A 108 -11.61 -3.67 -4.43
CA PRO A 108 -11.52 -2.26 -4.04
C PRO A 108 -12.37 -1.82 -2.85
N ASP A 109 -13.49 -2.48 -2.52
CA ASP A 109 -14.26 -2.11 -1.34
C ASP A 109 -13.61 -2.67 -0.07
N ASP A 110 -12.85 -3.76 -0.18
CA ASP A 110 -12.15 -4.34 0.96
C ASP A 110 -10.96 -3.49 1.41
N ILE A 111 -10.31 -2.72 0.53
CA ILE A 111 -9.23 -1.82 0.96
C ILE A 111 -9.76 -0.78 1.95
N GLU A 112 -11.05 -0.41 1.83
CA GLU A 112 -11.70 0.52 2.75
C GLU A 112 -11.96 -0.20 4.10
N GLN A 113 -12.36 -1.49 4.07
CA GLN A 113 -12.52 -2.33 5.27
C GLN A 113 -11.20 -2.49 6.05
N TRP A 114 -10.05 -2.53 5.36
CA TRP A 114 -8.73 -2.70 5.99
C TRP A 114 -8.36 -1.54 6.95
N PHE A 115 -9.04 -0.38 6.86
CA PHE A 115 -8.77 0.80 7.69
C PHE A 115 -9.98 1.32 8.51
N THR A 116 -11.22 0.93 8.19
CA THR A 116 -12.42 1.36 8.92
C THR A 116 -13.55 0.33 8.90
N GLU A 117 -14.49 0.48 9.85
CA GLU A 117 -15.66 -0.38 10.06
C GLU A 117 -16.99 0.36 9.80
N ASP A 118 -16.93 1.63 9.39
CA ASP A 118 -18.06 2.51 9.10
C ASP A 118 -18.01 3.06 7.64
N PRO A 119 -19.16 3.41 7.04
CA PRO A 119 -19.22 3.94 5.68
C PRO A 119 -18.56 5.34 5.57
N GLY A 120 -18.01 5.65 4.39
CA GLY A 120 -17.35 6.93 4.10
C GLY A 120 -18.31 8.13 3.97
N PRO A 121 -17.78 9.37 3.99
CA PRO A 121 -18.57 10.59 3.86
C PRO A 121 -19.15 10.78 2.44
N ASP A 122 -20.22 11.58 2.34
CA ASP A 122 -20.91 11.91 1.09
C ASP A 122 -21.50 13.34 1.12
N SER A 1 -15.18 -1.06 -17.53
CA SER A 1 -14.49 -2.23 -16.94
C SER A 1 -14.37 -2.13 -15.40
N PRO A 2 -14.43 -3.25 -14.66
CA PRO A 2 -14.30 -3.25 -13.21
C PRO A 2 -12.86 -2.88 -12.77
N GLN A 3 -11.88 -3.19 -13.63
CA GLN A 3 -10.46 -2.86 -13.43
C GLN A 3 -10.23 -1.35 -13.31
N GLU A 4 -11.03 -0.51 -13.99
CA GLU A 4 -10.91 0.95 -13.89
C GLU A 4 -11.35 1.43 -12.50
N SER A 5 -12.53 0.99 -12.03
CA SER A 5 -13.04 1.36 -10.70
C SER A 5 -12.12 0.84 -9.58
N ARG A 6 -11.64 -0.42 -9.74
CA ARG A 6 -10.67 -1.05 -8.85
C ARG A 6 -9.40 -0.23 -8.77
N ARG A 7 -8.85 0.14 -9.93
CA ARG A 7 -7.66 0.99 -10.03
C ARG A 7 -7.91 2.37 -9.43
N LEU A 8 -9.07 2.99 -9.63
CA LEU A 8 -9.38 4.29 -9.03
C LEU A 8 -9.37 4.23 -7.48
N SER A 9 -9.97 3.19 -6.88
CA SER A 9 -9.94 3.00 -5.42
C SER A 9 -8.50 2.73 -4.92
N ILE A 10 -7.79 1.83 -5.61
CA ILE A 10 -6.38 1.52 -5.33
C ILE A 10 -5.50 2.78 -5.45
N GLN A 11 -5.68 3.62 -6.47
CA GLN A 11 -4.95 4.88 -6.65
C GLN A 11 -5.30 5.88 -5.54
N ARG A 12 -6.56 5.94 -5.09
CA ARG A 12 -6.97 6.75 -3.92
C ARG A 12 -6.10 6.35 -2.72
N CYS A 13 -6.03 5.04 -2.44
CA CYS A 13 -5.23 4.54 -1.34
C CYS A 13 -3.71 4.68 -1.57
N ILE A 14 -3.19 4.48 -2.78
CA ILE A 14 -1.76 4.63 -3.09
C ILE A 14 -1.32 6.08 -2.95
N GLN A 15 -2.09 7.05 -3.45
CA GLN A 15 -1.80 8.46 -3.24
C GLN A 15 -1.88 8.80 -1.74
N SER A 16 -2.88 8.27 -1.01
CA SER A 16 -2.98 8.47 0.44
C SER A 16 -1.77 7.87 1.21
N LEU A 17 -1.24 6.73 0.74
CA LEU A 17 -0.10 6.02 1.31
C LEU A 17 1.21 6.79 1.11
N VAL A 18 1.53 7.18 -0.13
CA VAL A 18 2.75 7.95 -0.42
C VAL A 18 2.67 9.34 0.22
N HIS A 19 1.47 9.94 0.26
CA HIS A 19 1.22 11.20 0.97
C HIS A 19 1.56 10.99 2.45
N ALA A 20 0.96 10.00 3.12
CA ALA A 20 1.20 9.74 4.54
C ALA A 20 2.68 9.49 4.86
N CYS A 21 3.40 8.80 3.98
CA CYS A 21 4.82 8.54 4.17
C CYS A 21 5.66 9.83 4.00
N GLN A 22 5.29 10.74 3.09
CA GLN A 22 5.98 12.04 2.92
C GLN A 22 5.40 13.23 3.75
N CYS A 23 4.30 13.02 4.49
CA CYS A 23 3.57 14.02 5.27
C CYS A 23 4.30 14.45 6.55
N ARG A 24 4.97 15.60 6.50
CA ARG A 24 5.69 16.21 7.65
C ARG A 24 4.78 17.07 8.54
N ASN A 25 3.49 17.12 8.20
CA ASN A 25 2.39 17.82 8.89
C ASN A 25 1.61 16.89 9.84
N ALA A 26 2.20 15.74 10.22
CA ALA A 26 1.70 14.57 10.99
C ALA A 26 0.25 14.53 11.52
N ASN A 27 -0.26 15.57 12.18
CA ASN A 27 -1.66 15.71 12.61
C ASN A 27 -2.52 16.30 11.46
N CYS A 28 -2.28 15.80 10.25
CA CYS A 28 -2.85 16.22 8.97
C CYS A 28 -4.38 16.14 8.90
N SER A 29 -4.99 16.98 8.05
CA SER A 29 -6.43 17.09 7.83
C SER A 29 -7.02 16.06 6.86
N LEU A 30 -6.21 15.35 6.07
CA LEU A 30 -6.70 14.33 5.14
C LEU A 30 -7.16 13.06 5.89
N PRO A 31 -8.30 12.44 5.52
CA PRO A 31 -8.83 11.28 6.22
C PRO A 31 -7.96 10.02 6.10
N SER A 32 -7.56 9.62 4.89
CA SER A 32 -6.75 8.42 4.66
C SER A 32 -5.25 8.62 4.97
N CYS A 33 -4.78 9.86 5.14
CA CYS A 33 -3.42 10.17 5.58
C CYS A 33 -3.24 9.59 6.99
N GLN A 34 -4.16 9.95 7.89
CA GLN A 34 -4.22 9.47 9.27
C GLN A 34 -4.35 7.94 9.36
N LYS A 35 -5.09 7.30 8.45
CA LYS A 35 -5.21 5.83 8.37
C LYS A 35 -3.86 5.19 8.01
N MET A 36 -3.24 5.65 6.93
CA MET A 36 -1.96 5.13 6.44
C MET A 36 -0.83 5.36 7.44
N LYS A 37 -0.74 6.54 8.07
CA LYS A 37 0.27 6.82 9.11
C LYS A 37 0.20 5.82 10.26
N ARG A 38 -1.00 5.47 10.74
CA ARG A 38 -1.20 4.51 11.83
C ARG A 38 -0.74 3.09 11.46
N VAL A 39 -1.06 2.61 10.25
CA VAL A 39 -0.60 1.28 9.81
C VAL A 39 0.91 1.25 9.52
N VAL A 40 1.49 2.35 9.03
CA VAL A 40 2.95 2.49 8.83
C VAL A 40 3.67 2.50 10.19
N GLN A 41 3.18 3.28 11.16
CA GLN A 41 3.76 3.32 12.51
C GLN A 41 3.63 1.95 13.21
N HIS A 42 2.52 1.24 12.98
CA HIS A 42 2.30 -0.12 13.50
C HIS A 42 3.33 -1.10 12.92
N THR A 43 3.38 -1.25 11.58
CA THR A 43 4.24 -2.24 10.93
C THR A 43 5.74 -2.05 11.22
N LYS A 44 6.19 -0.81 11.45
CA LYS A 44 7.59 -0.50 11.84
C LYS A 44 8.00 -1.14 13.17
N GLY A 45 7.05 -1.36 14.08
CA GLY A 45 7.25 -2.00 15.39
C GLY A 45 6.76 -3.44 15.49
N CYS A 46 6.00 -3.92 14.50
CA CYS A 46 5.41 -5.26 14.44
C CYS A 46 6.46 -6.38 14.34
N LYS A 47 6.15 -7.51 14.98
CA LYS A 47 6.97 -8.74 15.06
C LYS A 47 6.29 -9.99 14.46
N ARG A 48 5.05 -9.87 13.97
CA ARG A 48 4.26 -10.99 13.39
C ARG A 48 3.97 -10.87 11.89
N LYS A 49 4.19 -9.68 11.30
CA LYS A 49 4.00 -9.16 9.91
C LYS A 49 3.41 -10.09 8.82
N THR A 50 3.75 -9.87 7.55
CA THR A 50 3.26 -10.72 6.43
C THR A 50 3.97 -12.08 6.37
N ASN A 51 5.13 -12.21 7.02
CA ASN A 51 5.88 -13.48 7.11
C ASN A 51 5.18 -14.50 8.03
N GLY A 52 4.57 -14.02 9.11
CA GLY A 52 3.85 -14.82 10.10
C GLY A 52 2.35 -14.90 9.82
N GLY A 53 1.61 -13.83 10.13
CA GLY A 53 0.14 -13.78 9.90
C GLY A 53 -0.58 -12.49 10.30
N CYS A 54 0.11 -11.35 10.42
CA CYS A 54 -0.49 -10.07 10.80
C CYS A 54 -1.40 -9.50 9.68
N PRO A 55 -2.71 -9.27 9.93
CA PRO A 55 -3.63 -8.80 8.89
C PRO A 55 -3.36 -7.35 8.46
N VAL A 56 -2.98 -6.44 9.36
CA VAL A 56 -2.71 -5.03 9.03
C VAL A 56 -1.45 -4.90 8.17
N CYS A 57 -0.34 -5.58 8.49
CA CYS A 57 0.85 -5.59 7.64
C CYS A 57 0.50 -6.17 6.25
N LYS A 58 -0.13 -7.35 6.15
CA LYS A 58 -0.55 -7.95 4.87
C LYS A 58 -1.44 -7.01 4.02
N GLN A 59 -2.43 -6.36 4.62
CA GLN A 59 -3.34 -5.43 3.93
C GLN A 59 -2.60 -4.16 3.46
N LEU A 60 -1.62 -3.69 4.24
CA LEU A 60 -0.75 -2.58 3.85
C LEU A 60 0.17 -3.01 2.69
N ILE A 61 0.74 -4.23 2.76
CA ILE A 61 1.58 -4.83 1.70
C ILE A 61 0.83 -4.92 0.38
N ALA A 62 -0.47 -5.23 0.38
CA ALA A 62 -1.28 -5.34 -0.83
C ALA A 62 -1.23 -4.03 -1.65
N LEU A 63 -1.49 -2.88 -1.02
CA LEU A 63 -1.43 -1.57 -1.69
C LEU A 63 0.02 -1.12 -1.93
N CYS A 64 0.96 -1.39 -1.01
CA CYS A 64 2.37 -1.03 -1.20
C CYS A 64 3.00 -1.80 -2.37
N CYS A 65 2.66 -3.08 -2.56
CA CYS A 65 3.16 -3.90 -3.67
C CYS A 65 2.59 -3.40 -5.01
N TYR A 66 1.30 -3.06 -5.05
CA TYR A 66 0.68 -2.45 -6.24
C TYR A 66 1.40 -1.13 -6.57
N HIS A 67 1.70 -0.29 -5.56
CA HIS A 67 2.45 0.98 -5.71
C HIS A 67 3.87 0.75 -6.26
N ALA A 68 4.67 -0.10 -5.61
CA ALA A 68 6.06 -0.39 -5.94
C ALA A 68 6.30 -0.74 -7.42
N LYS A 69 5.34 -1.42 -8.06
CA LYS A 69 5.40 -1.79 -9.48
C LYS A 69 5.47 -0.57 -10.40
N HIS A 70 4.74 0.49 -10.05
CA HIS A 70 4.66 1.76 -10.79
C HIS A 70 5.70 2.82 -10.37
N CYS A 71 6.16 2.78 -9.12
CA CYS A 71 7.18 3.70 -8.58
C CYS A 71 8.54 3.52 -9.28
N GLN A 72 9.29 4.61 -9.45
CA GLN A 72 10.58 4.64 -10.15
C GLN A 72 11.61 5.59 -9.51
N GLU A 73 11.40 6.00 -8.25
CA GLU A 73 12.32 6.90 -7.53
C GLU A 73 13.60 6.18 -7.07
N ASN A 74 14.65 6.95 -6.75
CA ASN A 74 15.91 6.41 -6.24
C ASN A 74 15.70 5.76 -4.86
N LYS A 75 15.08 6.49 -3.92
CA LYS A 75 14.69 6.07 -2.56
C LYS A 75 13.39 6.77 -2.14
N CYS A 76 12.24 6.19 -2.49
CA CYS A 76 10.89 6.68 -2.21
C CYS A 76 10.54 6.65 -0.70
N PRO A 77 9.67 7.55 -0.22
CA PRO A 77 9.25 7.65 1.18
C PRO A 77 8.51 6.43 1.75
N VAL A 78 7.85 5.60 0.93
CA VAL A 78 7.08 4.43 1.41
C VAL A 78 8.03 3.36 1.99
N PRO A 79 7.76 2.78 3.19
CA PRO A 79 8.67 1.84 3.85
C PRO A 79 8.92 0.53 3.09
N PHE A 80 7.88 -0.10 2.54
CA PHE A 80 8.02 -1.39 1.84
C PHE A 80 8.43 -1.24 0.37
N CYS A 81 8.07 -0.12 -0.27
CA CYS A 81 8.30 0.17 -1.70
C CYS A 81 9.70 -0.22 -2.17
N LEU A 82 10.77 0.28 -1.52
CA LEU A 82 12.14 0.00 -1.94
C LEU A 82 12.54 -1.48 -1.84
N ASN A 83 12.09 -2.21 -0.81
CA ASN A 83 12.35 -3.65 -0.68
C ASN A 83 11.64 -4.40 -1.83
N ILE A 84 10.37 -4.06 -2.06
CA ILE A 84 9.55 -4.63 -3.14
C ILE A 84 10.17 -4.33 -4.50
N LYS A 85 10.57 -3.07 -4.77
CA LYS A 85 11.25 -2.69 -6.01
C LYS A 85 12.52 -3.48 -6.20
N HIS A 86 13.41 -3.58 -5.20
CA HIS A 86 14.63 -4.39 -5.28
C HIS A 86 14.30 -5.86 -5.68
N LYS A 87 13.38 -6.54 -5.00
CA LYS A 87 13.02 -7.92 -5.39
C LYS A 87 12.33 -7.99 -6.77
N LEU A 88 11.56 -6.98 -7.17
CA LEU A 88 10.96 -6.92 -8.51
C LEU A 88 12.03 -6.66 -9.58
N ARG A 89 13.06 -5.86 -9.29
CA ARG A 89 14.24 -5.63 -10.16
C ARG A 89 15.00 -6.93 -10.35
N GLN A 90 15.14 -7.75 -9.30
CA GLN A 90 15.75 -9.09 -9.44
C GLN A 90 14.86 -10.07 -10.23
N GLN A 91 13.53 -10.00 -10.06
CA GLN A 91 12.54 -10.89 -10.71
C GLN A 91 12.04 -10.46 -12.10
N GLN A 92 12.32 -9.23 -12.57
CA GLN A 92 11.82 -8.65 -13.82
C GLN A 92 11.80 -9.55 -15.07
N GLY A 93 12.76 -10.49 -15.20
CA GLY A 93 12.84 -11.39 -16.34
C GLY A 93 11.63 -12.34 -16.48
N SER A 94 10.89 -12.57 -15.39
CA SER A 94 9.67 -13.40 -15.36
C SER A 94 8.39 -12.63 -15.73
N GLY A 95 8.44 -11.29 -15.79
CA GLY A 95 7.31 -10.41 -16.13
C GLY A 95 7.36 -9.03 -15.45
N SER A 96 6.73 -8.03 -16.07
CA SER A 96 6.68 -6.63 -15.61
C SER A 96 5.27 -6.05 -15.42
N GLY A 97 4.22 -6.72 -15.94
CA GLY A 97 2.81 -6.29 -15.83
C GLY A 97 2.41 -5.09 -16.68
N SER A 98 1.14 -4.68 -16.56
CA SER A 98 0.50 -3.56 -17.28
C SER A 98 -0.76 -3.08 -16.53
N GLN A 99 -1.54 -2.17 -17.11
CA GLN A 99 -2.82 -1.74 -16.51
C GLN A 99 -3.95 -2.77 -16.68
N ALA A 100 -3.80 -3.74 -17.60
CA ALA A 100 -4.73 -4.85 -17.79
C ALA A 100 -4.30 -6.09 -16.98
N MET A 101 -2.99 -6.21 -16.70
CA MET A 101 -2.41 -7.25 -15.85
C MET A 101 -1.59 -6.54 -14.75
N ASP A 102 -2.35 -6.02 -13.78
CA ASP A 102 -1.87 -5.30 -12.60
C ASP A 102 -1.96 -6.21 -11.37
N ASP A 103 -1.65 -5.69 -10.18
CA ASP A 103 -1.73 -6.45 -8.93
C ASP A 103 -3.19 -6.52 -8.43
N LEU A 104 -4.10 -6.97 -9.30
CA LEU A 104 -5.55 -7.13 -9.12
C LEU A 104 -5.97 -8.26 -8.15
N MET A 105 -5.07 -8.64 -7.26
CA MET A 105 -5.19 -9.69 -6.24
C MET A 105 -6.13 -9.37 -5.05
N LEU A 106 -6.78 -8.20 -5.06
CA LEU A 106 -7.64 -7.70 -3.99
C LEU A 106 -8.90 -6.97 -4.48
N SER A 107 -9.92 -6.90 -3.61
CA SER A 107 -11.19 -6.21 -3.87
C SER A 107 -11.10 -4.73 -3.46
N PRO A 108 -11.51 -3.77 -4.32
CA PRO A 108 -11.46 -2.34 -4.01
C PRO A 108 -12.45 -1.91 -2.92
N ASP A 109 -13.49 -2.71 -2.65
CA ASP A 109 -14.47 -2.42 -1.59
C ASP A 109 -13.97 -2.94 -0.24
N ASP A 110 -12.91 -3.75 -0.23
CA ASP A 110 -12.29 -4.31 0.98
C ASP A 110 -11.17 -3.40 1.53
N ILE A 111 -10.49 -2.63 0.68
CA ILE A 111 -9.43 -1.68 1.12
C ILE A 111 -10.00 -0.62 2.07
N GLU A 112 -11.26 -0.24 1.86
CA GLU A 112 -11.98 0.73 2.69
C GLU A 112 -12.34 0.13 4.08
N GLN A 113 -12.24 -1.20 4.22
CA GLN A 113 -12.50 -1.97 5.45
C GLN A 113 -11.18 -2.19 6.22
N TRP A 114 -10.11 -2.61 5.53
CA TRP A 114 -8.78 -2.91 6.08
C TRP A 114 -8.26 -1.90 7.12
N PHE A 115 -8.55 -0.62 6.92
CA PHE A 115 -8.09 0.48 7.76
C PHE A 115 -9.04 0.88 8.91
N THR A 116 -10.09 0.08 9.19
CA THR A 116 -11.05 0.34 10.27
C THR A 116 -11.55 -0.94 10.98
N GLU A 117 -11.79 -2.04 10.25
CA GLU A 117 -12.29 -3.32 10.76
C GLU A 117 -11.75 -4.53 9.94
N ASP A 118 -12.05 -5.75 10.39
CA ASP A 118 -11.72 -6.97 9.64
C ASP A 118 -12.69 -7.15 8.44
N PRO A 119 -12.28 -7.79 7.32
CA PRO A 119 -13.13 -8.00 6.14
C PRO A 119 -14.50 -8.61 6.46
N GLY A 120 -15.56 -8.04 5.88
CA GLY A 120 -16.95 -8.48 6.10
C GLY A 120 -17.25 -9.90 5.59
N PRO A 121 -18.21 -10.62 6.22
CA PRO A 121 -18.60 -11.98 5.83
C PRO A 121 -19.39 -12.04 4.52
N ASP A 122 -19.45 -13.22 3.92
CA ASP A 122 -20.18 -13.55 2.67
C ASP A 122 -20.12 -12.45 1.59
N SER A 1 -16.70 0.19 -15.25
CA SER A 1 -16.21 -1.19 -15.15
C SER A 1 -15.62 -1.50 -13.75
N PRO A 2 -15.61 -2.78 -13.33
CA PRO A 2 -15.00 -3.18 -12.06
C PRO A 2 -13.48 -2.99 -12.12
N GLN A 3 -12.89 -3.04 -13.32
CA GLN A 3 -11.48 -2.81 -13.59
C GLN A 3 -11.10 -1.34 -13.30
N GLU A 4 -11.89 -0.38 -13.79
CA GLU A 4 -11.71 1.04 -13.49
C GLU A 4 -11.91 1.28 -11.99
N SER A 5 -13.01 0.81 -11.41
CA SER A 5 -13.28 0.96 -9.97
C SER A 5 -12.13 0.42 -9.10
N ARG A 6 -11.56 -0.73 -9.48
CA ARG A 6 -10.41 -1.34 -8.81
C ARG A 6 -9.17 -0.45 -8.91
N ARG A 7 -8.73 -0.11 -10.13
CA ARG A 7 -7.54 0.75 -10.28
C ARG A 7 -7.73 2.15 -9.70
N LEU A 8 -8.92 2.73 -9.74
CA LEU A 8 -9.23 4.06 -9.19
C LEU A 8 -9.18 4.08 -7.65
N SER A 9 -9.80 3.10 -6.97
CA SER A 9 -9.76 3.00 -5.51
C SER A 9 -8.33 2.69 -5.03
N ILE A 10 -7.65 1.76 -5.71
CA ILE A 10 -6.24 1.45 -5.42
C ILE A 10 -5.37 2.71 -5.63
N GLN A 11 -5.50 3.45 -6.73
CA GLN A 11 -4.76 4.71 -6.94
C GLN A 11 -5.03 5.72 -5.82
N ARG A 12 -6.29 5.87 -5.37
CA ARG A 12 -6.67 6.70 -4.21
C ARG A 12 -5.84 6.32 -2.99
N CYS A 13 -5.83 5.04 -2.65
CA CYS A 13 -5.06 4.55 -1.50
C CYS A 13 -3.54 4.61 -1.72
N ILE A 14 -3.03 4.42 -2.94
CA ILE A 14 -1.60 4.54 -3.24
C ILE A 14 -1.13 5.99 -3.10
N GLN A 15 -1.91 6.95 -3.58
CA GLN A 15 -1.60 8.38 -3.39
C GLN A 15 -1.68 8.71 -1.89
N SER A 16 -2.66 8.16 -1.18
CA SER A 16 -2.79 8.31 0.28
C SER A 16 -1.59 7.73 1.05
N LEU A 17 -1.05 6.61 0.58
CA LEU A 17 0.09 5.89 1.17
C LEU A 17 1.39 6.68 0.99
N VAL A 18 1.71 7.10 -0.24
CA VAL A 18 2.92 7.89 -0.50
C VAL A 18 2.82 9.27 0.16
N HIS A 19 1.62 9.87 0.18
CA HIS A 19 1.34 11.11 0.90
C HIS A 19 1.65 10.90 2.38
N ALA A 20 1.03 9.90 3.03
CA ALA A 20 1.24 9.62 4.45
C ALA A 20 2.71 9.36 4.81
N CYS A 21 3.45 8.67 3.94
CA CYS A 21 4.87 8.40 4.19
C CYS A 21 5.71 9.68 4.04
N GLN A 22 5.37 10.61 3.13
CA GLN A 22 6.07 11.90 2.99
C GLN A 22 5.46 13.08 3.81
N CYS A 23 4.34 12.87 4.52
CA CYS A 23 3.60 13.88 5.28
C CYS A 23 4.31 14.27 6.60
N ARG A 24 5.01 15.41 6.59
CA ARG A 24 5.72 15.97 7.77
C ARG A 24 4.81 16.83 8.65
N ASN A 25 3.52 16.92 8.29
CA ASN A 25 2.43 17.62 8.96
C ASN A 25 1.58 16.65 9.83
N ALA A 26 2.13 15.48 10.18
CA ALA A 26 1.61 14.29 10.89
C ALA A 26 0.14 14.27 11.36
N ASN A 27 -0.35 15.27 12.11
CA ASN A 27 -1.75 15.42 12.53
C ASN A 27 -2.61 16.04 11.39
N CYS A 28 -2.34 15.63 10.16
CA CYS A 28 -2.92 16.06 8.89
C CYS A 28 -4.46 15.93 8.82
N SER A 29 -5.08 16.78 8.00
CA SER A 29 -6.54 16.86 7.79
C SER A 29 -7.11 15.87 6.77
N LEU A 30 -6.26 15.22 5.95
CA LEU A 30 -6.73 14.22 4.97
C LEU A 30 -7.19 12.92 5.67
N PRO A 31 -8.33 12.32 5.27
CA PRO A 31 -8.87 11.13 5.94
C PRO A 31 -7.99 9.88 5.76
N SER A 32 -7.58 9.57 4.53
CA SER A 32 -6.76 8.38 4.24
C SER A 32 -5.28 8.53 4.59
N CYS A 33 -4.81 9.76 4.84
CA CYS A 33 -3.45 10.05 5.33
C CYS A 33 -3.30 9.41 6.73
N GLN A 34 -4.24 9.75 7.62
CA GLN A 34 -4.31 9.24 8.99
C GLN A 34 -4.47 7.70 9.00
N LYS A 35 -5.27 7.14 8.07
CA LYS A 35 -5.44 5.68 7.90
C LYS A 35 -4.10 4.99 7.59
N MET A 36 -3.34 5.54 6.64
CA MET A 36 -2.03 5.01 6.25
C MET A 36 -0.98 5.21 7.35
N LYS A 37 -0.93 6.39 8.00
CA LYS A 37 0.00 6.65 9.12
C LYS A 37 -0.20 5.65 10.25
N ARG A 38 -1.45 5.32 10.61
CA ARG A 38 -1.77 4.31 11.64
C ARG A 38 -1.13 2.96 11.34
N VAL A 39 -1.27 2.46 10.10
CA VAL A 39 -0.69 1.16 9.71
C VAL A 39 0.83 1.21 9.51
N VAL A 40 1.38 2.34 9.04
CA VAL A 40 2.84 2.53 8.88
C VAL A 40 3.52 2.57 10.26
N GLN A 41 2.99 3.34 11.21
CA GLN A 41 3.54 3.39 12.57
C GLN A 41 3.36 2.05 13.30
N HIS A 42 2.29 1.29 12.98
CA HIS A 42 2.07 -0.06 13.53
C HIS A 42 3.15 -1.03 13.01
N THR A 43 3.28 -1.20 11.69
CA THR A 43 4.21 -2.18 11.10
C THR A 43 5.68 -1.94 11.47
N LYS A 44 6.10 -0.67 11.66
CA LYS A 44 7.47 -0.30 12.09
C LYS A 44 7.86 -0.91 13.45
N GLY A 45 6.88 -1.20 14.31
CA GLY A 45 7.07 -1.80 15.65
C GLY A 45 6.52 -3.22 15.80
N CYS A 46 5.96 -3.82 14.74
CA CYS A 46 5.35 -5.15 14.75
C CYS A 46 6.39 -6.29 14.87
N LYS A 47 6.03 -7.36 15.59
CA LYS A 47 6.88 -8.55 15.86
C LYS A 47 6.71 -9.67 14.82
N ARG A 48 5.78 -9.49 13.89
CA ARG A 48 5.40 -10.33 12.74
C ARG A 48 5.07 -9.42 11.55
N LYS A 49 4.81 -10.01 10.38
CA LYS A 49 4.39 -9.34 9.13
C LYS A 49 3.53 -10.32 8.31
N THR A 50 3.27 -10.00 7.04
CA THR A 50 2.56 -10.88 6.09
C THR A 50 3.20 -12.27 5.96
N ASN A 51 4.53 -12.35 6.11
CA ASN A 51 5.31 -13.59 6.07
C ASN A 51 5.01 -14.55 7.24
N GLY A 52 4.57 -14.01 8.38
CA GLY A 52 4.21 -14.75 9.59
C GLY A 52 2.70 -14.96 9.69
N GLY A 53 1.96 -13.88 9.97
CA GLY A 53 0.50 -13.91 10.09
C GLY A 53 -0.20 -12.58 10.43
N CYS A 54 0.47 -11.42 10.37
CA CYS A 54 -0.14 -10.14 10.74
C CYS A 54 -1.09 -9.62 9.64
N PRO A 55 -2.39 -9.40 9.92
CA PRO A 55 -3.36 -8.96 8.93
C PRO A 55 -3.16 -7.50 8.48
N VAL A 56 -2.87 -6.57 9.39
CA VAL A 56 -2.66 -5.14 9.06
C VAL A 56 -1.40 -4.96 8.20
N CYS A 57 -0.28 -5.62 8.53
CA CYS A 57 0.91 -5.63 7.69
C CYS A 57 0.56 -6.21 6.30
N LYS A 58 -0.17 -7.34 6.23
CA LYS A 58 -0.61 -7.95 4.96
C LYS A 58 -1.47 -7.02 4.09
N GLN A 59 -2.47 -6.33 4.65
CA GLN A 59 -3.30 -5.39 3.89
C GLN A 59 -2.51 -4.15 3.45
N LEU A 60 -1.54 -3.70 4.26
CA LEU A 60 -0.63 -2.61 3.88
C LEU A 60 0.29 -3.07 2.72
N ILE A 61 0.83 -4.29 2.79
CA ILE A 61 1.65 -4.90 1.74
C ILE A 61 0.91 -4.97 0.40
N ALA A 62 -0.40 -5.23 0.39
CA ALA A 62 -1.18 -5.33 -0.83
C ALA A 62 -1.11 -4.02 -1.66
N LEU A 63 -1.43 -2.87 -1.04
CA LEU A 63 -1.33 -1.57 -1.71
C LEU A 63 0.14 -1.15 -1.93
N CYS A 64 1.06 -1.45 -1.00
CA CYS A 64 2.49 -1.12 -1.17
C CYS A 64 3.10 -1.89 -2.36
N CYS A 65 2.77 -3.16 -2.55
CA CYS A 65 3.27 -3.96 -3.67
C CYS A 65 2.71 -3.45 -5.01
N TYR A 66 1.41 -3.12 -5.04
CA TYR A 66 0.79 -2.51 -6.23
C TYR A 66 1.49 -1.18 -6.57
N HIS A 67 1.79 -0.35 -5.57
CA HIS A 67 2.53 0.92 -5.71
C HIS A 67 3.96 0.72 -6.24
N ALA A 68 4.74 -0.16 -5.61
CA ALA A 68 6.14 -0.42 -5.92
C ALA A 68 6.41 -0.80 -7.39
N LYS A 69 5.44 -1.45 -8.05
CA LYS A 69 5.52 -1.84 -9.47
C LYS A 69 5.62 -0.62 -10.39
N HIS A 70 4.89 0.45 -10.06
CA HIS A 70 4.82 1.72 -10.81
C HIS A 70 5.86 2.77 -10.38
N CYS A 71 6.23 2.79 -9.10
CA CYS A 71 7.17 3.75 -8.51
C CYS A 71 8.56 3.68 -9.19
N GLN A 72 9.03 4.84 -9.66
CA GLN A 72 10.28 5.03 -10.41
C GLN A 72 11.41 5.70 -9.60
N GLU A 73 11.16 6.08 -8.34
CA GLU A 73 12.13 6.74 -7.45
C GLU A 73 13.22 5.76 -6.96
N ASN A 74 14.44 6.27 -6.77
CA ASN A 74 15.58 5.47 -6.30
C ASN A 74 15.40 5.03 -4.83
N LYS A 75 15.18 6.00 -3.93
CA LYS A 75 14.98 5.83 -2.47
C LYS A 75 13.64 6.44 -2.03
N CYS A 76 12.54 5.76 -2.32
CA CYS A 76 11.17 6.22 -2.05
C CYS A 76 10.79 6.32 -0.55
N PRO A 77 9.93 7.28 -0.18
CA PRO A 77 9.44 7.51 1.19
C PRO A 77 8.65 6.33 1.80
N VAL A 78 7.97 5.50 1.00
CA VAL A 78 7.15 4.37 1.51
C VAL A 78 8.06 3.29 2.11
N PRO A 79 7.76 2.73 3.31
CA PRO A 79 8.64 1.79 4.01
C PRO A 79 8.89 0.47 3.26
N PHE A 80 7.85 -0.15 2.68
CA PHE A 80 8.01 -1.43 1.97
C PHE A 80 8.42 -1.26 0.51
N CYS A 81 7.99 -0.18 -0.15
CA CYS A 81 8.28 0.07 -1.57
C CYS A 81 9.75 -0.15 -1.91
N LEU A 82 10.68 0.41 -1.13
CA LEU A 82 12.11 0.27 -1.38
C LEU A 82 12.57 -1.20 -1.44
N ASN A 83 12.13 -2.04 -0.48
CA ASN A 83 12.42 -3.47 -0.44
C ASN A 83 11.75 -4.22 -1.61
N ILE A 84 10.48 -3.90 -1.89
CA ILE A 84 9.70 -4.49 -2.98
C ILE A 84 10.34 -4.15 -4.32
N LYS A 85 10.79 -2.90 -4.53
CA LYS A 85 11.52 -2.47 -5.73
C LYS A 85 12.80 -3.25 -5.85
N HIS A 86 13.64 -3.34 -4.81
CA HIS A 86 14.87 -4.16 -4.86
C HIS A 86 14.60 -5.60 -5.33
N LYS A 87 13.63 -6.32 -4.71
CA LYS A 87 13.32 -7.69 -5.16
C LYS A 87 12.71 -7.73 -6.57
N LEU A 88 11.87 -6.76 -6.96
CA LEU A 88 11.30 -6.70 -8.32
C LEU A 88 12.39 -6.37 -9.36
N ARG A 89 13.40 -5.55 -9.02
CA ARG A 89 14.57 -5.27 -9.86
C ARG A 89 15.38 -6.56 -10.04
N GLN A 90 15.54 -7.35 -8.98
CA GLN A 90 16.21 -8.66 -9.04
C GLN A 90 15.42 -9.69 -9.88
N GLN A 91 14.10 -9.77 -9.73
CA GLN A 91 13.25 -10.74 -10.44
C GLN A 91 12.86 -10.34 -11.88
N GLN A 92 12.12 -9.24 -12.08
CA GLN A 92 11.71 -8.79 -13.42
C GLN A 92 12.69 -7.82 -14.09
N GLY A 93 13.20 -6.86 -13.33
CA GLY A 93 14.11 -5.82 -13.83
C GLY A 93 13.41 -4.72 -14.64
N SER A 94 12.74 -5.10 -15.72
CA SER A 94 11.96 -4.21 -16.60
C SER A 94 10.57 -3.89 -16.00
N GLY A 95 9.95 -2.82 -16.48
CA GLY A 95 8.61 -2.38 -16.06
C GLY A 95 7.49 -3.37 -16.44
N SER A 96 6.41 -3.35 -15.66
CA SER A 96 5.23 -4.22 -15.84
C SER A 96 4.35 -3.84 -17.04
N GLY A 97 3.34 -4.68 -17.34
CA GLY A 97 2.41 -4.52 -18.48
C GLY A 97 1.38 -3.38 -18.39
N SER A 98 0.31 -3.52 -19.18
CA SER A 98 -0.81 -2.55 -19.29
C SER A 98 -1.66 -2.42 -18.02
N GLN A 99 -2.65 -1.53 -18.03
CA GLN A 99 -3.59 -1.33 -16.90
C GLN A 99 -4.35 -2.63 -16.54
N ALA A 100 -4.58 -3.52 -17.50
CA ALA A 100 -5.22 -4.81 -17.30
C ALA A 100 -4.27 -5.88 -16.72
N MET A 101 -2.96 -5.63 -16.74
CA MET A 101 -1.91 -6.50 -16.21
C MET A 101 -1.26 -5.82 -15.00
N ASP A 102 -1.98 -5.88 -13.87
CA ASP A 102 -1.60 -5.27 -12.59
C ASP A 102 -1.81 -6.26 -11.42
N ASP A 103 -1.53 -5.83 -10.20
CA ASP A 103 -1.65 -6.67 -8.99
C ASP A 103 -3.11 -6.80 -8.52
N LEU A 104 -3.98 -7.37 -9.36
CA LEU A 104 -5.43 -7.56 -9.18
C LEU A 104 -5.85 -8.59 -8.08
N MET A 105 -4.98 -8.80 -7.09
CA MET A 105 -5.14 -9.75 -5.99
C MET A 105 -6.11 -9.31 -4.87
N LEU A 106 -6.75 -8.15 -4.99
CA LEU A 106 -7.65 -7.56 -4.00
C LEU A 106 -8.89 -6.86 -4.60
N SER A 107 -9.85 -6.51 -3.74
CA SER A 107 -11.11 -5.82 -4.12
C SER A 107 -11.13 -4.36 -3.64
N PRO A 108 -11.58 -3.39 -4.47
CA PRO A 108 -11.62 -1.97 -4.11
C PRO A 108 -12.52 -1.61 -2.93
N ASP A 109 -13.61 -2.35 -2.69
CA ASP A 109 -14.49 -2.06 -1.55
C ASP A 109 -13.93 -2.63 -0.25
N ASP A 110 -12.93 -3.52 -0.32
CA ASP A 110 -12.29 -4.12 0.85
C ASP A 110 -11.18 -3.21 1.41
N ILE A 111 -10.48 -2.45 0.57
CA ILE A 111 -9.44 -1.49 1.00
C ILE A 111 -10.05 -0.42 1.94
N GLU A 112 -11.33 -0.09 1.72
CA GLU A 112 -12.10 0.86 2.52
C GLU A 112 -12.47 0.30 3.90
N GLN A 113 -12.17 -0.98 4.16
CA GLN A 113 -12.42 -1.74 5.40
C GLN A 113 -11.10 -2.10 6.10
N TRP A 114 -10.02 -2.34 5.34
CA TRP A 114 -8.67 -2.68 5.84
C TRP A 114 -8.12 -1.68 6.87
N PHE A 115 -8.55 -0.41 6.80
CA PHE A 115 -8.10 0.68 7.66
C PHE A 115 -9.23 1.29 8.52
N THR A 116 -10.41 0.64 8.57
CA THR A 116 -11.62 1.13 9.24
C THR A 116 -12.15 0.13 10.27
N GLU A 117 -12.71 0.63 11.39
CA GLU A 117 -13.26 -0.20 12.49
C GLU A 117 -14.64 -0.82 12.20
N ASP A 118 -15.29 -0.43 11.11
CA ASP A 118 -16.61 -0.89 10.67
C ASP A 118 -16.55 -1.51 9.25
N PRO A 119 -17.25 -2.63 8.97
CA PRO A 119 -17.26 -3.31 7.68
C PRO A 119 -17.98 -2.53 6.57
N GLY A 120 -17.77 -2.95 5.31
CA GLY A 120 -18.38 -2.37 4.11
C GLY A 120 -19.87 -2.69 3.93
N PRO A 121 -20.52 -2.12 2.90
CA PRO A 121 -21.94 -2.35 2.59
C PRO A 121 -22.24 -3.77 2.12
N ASP A 122 -23.49 -4.21 2.29
CA ASP A 122 -23.98 -5.54 1.90
C ASP A 122 -24.00 -5.73 0.37
N SER A 1 -16.16 -1.31 -16.80
CA SER A 1 -15.48 -2.48 -16.23
C SER A 1 -15.15 -2.27 -14.73
N PRO A 2 -15.20 -3.34 -13.89
CA PRO A 2 -14.87 -3.24 -12.46
C PRO A 2 -13.37 -2.99 -12.22
N GLN A 3 -12.53 -3.33 -13.20
CA GLN A 3 -11.09 -3.12 -13.18
C GLN A 3 -10.73 -1.63 -13.14
N GLU A 4 -11.60 -0.74 -13.65
CA GLU A 4 -11.43 0.72 -13.57
C GLU A 4 -11.55 1.13 -12.10
N SER A 5 -12.70 0.86 -11.50
CA SER A 5 -12.98 1.13 -10.08
C SER A 5 -11.90 0.52 -9.18
N ARG A 6 -11.37 -0.67 -9.52
CA ARG A 6 -10.26 -1.32 -8.81
C ARG A 6 -9.00 -0.48 -8.85
N ARG A 7 -8.46 -0.19 -10.05
CA ARG A 7 -7.24 0.64 -10.16
C ARG A 7 -7.45 2.06 -9.63
N LEU A 8 -8.64 2.64 -9.75
CA LEU A 8 -8.97 3.99 -9.27
C LEU A 8 -8.97 4.07 -7.73
N SER A 9 -9.66 3.16 -7.03
CA SER A 9 -9.66 3.11 -5.55
C SER A 9 -8.25 2.81 -5.04
N ILE A 10 -7.55 1.86 -5.70
CA ILE A 10 -6.15 1.55 -5.41
C ILE A 10 -5.27 2.80 -5.57
N GLN A 11 -5.37 3.55 -6.68
CA GLN A 11 -4.61 4.80 -6.89
C GLN A 11 -4.91 5.83 -5.80
N ARG A 12 -6.17 5.97 -5.37
CA ARG A 12 -6.58 6.84 -4.24
C ARG A 12 -5.76 6.47 -2.98
N CYS A 13 -5.80 5.19 -2.61
CA CYS A 13 -5.08 4.71 -1.45
C CYS A 13 -3.55 4.77 -1.62
N ILE A 14 -3.02 4.56 -2.83
CA ILE A 14 -1.57 4.67 -3.10
C ILE A 14 -1.11 6.13 -2.98
N GLN A 15 -1.85 7.09 -3.54
CA GLN A 15 -1.54 8.51 -3.37
C GLN A 15 -1.61 8.88 -1.89
N SER A 16 -2.58 8.34 -1.15
CA SER A 16 -2.73 8.55 0.29
C SER A 16 -1.58 7.92 1.11
N LEU A 17 -1.08 6.76 0.70
CA LEU A 17 0.04 6.02 1.30
C LEU A 17 1.33 6.83 1.14
N VAL A 18 1.62 7.27 -0.07
CA VAL A 18 2.79 8.09 -0.42
C VAL A 18 2.73 9.45 0.30
N HIS A 19 1.54 10.08 0.31
CA HIS A 19 1.28 11.30 1.06
C HIS A 19 1.61 11.06 2.55
N ALA A 20 1.00 10.06 3.19
CA ALA A 20 1.22 9.75 4.60
C ALA A 20 2.69 9.47 4.94
N CYS A 21 3.42 8.80 4.04
CA CYS A 21 4.84 8.51 4.26
C CYS A 21 5.69 9.79 4.14
N GLN A 22 5.34 10.74 3.27
CA GLN A 22 6.06 12.03 3.18
C GLN A 22 5.47 13.19 4.04
N CYS A 23 4.31 13.01 4.69
CA CYS A 23 3.57 14.04 5.44
C CYS A 23 4.30 14.47 6.73
N ARG A 24 4.99 15.62 6.66
CA ARG A 24 5.73 16.23 7.80
C ARG A 24 4.81 17.00 8.77
N ASN A 25 3.51 17.06 8.47
CA ASN A 25 2.44 17.73 9.20
C ASN A 25 1.61 16.76 10.09
N ALA A 26 2.15 15.56 10.39
CA ALA A 26 1.62 14.37 11.09
C ALA A 26 0.17 14.37 11.63
N ASN A 27 -0.28 15.40 12.37
CA ASN A 27 -1.67 15.60 12.81
C ASN A 27 -2.58 16.15 11.67
N CYS A 28 -2.27 15.77 10.43
CA CYS A 28 -2.89 16.16 9.16
C CYS A 28 -4.41 15.91 9.11
N SER A 29 -5.12 16.79 8.39
CA SER A 29 -6.58 16.77 8.26
C SER A 29 -7.13 15.77 7.22
N LEU A 30 -6.28 15.16 6.38
CA LEU A 30 -6.72 14.18 5.38
C LEU A 30 -7.14 12.84 6.07
N PRO A 31 -8.26 12.21 5.67
CA PRO A 31 -8.76 10.99 6.31
C PRO A 31 -7.85 9.77 6.07
N SER A 32 -7.44 9.51 4.83
CA SER A 32 -6.58 8.37 4.50
C SER A 32 -5.11 8.59 4.88
N CYS A 33 -4.70 9.84 5.16
CA CYS A 33 -3.37 10.16 5.68
C CYS A 33 -3.23 9.54 7.08
N GLN A 34 -4.15 9.89 7.99
CA GLN A 34 -4.22 9.33 9.34
C GLN A 34 -4.31 7.80 9.33
N LYS A 35 -5.14 7.22 8.45
CA LYS A 35 -5.28 5.75 8.30
C LYS A 35 -3.95 5.09 7.88
N MET A 36 -3.28 5.63 6.85
CA MET A 36 -2.00 5.10 6.39
C MET A 36 -0.89 5.30 7.44
N LYS A 37 -0.82 6.45 8.11
CA LYS A 37 0.16 6.71 9.18
C LYS A 37 0.03 5.70 10.32
N ARG A 38 -1.20 5.37 10.75
CA ARG A 38 -1.48 4.38 11.82
C ARG A 38 -0.96 2.99 11.47
N VAL A 39 -1.09 2.55 10.22
CA VAL A 39 -0.57 1.23 9.79
C VAL A 39 0.94 1.26 9.54
N VAL A 40 1.50 2.38 9.07
CA VAL A 40 2.95 2.55 8.88
C VAL A 40 3.68 2.57 10.24
N GLN A 41 3.20 3.34 11.22
CA GLN A 41 3.82 3.37 12.56
C GLN A 41 3.68 2.02 13.28
N HIS A 42 2.60 1.28 12.99
CA HIS A 42 2.37 -0.06 13.52
C HIS A 42 3.39 -1.06 12.95
N THR A 43 3.44 -1.22 11.62
CA THR A 43 4.30 -2.21 10.95
C THR A 43 5.80 -2.04 11.24
N LYS A 44 6.26 -0.81 11.49
CA LYS A 44 7.65 -0.51 11.86
C LYS A 44 8.06 -1.15 13.20
N GLY A 45 7.10 -1.36 14.12
CA GLY A 45 7.30 -2.00 15.42
C GLY A 45 6.83 -3.47 15.48
N CYS A 46 6.06 -3.92 14.49
CA CYS A 46 5.49 -5.26 14.40
C CYS A 46 6.55 -6.38 14.22
N LYS A 47 6.25 -7.54 14.81
CA LYS A 47 7.08 -8.76 14.81
C LYS A 47 6.34 -10.01 14.27
N ARG A 48 5.06 -9.88 13.88
CA ARG A 48 4.22 -10.98 13.37
C ARG A 48 3.83 -10.90 11.89
N LYS A 49 4.09 -9.75 11.23
CA LYS A 49 3.86 -9.25 9.85
C LYS A 49 3.17 -10.15 8.79
N THR A 50 3.28 -9.82 7.50
CA THR A 50 2.68 -10.63 6.41
C THR A 50 3.30 -12.04 6.30
N ASN A 51 4.52 -12.22 6.83
CA ASN A 51 5.24 -13.50 6.83
C ASN A 51 4.65 -14.51 7.85
N GLY A 52 4.21 -14.03 9.01
CA GLY A 52 3.63 -14.83 10.09
C GLY A 52 2.11 -14.94 9.99
N GLY A 53 1.40 -13.84 10.26
CA GLY A 53 -0.06 -13.80 10.21
C GLY A 53 -0.74 -12.46 10.54
N CYS A 54 -0.02 -11.34 10.55
CA CYS A 54 -0.56 -10.02 10.87
C CYS A 54 -1.42 -9.46 9.71
N PRO A 55 -2.72 -9.18 9.92
CA PRO A 55 -3.60 -8.69 8.85
C PRO A 55 -3.31 -7.23 8.46
N VAL A 56 -2.93 -6.36 9.39
CA VAL A 56 -2.64 -4.94 9.09
C VAL A 56 -1.39 -4.81 8.22
N CYS A 57 -0.27 -5.46 8.55
CA CYS A 57 0.90 -5.49 7.68
C CYS A 57 0.55 -6.10 6.31
N LYS A 58 -0.16 -7.24 6.28
CA LYS A 58 -0.56 -7.91 5.02
C LYS A 58 -1.43 -7.03 4.12
N GLN A 59 -2.45 -6.34 4.65
CA GLN A 59 -3.29 -5.45 3.85
C GLN A 59 -2.56 -4.15 3.44
N LEU A 60 -1.59 -3.69 4.24
CA LEU A 60 -0.72 -2.57 3.87
C LEU A 60 0.19 -3.00 2.71
N ILE A 61 0.75 -4.22 2.76
CA ILE A 61 1.56 -4.83 1.70
C ILE A 61 0.78 -4.90 0.38
N ALA A 62 -0.53 -5.18 0.40
CA ALA A 62 -1.34 -5.27 -0.81
C ALA A 62 -1.29 -3.98 -1.66
N LEU A 63 -1.37 -2.81 -1.02
CA LEU A 63 -1.29 -1.51 -1.69
C LEU A 63 0.17 -1.07 -1.93
N CYS A 64 1.10 -1.32 -0.99
CA CYS A 64 2.51 -0.98 -1.18
C CYS A 64 3.14 -1.79 -2.33
N CYS A 65 2.77 -3.07 -2.49
CA CYS A 65 3.26 -3.93 -3.58
C CYS A 65 2.72 -3.48 -4.93
N TYR A 66 1.43 -3.12 -5.01
CA TYR A 66 0.84 -2.57 -6.24
C TYR A 66 1.58 -1.28 -6.62
N HIS A 67 1.82 -0.39 -5.64
CA HIS A 67 2.57 0.85 -5.80
C HIS A 67 4.00 0.61 -6.31
N ALA A 68 4.77 -0.25 -5.63
CA ALA A 68 6.17 -0.54 -5.94
C ALA A 68 6.42 -0.97 -7.39
N LYS A 69 5.48 -1.72 -8.00
CA LYS A 69 5.57 -2.17 -9.40
C LYS A 69 5.64 -0.96 -10.37
N HIS A 70 4.86 0.08 -10.08
CA HIS A 70 4.76 1.32 -10.86
C HIS A 70 5.74 2.43 -10.47
N CYS A 71 6.22 2.45 -9.22
CA CYS A 71 7.16 3.45 -8.70
C CYS A 71 8.52 3.37 -9.44
N GLN A 72 9.05 4.54 -9.81
CA GLN A 72 10.31 4.73 -10.57
C GLN A 72 11.28 5.70 -9.89
N GLU A 73 10.94 6.21 -8.70
CA GLU A 73 11.76 7.13 -7.91
C GLU A 73 13.05 6.44 -7.38
N ASN A 74 14.13 7.22 -7.19
CA ASN A 74 15.41 6.68 -6.72
C ASN A 74 15.34 6.16 -5.26
N LYS A 75 14.74 6.95 -4.37
CA LYS A 75 14.54 6.66 -2.93
C LYS A 75 13.17 7.19 -2.47
N CYS A 76 12.10 6.47 -2.81
CA CYS A 76 10.72 6.86 -2.49
C CYS A 76 10.40 6.80 -0.97
N PRO A 77 9.48 7.68 -0.48
CA PRO A 77 9.09 7.77 0.92
C PRO A 77 8.42 6.52 1.53
N VAL A 78 7.74 5.68 0.74
CA VAL A 78 7.02 4.49 1.25
C VAL A 78 8.02 3.46 1.84
N PRO A 79 7.77 2.90 3.04
CA PRO A 79 8.72 1.99 3.72
C PRO A 79 8.97 0.66 3.00
N PHE A 80 7.93 -0.03 2.54
CA PHE A 80 8.08 -1.34 1.87
C PHE A 80 8.51 -1.20 0.40
N CYS A 81 8.11 -0.11 -0.27
CA CYS A 81 8.35 0.14 -1.70
C CYS A 81 9.81 -0.14 -2.12
N LEU A 82 10.79 0.43 -1.42
CA LEU A 82 12.21 0.26 -1.75
C LEU A 82 12.64 -1.21 -1.73
N ASN A 83 12.24 -1.96 -0.70
CA ASN A 83 12.51 -3.38 -0.56
C ASN A 83 11.83 -4.17 -1.70
N ILE A 84 10.54 -3.91 -1.94
CA ILE A 84 9.74 -4.54 -2.99
C ILE A 84 10.34 -4.27 -4.37
N LYS A 85 10.73 -3.02 -4.69
CA LYS A 85 11.39 -2.67 -5.95
C LYS A 85 12.69 -3.45 -6.11
N HIS A 86 13.59 -3.42 -5.13
CA HIS A 86 14.86 -4.16 -5.21
C HIS A 86 14.65 -5.67 -5.48
N LYS A 87 13.76 -6.35 -4.73
CA LYS A 87 13.49 -7.77 -4.99
C LYS A 87 12.80 -8.00 -6.33
N LEU A 88 11.86 -7.15 -6.77
CA LEU A 88 11.20 -7.26 -8.07
C LEU A 88 12.21 -7.06 -9.22
N ARG A 89 13.15 -6.11 -9.07
CA ARG A 89 14.27 -5.90 -10.01
C ARG A 89 15.10 -7.17 -10.11
N GLN A 90 15.44 -7.78 -8.97
CA GLN A 90 16.18 -9.04 -8.93
C GLN A 90 15.39 -10.24 -9.50
N GLN A 91 14.06 -10.26 -9.39
CA GLN A 91 13.22 -11.37 -9.90
C GLN A 91 12.97 -11.28 -11.41
N GLN A 92 12.58 -10.11 -11.92
CA GLN A 92 12.19 -9.89 -13.31
C GLN A 92 13.34 -9.50 -14.26
N GLY A 93 14.27 -8.65 -13.80
CA GLY A 93 15.39 -8.12 -14.59
C GLY A 93 14.94 -7.01 -15.56
N SER A 94 14.08 -7.36 -16.53
CA SER A 94 13.48 -6.46 -17.53
C SER A 94 12.15 -7.03 -18.07
N GLY A 95 11.26 -6.15 -18.56
CA GLY A 95 9.95 -6.55 -19.11
C GLY A 95 9.07 -5.38 -19.56
N SER A 96 7.85 -5.72 -20.02
CA SER A 96 6.83 -4.77 -20.51
C SER A 96 5.41 -5.18 -20.07
N GLY A 97 4.46 -4.24 -20.12
CA GLY A 97 3.06 -4.46 -19.72
C GLY A 97 2.13 -3.29 -20.09
N SER A 98 0.90 -3.31 -19.55
CA SER A 98 -0.14 -2.29 -19.76
C SER A 98 -0.93 -1.99 -18.48
N GLN A 99 -1.77 -0.95 -18.49
CA GLN A 99 -2.62 -0.58 -17.34
C GLN A 99 -3.65 -1.67 -16.95
N ALA A 100 -3.97 -2.60 -17.86
CA ALA A 100 -4.87 -3.73 -17.60
C ALA A 100 -4.13 -4.94 -16.99
N MET A 101 -2.80 -4.94 -17.02
CA MET A 101 -1.95 -5.98 -16.42
C MET A 101 -1.36 -5.40 -15.13
N ASP A 102 -2.21 -5.37 -14.12
CA ASP A 102 -1.98 -4.82 -12.79
C ASP A 102 -2.12 -5.89 -11.70
N ASP A 103 -1.75 -5.56 -10.45
CA ASP A 103 -1.83 -6.49 -9.31
C ASP A 103 -3.28 -6.58 -8.76
N LEU A 104 -4.18 -7.08 -9.62
CA LEU A 104 -5.62 -7.25 -9.47
C LEU A 104 -6.09 -8.29 -8.43
N MET A 105 -5.23 -8.61 -7.46
CA MET A 105 -5.44 -9.61 -6.39
C MET A 105 -6.50 -9.26 -5.32
N LEU A 106 -7.13 -8.08 -5.40
CA LEU A 106 -8.05 -7.53 -4.39
C LEU A 106 -9.34 -6.93 -4.97
N SER A 107 -10.16 -6.30 -4.10
CA SER A 107 -11.39 -5.58 -4.43
C SER A 107 -11.34 -4.13 -3.92
N PRO A 108 -11.74 -3.11 -4.71
CA PRO A 108 -11.72 -1.70 -4.31
C PRO A 108 -12.63 -1.35 -3.14
N ASP A 109 -13.67 -2.15 -2.86
CA ASP A 109 -14.56 -1.90 -1.75
C ASP A 109 -14.07 -2.55 -0.46
N ASP A 110 -13.03 -3.40 -0.55
CA ASP A 110 -12.40 -4.07 0.59
C ASP A 110 -11.26 -3.23 1.18
N ILE A 111 -10.53 -2.46 0.35
CA ILE A 111 -9.44 -1.57 0.83
C ILE A 111 -9.96 -0.53 1.82
N GLU A 112 -11.22 -0.11 1.65
CA GLU A 112 -11.89 0.85 2.53
C GLU A 112 -12.25 0.22 3.90
N GLN A 113 -12.20 -1.12 3.99
CA GLN A 113 -12.45 -1.92 5.20
C GLN A 113 -11.14 -2.25 5.91
N TRP A 114 -10.07 -2.55 5.17
CA TRP A 114 -8.72 -2.91 5.67
C TRP A 114 -8.15 -1.97 6.75
N PHE A 115 -8.54 -0.69 6.72
CA PHE A 115 -8.07 0.35 7.64
C PHE A 115 -9.02 0.65 8.82
N THR A 116 -10.00 -0.22 9.08
CA THR A 116 -10.96 -0.10 10.19
C THR A 116 -11.42 -1.46 10.76
N GLU A 117 -11.53 -2.49 9.93
CA GLU A 117 -11.94 -3.86 10.27
C GLU A 117 -11.12 -4.92 9.49
N ASP A 118 -11.43 -6.21 9.69
CA ASP A 118 -10.80 -7.31 8.95
C ASP A 118 -11.30 -7.37 7.48
N PRO A 119 -10.50 -7.89 6.52
CA PRO A 119 -10.89 -7.98 5.11
C PRO A 119 -12.12 -8.89 4.89
N GLY A 120 -12.94 -8.54 3.89
CA GLY A 120 -14.16 -9.27 3.52
C GLY A 120 -14.81 -8.81 2.20
N PRO A 121 -16.01 -9.34 1.88
CA PRO A 121 -16.75 -9.03 0.64
C PRO A 121 -17.18 -7.56 0.48
N ASP A 122 -17.66 -7.21 -0.71
CA ASP A 122 -18.19 -5.87 -1.05
C ASP A 122 -19.48 -5.56 -0.25
N SER A 1 -15.32 -1.02 -17.40
CA SER A 1 -15.02 -2.28 -16.71
C SER A 1 -14.86 -2.11 -15.19
N PRO A 2 -15.21 -3.10 -14.36
CA PRO A 2 -15.04 -3.03 -12.90
C PRO A 2 -13.58 -2.81 -12.49
N GLN A 3 -12.64 -3.28 -13.32
CA GLN A 3 -11.20 -3.14 -13.17
C GLN A 3 -10.76 -1.66 -13.16
N GLU A 4 -11.46 -0.77 -13.86
CA GLU A 4 -11.16 0.67 -13.84
C GLU A 4 -11.49 1.25 -12.46
N SER A 5 -12.65 0.88 -11.90
CA SER A 5 -13.07 1.31 -10.56
C SER A 5 -12.10 0.77 -9.49
N ARG A 6 -11.67 -0.50 -9.64
CA ARG A 6 -10.66 -1.12 -8.75
C ARG A 6 -9.34 -0.35 -8.80
N ARG A 7 -8.85 -0.08 -10.01
CA ARG A 7 -7.63 0.71 -10.26
C ARG A 7 -7.74 2.11 -9.64
N LEU A 8 -8.88 2.79 -9.80
CA LEU A 8 -9.15 4.12 -9.22
C LEU A 8 -9.07 4.11 -7.69
N SER A 9 -9.79 3.22 -6.98
CA SER A 9 -9.73 3.12 -5.50
C SER A 9 -8.31 2.78 -5.01
N ILE A 10 -7.66 1.80 -5.66
CA ILE A 10 -6.28 1.43 -5.38
C ILE A 10 -5.35 2.65 -5.56
N GLN A 11 -5.44 3.38 -6.68
CA GLN A 11 -4.63 4.58 -6.92
C GLN A 11 -4.89 5.67 -5.87
N ARG A 12 -6.14 5.87 -5.44
CA ARG A 12 -6.54 6.80 -4.36
C ARG A 12 -5.77 6.47 -3.08
N CYS A 13 -5.85 5.21 -2.65
CA CYS A 13 -5.17 4.77 -1.44
C CYS A 13 -3.64 4.72 -1.61
N ILE A 14 -3.11 4.44 -2.80
CA ILE A 14 -1.66 4.49 -3.07
C ILE A 14 -1.15 5.94 -2.98
N GLN A 15 -1.86 6.90 -3.56
CA GLN A 15 -1.51 8.32 -3.43
C GLN A 15 -1.56 8.73 -1.94
N SER A 16 -2.57 8.25 -1.21
CA SER A 16 -2.72 8.49 0.24
C SER A 16 -1.60 7.84 1.08
N LEU A 17 -1.11 6.66 0.68
CA LEU A 17 -0.02 5.92 1.30
C LEU A 17 1.29 6.69 1.15
N VAL A 18 1.60 7.11 -0.07
CA VAL A 18 2.79 7.91 -0.40
C VAL A 18 2.74 9.26 0.33
N HIS A 19 1.57 9.91 0.31
CA HIS A 19 1.32 11.14 1.06
C HIS A 19 1.61 10.90 2.55
N ALA A 20 0.98 9.92 3.19
CA ALA A 20 1.17 9.60 4.60
C ALA A 20 2.64 9.31 4.96
N CYS A 21 3.38 8.63 4.07
CA CYS A 21 4.79 8.34 4.30
C CYS A 21 5.65 9.61 4.20
N GLN A 22 5.31 10.57 3.32
CA GLN A 22 6.03 11.87 3.24
C GLN A 22 5.43 13.02 4.09
N CYS A 23 4.29 12.82 4.76
CA CYS A 23 3.56 13.82 5.52
C CYS A 23 4.25 14.19 6.86
N ARG A 24 4.95 15.33 6.87
CA ARG A 24 5.63 15.90 8.06
C ARG A 24 4.73 16.81 8.89
N ASN A 25 3.46 16.93 8.47
CA ASN A 25 2.37 17.72 9.06
C ASN A 25 1.46 16.88 9.99
N ALA A 26 1.92 15.70 10.45
CA ALA A 26 1.30 14.62 11.25
C ALA A 26 -0.17 14.75 11.71
N ASN A 27 -0.61 15.86 12.31
CA ASN A 27 -2.00 16.14 12.66
C ASN A 27 -2.81 16.61 11.40
N CYS A 28 -2.47 16.06 10.23
CA CYS A 28 -2.99 16.34 8.90
C CYS A 28 -4.52 16.11 8.77
N SER A 29 -5.18 16.96 7.99
CA SER A 29 -6.64 16.96 7.78
C SER A 29 -7.16 15.90 6.77
N LEU A 30 -6.29 15.23 6.00
CA LEU A 30 -6.71 14.21 5.03
C LEU A 30 -7.19 12.92 5.73
N PRO A 31 -8.30 12.29 5.29
CA PRO A 31 -8.85 11.09 5.94
C PRO A 31 -7.96 9.86 5.77
N SER A 32 -7.54 9.53 4.54
CA SER A 32 -6.70 8.36 4.27
C SER A 32 -5.24 8.55 4.72
N CYS A 33 -4.80 9.78 4.99
CA CYS A 33 -3.48 10.08 5.57
C CYS A 33 -3.41 9.48 6.99
N GLN A 34 -4.38 9.86 7.84
CA GLN A 34 -4.52 9.36 9.21
C GLN A 34 -4.68 7.83 9.26
N LYS A 35 -5.39 7.25 8.28
CA LYS A 35 -5.57 5.79 8.15
C LYS A 35 -4.26 5.07 7.82
N MET A 36 -3.53 5.55 6.80
CA MET A 36 -2.24 4.97 6.38
C MET A 36 -1.16 5.17 7.45
N LYS A 37 -1.08 6.35 8.09
CA LYS A 37 -0.09 6.63 9.15
C LYS A 37 -0.19 5.61 10.30
N ARG A 38 -1.41 5.23 10.72
CA ARG A 38 -1.62 4.25 11.79
C ARG A 38 -1.08 2.87 11.41
N VAL A 39 -1.30 2.40 10.18
CA VAL A 39 -0.76 1.10 9.74
C VAL A 39 0.76 1.14 9.48
N VAL A 40 1.29 2.26 8.99
CA VAL A 40 2.74 2.46 8.78
C VAL A 40 3.47 2.48 10.14
N GLN A 41 2.94 3.19 11.14
CA GLN A 41 3.53 3.22 12.49
C GLN A 41 3.40 1.86 13.17
N HIS A 42 2.29 1.13 12.94
CA HIS A 42 2.08 -0.22 13.47
C HIS A 42 3.14 -1.20 12.92
N THR A 43 3.24 -1.35 11.60
CA THR A 43 4.14 -2.33 10.96
C THR A 43 5.62 -2.13 11.30
N LYS A 44 6.06 -0.89 11.58
CA LYS A 44 7.43 -0.57 12.01
C LYS A 44 7.79 -1.17 13.37
N GLY A 45 6.81 -1.41 14.23
CA GLY A 45 6.96 -2.03 15.56
C GLY A 45 6.47 -3.49 15.65
N CYS A 46 5.78 -3.98 14.62
CA CYS A 46 5.21 -5.33 14.55
C CYS A 46 6.27 -6.45 14.52
N LYS A 47 5.91 -7.59 15.12
CA LYS A 47 6.73 -8.81 15.28
C LYS A 47 6.14 -10.04 14.54
N ARG A 48 4.98 -9.88 13.88
CA ARG A 48 4.26 -10.95 13.13
C ARG A 48 3.97 -10.59 11.66
N LYS A 49 4.63 -9.55 11.14
CA LYS A 49 4.57 -9.03 9.75
C LYS A 49 4.40 -10.15 8.73
N THR A 50 3.56 -9.96 7.71
CA THR A 50 3.15 -10.87 6.59
C THR A 50 3.76 -12.29 6.54
N ASN A 51 5.09 -12.43 6.57
CA ASN A 51 5.83 -13.70 6.69
C ASN A 51 5.28 -14.61 7.81
N GLY A 52 4.90 -14.00 8.94
CA GLY A 52 4.28 -14.65 10.11
C GLY A 52 2.78 -14.86 9.89
N GLY A 53 1.98 -13.80 10.05
CA GLY A 53 0.52 -13.87 9.85
C GLY A 53 -0.31 -12.58 10.06
N CYS A 54 0.32 -11.44 10.37
CA CYS A 54 -0.37 -10.18 10.66
C CYS A 54 -1.27 -9.67 9.50
N PRO A 55 -2.59 -9.46 9.73
CA PRO A 55 -3.51 -9.02 8.69
C PRO A 55 -3.32 -7.55 8.27
N VAL A 56 -2.96 -6.65 9.19
CA VAL A 56 -2.73 -5.22 8.88
C VAL A 56 -1.45 -5.05 8.05
N CYS A 57 -0.34 -5.72 8.38
CA CYS A 57 0.86 -5.70 7.55
C CYS A 57 0.53 -6.28 6.15
N LYS A 58 -0.15 -7.44 6.05
CA LYS A 58 -0.56 -8.02 4.75
C LYS A 58 -1.41 -7.06 3.91
N GLN A 59 -2.40 -6.39 4.52
CA GLN A 59 -3.28 -5.42 3.85
C GLN A 59 -2.52 -4.17 3.41
N LEU A 60 -1.51 -3.74 4.18
CA LEU A 60 -0.63 -2.63 3.81
C LEU A 60 0.29 -3.07 2.64
N ILE A 61 0.82 -4.30 2.69
CA ILE A 61 1.63 -4.91 1.62
C ILE A 61 0.84 -4.97 0.31
N ALA A 62 -0.46 -5.26 0.37
CA ALA A 62 -1.30 -5.35 -0.83
C ALA A 62 -1.25 -4.06 -1.68
N LEU A 63 -1.38 -2.88 -1.06
CA LEU A 63 -1.28 -1.61 -1.79
C LEU A 63 0.17 -1.19 -2.03
N CYS A 64 1.09 -1.42 -1.08
CA CYS A 64 2.51 -1.09 -1.26
C CYS A 64 3.14 -1.89 -2.42
N CYS A 65 2.76 -3.17 -2.61
CA CYS A 65 3.25 -4.00 -3.71
C CYS A 65 2.67 -3.54 -5.05
N TYR A 66 1.37 -3.21 -5.10
CA TYR A 66 0.74 -2.65 -6.31
C TYR A 66 1.45 -1.34 -6.68
N HIS A 67 1.74 -0.48 -5.70
CA HIS A 67 2.47 0.78 -5.86
C HIS A 67 3.90 0.58 -6.40
N ALA A 68 4.70 -0.29 -5.75
CA ALA A 68 6.10 -0.56 -6.08
C ALA A 68 6.34 -0.97 -7.54
N LYS A 69 5.36 -1.64 -8.16
CA LYS A 69 5.43 -2.05 -9.58
C LYS A 69 5.51 -0.84 -10.51
N HIS A 70 4.79 0.24 -10.18
CA HIS A 70 4.74 1.51 -10.94
C HIS A 70 5.78 2.56 -10.52
N CYS A 71 6.18 2.58 -9.25
CA CYS A 71 7.13 3.54 -8.67
C CYS A 71 8.51 3.44 -9.36
N GLN A 72 9.14 4.60 -9.60
CA GLN A 72 10.42 4.76 -10.30
C GLN A 72 11.44 5.63 -9.53
N GLU A 73 11.08 6.13 -8.35
CA GLU A 73 11.95 6.94 -7.48
C GLU A 73 13.11 6.09 -6.91
N ASN A 74 14.29 6.71 -6.75
CA ASN A 74 15.50 6.02 -6.27
C ASN A 74 15.38 5.53 -4.82
N LYS A 75 14.91 6.42 -3.92
CA LYS A 75 14.71 6.18 -2.48
C LYS A 75 13.33 6.72 -2.05
N CYS A 76 12.27 6.03 -2.46
CA CYS A 76 10.88 6.42 -2.21
C CYS A 76 10.49 6.47 -0.71
N PRO A 77 9.59 7.40 -0.32
CA PRO A 77 9.11 7.57 1.04
C PRO A 77 8.42 6.35 1.66
N VAL A 78 7.74 5.50 0.88
CA VAL A 78 7.00 4.32 1.37
C VAL A 78 8.01 3.28 1.93
N PRO A 79 7.80 2.73 3.15
CA PRO A 79 8.75 1.82 3.80
C PRO A 79 8.96 0.50 3.06
N PHE A 80 7.90 -0.15 2.57
CA PHE A 80 8.03 -1.44 1.88
C PHE A 80 8.44 -1.28 0.41
N CYS A 81 7.99 -0.22 -0.28
CA CYS A 81 8.24 0.02 -1.69
C CYS A 81 9.71 -0.21 -2.09
N LEU A 82 10.65 0.40 -1.37
CA LEU A 82 12.08 0.28 -1.66
C LEU A 82 12.56 -1.19 -1.68
N ASN A 83 12.14 -1.98 -0.68
CA ASN A 83 12.43 -3.41 -0.59
C ASN A 83 11.78 -4.19 -1.76
N ILE A 84 10.49 -3.90 -2.02
CA ILE A 84 9.71 -4.52 -3.09
C ILE A 84 10.33 -4.20 -4.46
N LYS A 85 10.75 -2.95 -4.72
CA LYS A 85 11.44 -2.53 -5.95
C LYS A 85 12.76 -3.28 -6.10
N HIS A 86 13.58 -3.38 -5.04
CA HIS A 86 14.82 -4.17 -5.08
C HIS A 86 14.54 -5.63 -5.51
N LYS A 87 13.61 -6.33 -4.83
CA LYS A 87 13.28 -7.72 -5.23
C LYS A 87 12.61 -7.82 -6.61
N LEU A 88 11.79 -6.87 -7.04
CA LEU A 88 11.18 -6.86 -8.38
C LEU A 88 12.20 -6.55 -9.48
N ARG A 89 13.16 -5.64 -9.28
CA ARG A 89 14.23 -5.39 -10.26
C ARG A 89 15.16 -6.61 -10.35
N GLN A 90 15.37 -7.32 -9.22
CA GLN A 90 16.15 -8.57 -9.22
C GLN A 90 15.40 -9.74 -9.90
N GLN A 91 14.07 -9.85 -9.76
CA GLN A 91 13.24 -10.93 -10.33
C GLN A 91 12.69 -10.67 -11.75
N GLN A 92 11.93 -9.58 -11.94
CA GLN A 92 11.30 -9.19 -13.21
C GLN A 92 12.23 -8.34 -14.08
N GLY A 93 12.98 -7.40 -13.47
CA GLY A 93 13.89 -6.50 -14.18
C GLY A 93 13.18 -5.71 -15.28
N SER A 94 13.66 -5.85 -16.52
CA SER A 94 13.11 -5.18 -17.72
C SER A 94 11.83 -5.82 -18.29
N GLY A 95 11.27 -6.86 -17.66
CA GLY A 95 10.07 -7.58 -18.11
C GLY A 95 8.83 -6.67 -18.26
N SER A 96 8.18 -6.74 -19.43
CA SER A 96 7.02 -5.93 -19.83
C SER A 96 5.74 -6.16 -18.99
N GLY A 97 4.80 -5.21 -19.11
CA GLY A 97 3.49 -5.21 -18.44
C GLY A 97 2.46 -4.31 -19.14
N SER A 98 1.26 -4.21 -18.57
CA SER A 98 0.13 -3.41 -19.10
C SER A 98 -0.76 -2.88 -17.95
N GLN A 99 -1.44 -1.75 -18.15
CA GLN A 99 -2.35 -1.17 -17.16
C GLN A 99 -3.55 -2.10 -16.86
N ALA A 100 -3.97 -2.93 -17.82
CA ALA A 100 -5.05 -3.91 -17.63
C ALA A 100 -4.58 -5.18 -16.90
N MET A 101 -3.27 -5.46 -16.88
CA MET A 101 -2.65 -6.61 -16.20
C MET A 101 -1.86 -6.09 -15.00
N ASP A 102 -2.61 -5.75 -13.95
CA ASP A 102 -2.11 -5.20 -12.68
C ASP A 102 -2.31 -6.18 -11.51
N ASP A 103 -1.91 -5.80 -10.30
CA ASP A 103 -2.01 -6.62 -9.09
C ASP A 103 -3.44 -6.65 -8.50
N LEU A 104 -4.42 -7.03 -9.34
CA LEU A 104 -5.86 -7.11 -9.11
C LEU A 104 -6.34 -8.20 -8.12
N MET A 105 -5.47 -8.60 -7.19
CA MET A 105 -5.67 -9.64 -6.18
C MET A 105 -6.71 -9.32 -5.07
N LEU A 106 -7.29 -8.11 -5.07
CA LEU A 106 -8.16 -7.59 -4.01
C LEU A 106 -9.48 -6.94 -4.50
N SER A 107 -10.33 -6.53 -3.55
CA SER A 107 -11.58 -5.80 -3.79
C SER A 107 -11.43 -4.32 -3.38
N PRO A 108 -11.84 -3.35 -4.21
CA PRO A 108 -11.70 -1.93 -3.89
C PRO A 108 -12.58 -1.44 -2.74
N ASP A 109 -13.66 -2.17 -2.40
CA ASP A 109 -14.52 -1.82 -1.28
C ASP A 109 -13.95 -2.35 0.04
N ASP A 110 -12.96 -3.26 -0.02
CA ASP A 110 -12.30 -3.84 1.15
C ASP A 110 -11.11 -3.00 1.64
N ILE A 111 -10.42 -2.27 0.75
CA ILE A 111 -9.30 -1.38 1.13
C ILE A 111 -9.76 -0.30 2.13
N GLU A 112 -11.01 0.13 2.00
CA GLU A 112 -11.62 1.13 2.88
C GLU A 112 -11.93 0.55 4.29
N GLN A 113 -11.82 -0.77 4.45
CA GLN A 113 -12.06 -1.55 5.68
C GLN A 113 -10.72 -1.99 6.32
N TRP A 114 -9.65 -2.13 5.53
CA TRP A 114 -8.31 -2.53 5.96
C TRP A 114 -7.64 -1.54 6.94
N PHE A 115 -8.09 -0.29 6.97
CA PHE A 115 -7.47 0.80 7.75
C PHE A 115 -8.38 1.48 8.80
N THR A 116 -9.36 0.77 9.36
CA THR A 116 -10.33 1.27 10.36
C THR A 116 -9.75 1.61 11.75
N GLU A 117 -8.44 1.79 11.88
CA GLU A 117 -7.79 2.13 13.15
C GLU A 117 -7.95 3.62 13.55
N ASP A 118 -8.40 4.47 12.62
CA ASP A 118 -8.61 5.91 12.85
C ASP A 118 -9.77 6.19 13.86
N PRO A 119 -9.63 7.20 14.75
CA PRO A 119 -10.66 7.53 15.74
C PRO A 119 -11.91 8.18 15.12
N GLY A 120 -13.09 7.83 15.65
CA GLY A 120 -14.38 8.34 15.17
C GLY A 120 -14.74 7.90 13.73
N PRO A 121 -15.71 8.57 13.08
CA PRO A 121 -16.10 8.24 11.70
C PRO A 121 -15.03 8.67 10.69
N ASP A 122 -14.89 7.91 9.60
CA ASP A 122 -13.90 8.18 8.54
C ASP A 122 -14.26 9.43 7.70
N SER A 1 -15.57 -2.03 -17.27
CA SER A 1 -14.89 -3.11 -16.53
C SER A 1 -14.67 -2.75 -15.06
N PRO A 2 -14.71 -3.72 -14.12
CA PRO A 2 -14.49 -3.49 -12.68
C PRO A 2 -13.04 -3.12 -12.38
N GLN A 3 -12.11 -3.51 -13.26
CA GLN A 3 -10.68 -3.22 -13.17
C GLN A 3 -10.38 -1.70 -13.16
N GLU A 4 -11.22 -0.87 -13.79
CA GLU A 4 -11.08 0.58 -13.77
C GLU A 4 -11.33 1.12 -12.36
N SER A 5 -12.47 0.73 -11.77
CA SER A 5 -12.85 1.13 -10.40
C SER A 5 -11.84 0.58 -9.38
N ARG A 6 -11.34 -0.66 -9.58
CA ARG A 6 -10.28 -1.27 -8.77
C ARG A 6 -9.05 -0.37 -8.78
N ARG A 7 -8.56 -0.04 -9.98
CA ARG A 7 -7.42 0.85 -10.21
C ARG A 7 -7.64 2.21 -9.56
N LEU A 8 -8.82 2.82 -9.71
CA LEU A 8 -9.14 4.14 -9.14
C LEU A 8 -9.09 4.17 -7.60
N SER A 9 -9.77 3.25 -6.89
CA SER A 9 -9.71 3.21 -5.42
C SER A 9 -8.29 2.88 -4.94
N ILE A 10 -7.62 1.92 -5.61
CA ILE A 10 -6.22 1.59 -5.32
C ILE A 10 -5.33 2.83 -5.48
N GLN A 11 -5.43 3.58 -6.58
CA GLN A 11 -4.67 4.81 -6.81
C GLN A 11 -4.95 5.86 -5.72
N ARG A 12 -6.21 6.02 -5.28
CA ARG A 12 -6.61 6.91 -4.17
C ARG A 12 -5.81 6.56 -2.91
N CYS A 13 -5.86 5.29 -2.51
CA CYS A 13 -5.17 4.83 -1.31
C CYS A 13 -3.63 4.81 -1.49
N ILE A 14 -3.10 4.57 -2.69
CA ILE A 14 -1.67 4.63 -2.97
C ILE A 14 -1.17 6.08 -2.88
N GLN A 15 -1.90 7.03 -3.45
CA GLN A 15 -1.57 8.46 -3.32
C GLN A 15 -1.61 8.85 -1.83
N SER A 16 -2.58 8.33 -1.09
CA SER A 16 -2.70 8.58 0.36
C SER A 16 -1.57 7.93 1.17
N LEU A 17 -1.09 6.75 0.76
CA LEU A 17 0.03 6.01 1.36
C LEU A 17 1.34 6.80 1.20
N VAL A 18 1.62 7.23 -0.03
CA VAL A 18 2.81 8.03 -0.38
C VAL A 18 2.77 9.38 0.33
N HIS A 19 1.60 10.04 0.32
CA HIS A 19 1.34 11.27 1.05
C HIS A 19 1.64 11.05 2.54
N ALA A 20 1.01 10.08 3.20
CA ALA A 20 1.23 9.77 4.61
C ALA A 20 2.70 9.48 4.94
N CYS A 21 3.42 8.77 4.05
CA CYS A 21 4.82 8.46 4.25
C CYS A 21 5.71 9.72 4.13
N GLN A 22 5.33 10.71 3.30
CA GLN A 22 6.06 11.99 3.22
C GLN A 22 5.47 13.16 4.07
N CYS A 23 4.31 12.97 4.72
CA CYS A 23 3.56 14.00 5.47
C CYS A 23 4.23 14.35 6.81
N ARG A 24 4.95 15.48 6.84
CA ARG A 24 5.62 16.05 8.03
C ARG A 24 4.68 16.92 8.88
N ASN A 25 3.43 17.04 8.46
CA ASN A 25 2.33 17.80 9.05
C ASN A 25 1.48 16.97 10.05
N ALA A 26 2.03 15.84 10.54
CA ALA A 26 1.46 14.74 11.38
C ALA A 26 -0.01 14.79 11.82
N ASN A 27 -0.51 15.88 12.41
CA ASN A 27 -1.93 16.11 12.74
C ASN A 27 -2.77 16.53 11.49
N CYS A 28 -2.42 16.00 10.32
CA CYS A 28 -2.99 16.28 9.00
C CYS A 28 -4.51 16.01 8.93
N SER A 29 -5.21 16.82 8.12
CA SER A 29 -6.66 16.78 7.93
C SER A 29 -7.17 15.75 6.90
N LEU A 30 -6.28 15.13 6.11
CA LEU A 30 -6.70 14.13 5.11
C LEU A 30 -7.16 12.81 5.81
N PRO A 31 -8.26 12.18 5.37
CA PRO A 31 -8.82 10.99 6.03
C PRO A 31 -7.93 9.74 5.90
N SER A 32 -7.46 9.41 4.68
CA SER A 32 -6.61 8.25 4.45
C SER A 32 -5.15 8.48 4.86
N CYS A 33 -4.73 9.73 5.04
CA CYS A 33 -3.39 10.08 5.56
C CYS A 33 -3.28 9.55 7.00
N GLN A 34 -4.25 9.92 7.85
CA GLN A 34 -4.37 9.47 9.24
C GLN A 34 -4.42 7.93 9.35
N LYS A 35 -5.14 7.25 8.45
CA LYS A 35 -5.22 5.78 8.39
C LYS A 35 -3.88 5.15 8.02
N MET A 36 -3.24 5.63 6.95
CA MET A 36 -1.95 5.13 6.48
C MET A 36 -0.84 5.37 7.52
N LYS A 37 -0.76 6.55 8.15
CA LYS A 37 0.22 6.84 9.21
C LYS A 37 0.14 5.86 10.38
N ARG A 38 -1.07 5.44 10.77
CA ARG A 38 -1.28 4.48 11.88
C ARG A 38 -0.78 3.08 11.52
N VAL A 39 -1.06 2.60 10.31
CA VAL A 39 -0.59 1.27 9.87
C VAL A 39 0.92 1.27 9.58
N VAL A 40 1.49 2.39 9.09
CA VAL A 40 2.94 2.54 8.88
C VAL A 40 3.68 2.55 10.23
N GLN A 41 3.21 3.32 11.22
CA GLN A 41 3.83 3.32 12.55
C GLN A 41 3.67 1.96 13.24
N HIS A 42 2.54 1.27 13.02
CA HIS A 42 2.32 -0.08 13.53
C HIS A 42 3.35 -1.07 12.95
N THR A 43 3.41 -1.21 11.61
CA THR A 43 4.27 -2.19 10.94
C THR A 43 5.77 -1.99 11.23
N LYS A 44 6.21 -0.73 11.42
CA LYS A 44 7.60 -0.40 11.79
C LYS A 44 8.00 -0.99 13.16
N GLY A 45 7.03 -1.20 14.05
CA GLY A 45 7.21 -1.81 15.39
C GLY A 45 6.76 -3.28 15.47
N CYS A 46 6.18 -3.83 14.40
CA CYS A 46 5.68 -5.21 14.33
C CYS A 46 6.78 -6.27 14.15
N LYS A 47 6.38 -7.53 14.28
CA LYS A 47 7.21 -8.75 14.18
C LYS A 47 6.45 -9.96 13.62
N ARG A 48 5.12 -10.02 13.79
CA ARG A 48 4.25 -11.11 13.29
C ARG A 48 3.85 -11.00 11.82
N LYS A 49 4.11 -9.85 11.18
CA LYS A 49 3.88 -9.31 9.82
C LYS A 49 3.17 -10.19 8.75
N THR A 50 3.33 -9.89 7.46
CA THR A 50 2.71 -10.67 6.37
C THR A 50 3.27 -12.11 6.30
N ASN A 51 4.52 -12.31 6.73
CA ASN A 51 5.19 -13.62 6.76
C ASN A 51 4.58 -14.61 7.78
N GLY A 52 4.17 -14.10 8.94
CA GLY A 52 3.57 -14.90 10.02
C GLY A 52 2.05 -14.96 9.91
N GLY A 53 1.36 -13.85 10.21
CA GLY A 53 -0.11 -13.79 10.14
C GLY A 53 -0.76 -12.45 10.52
N CYS A 54 -0.03 -11.35 10.54
CA CYS A 54 -0.53 -10.02 10.88
C CYS A 54 -1.38 -9.45 9.72
N PRO A 55 -2.68 -9.16 9.92
CA PRO A 55 -3.56 -8.67 8.86
C PRO A 55 -3.30 -7.22 8.45
N VAL A 56 -2.94 -6.33 9.39
CA VAL A 56 -2.65 -4.91 9.09
C VAL A 56 -1.40 -4.80 8.21
N CYS A 57 -0.30 -5.49 8.53
CA CYS A 57 0.89 -5.53 7.68
C CYS A 57 0.53 -6.13 6.31
N LYS A 58 -0.15 -7.30 6.25
CA LYS A 58 -0.52 -7.95 4.99
C LYS A 58 -1.40 -7.10 4.08
N GLN A 59 -2.41 -6.40 4.62
CA GLN A 59 -3.27 -5.52 3.82
C GLN A 59 -2.56 -4.20 3.44
N LEU A 60 -1.58 -3.74 4.23
CA LEU A 60 -0.74 -2.60 3.86
C LEU A 60 0.18 -3.00 2.69
N ILE A 61 0.76 -4.22 2.75
CA ILE A 61 1.55 -4.83 1.68
C ILE A 61 0.74 -4.91 0.37
N ALA A 62 -0.56 -5.21 0.43
CA ALA A 62 -1.41 -5.30 -0.76
C ALA A 62 -1.38 -4.03 -1.63
N LEU A 63 -1.41 -2.84 -1.01
CA LEU A 63 -1.32 -1.57 -1.75
C LEU A 63 0.13 -1.14 -1.99
N CYS A 64 1.05 -1.36 -1.03
CA CYS A 64 2.47 -1.02 -1.21
C CYS A 64 3.11 -1.82 -2.37
N CYS A 65 2.75 -3.11 -2.53
CA CYS A 65 3.26 -3.95 -3.60
C CYS A 65 2.67 -3.56 -4.96
N TYR A 66 1.39 -3.18 -5.02
CA TYR A 66 0.79 -2.66 -6.25
C TYR A 66 1.49 -1.35 -6.65
N HIS A 67 1.72 -0.46 -5.69
CA HIS A 67 2.44 0.81 -5.85
C HIS A 67 3.87 0.57 -6.37
N ALA A 68 4.64 -0.30 -5.72
CA ALA A 68 6.04 -0.59 -6.06
C ALA A 68 6.25 -1.03 -7.53
N LYS A 69 5.28 -1.71 -8.14
CA LYS A 69 5.35 -2.12 -9.56
C LYS A 69 5.43 -0.89 -10.48
N HIS A 70 4.72 0.19 -10.13
CA HIS A 70 4.65 1.46 -10.87
C HIS A 70 5.70 2.50 -10.47
N CYS A 71 6.14 2.52 -9.21
CA CYS A 71 7.12 3.47 -8.67
C CYS A 71 8.49 3.34 -9.39
N GLN A 72 9.15 4.48 -9.59
CA GLN A 72 10.42 4.62 -10.31
C GLN A 72 11.44 5.55 -9.61
N GLU A 73 11.09 6.08 -8.44
CA GLU A 73 11.94 6.98 -7.63
C GLU A 73 13.19 6.24 -7.10
N ASN A 74 14.30 6.96 -6.87
CA ASN A 74 15.56 6.39 -6.39
C ASN A 74 15.42 5.81 -4.97
N LYS A 75 14.84 6.60 -4.05
CA LYS A 75 14.62 6.28 -2.62
C LYS A 75 13.24 6.81 -2.20
N CYS A 76 12.16 6.11 -2.58
CA CYS A 76 10.78 6.52 -2.31
C CYS A 76 10.42 6.52 -0.81
N PRO A 77 9.54 7.44 -0.37
CA PRO A 77 9.10 7.59 1.02
C PRO A 77 8.38 6.37 1.62
N VAL A 78 7.69 5.54 0.83
CA VAL A 78 6.94 4.37 1.32
C VAL A 78 7.91 3.32 1.94
N PRO A 79 7.62 2.76 3.14
CA PRO A 79 8.54 1.86 3.84
C PRO A 79 8.84 0.54 3.11
N PHE A 80 7.83 -0.13 2.54
CA PHE A 80 8.03 -1.41 1.86
C PHE A 80 8.44 -1.25 0.39
N CYS A 81 7.96 -0.20 -0.29
CA CYS A 81 8.20 0.05 -1.72
C CYS A 81 9.65 -0.19 -2.16
N LEU A 82 10.61 0.44 -1.48
CA LEU A 82 12.03 0.33 -1.83
C LEU A 82 12.54 -1.14 -1.80
N ASN A 83 12.16 -1.89 -0.77
CA ASN A 83 12.48 -3.32 -0.64
C ASN A 83 11.80 -4.13 -1.77
N ILE A 84 10.51 -3.85 -2.03
CA ILE A 84 9.72 -4.50 -3.07
C ILE A 84 10.32 -4.21 -4.46
N LYS A 85 10.70 -2.96 -4.77
CA LYS A 85 11.38 -2.58 -6.03
C LYS A 85 12.69 -3.33 -6.18
N HIS A 86 13.52 -3.41 -5.12
CA HIS A 86 14.77 -4.20 -5.16
C HIS A 86 14.50 -5.68 -5.52
N LYS A 87 13.61 -6.38 -4.79
CA LYS A 87 13.29 -7.79 -5.12
C LYS A 87 12.57 -7.94 -6.47
N LEU A 88 11.79 -6.96 -6.93
CA LEU A 88 11.14 -7.01 -8.25
C LEU A 88 12.15 -6.79 -9.38
N ARG A 89 13.08 -5.83 -9.28
CA ARG A 89 14.13 -5.63 -10.30
C ARG A 89 15.08 -6.83 -10.33
N GLN A 90 15.34 -7.47 -9.19
CA GLN A 90 16.10 -8.73 -9.14
C GLN A 90 15.34 -9.86 -9.87
N GLN A 91 14.05 -10.04 -9.57
CA GLN A 91 13.18 -11.05 -10.22
C GLN A 91 12.95 -10.81 -11.73
N GLN A 92 12.98 -9.56 -12.20
CA GLN A 92 12.79 -9.18 -13.60
C GLN A 92 13.79 -9.86 -14.55
N GLY A 93 14.97 -10.26 -14.06
CA GLY A 93 15.98 -11.00 -14.83
C GLY A 93 15.52 -12.39 -15.30
N SER A 94 14.46 -12.94 -14.69
CA SER A 94 13.85 -14.23 -15.04
C SER A 94 12.60 -14.10 -15.94
N GLY A 95 12.13 -12.87 -16.18
CA GLY A 95 10.95 -12.58 -17.02
C GLY A 95 10.41 -11.16 -16.82
N SER A 96 10.06 -10.48 -17.92
CA SER A 96 9.54 -9.10 -17.93
C SER A 96 8.03 -8.97 -17.62
N GLY A 97 7.24 -10.02 -17.88
CA GLY A 97 5.79 -10.04 -17.64
C GLY A 97 4.99 -9.05 -18.51
N SER A 98 3.84 -8.59 -17.99
CA SER A 98 2.94 -7.62 -18.63
C SER A 98 2.21 -6.77 -17.60
N GLN A 99 2.00 -5.48 -17.89
CA GLN A 99 1.27 -4.55 -17.01
C GLN A 99 -0.23 -4.89 -16.92
N ALA A 100 -0.77 -5.70 -17.84
CA ALA A 100 -2.16 -6.18 -17.78
C ALA A 100 -2.38 -7.18 -16.63
N MET A 101 -1.31 -7.89 -16.22
CA MET A 101 -1.32 -8.83 -15.10
C MET A 101 -0.60 -8.17 -13.91
N ASP A 102 -1.32 -7.26 -13.26
CA ASP A 102 -0.85 -6.47 -12.12
C ASP A 102 -1.33 -7.08 -10.78
N ASP A 103 -1.19 -6.36 -9.67
CA ASP A 103 -1.62 -6.79 -8.34
C ASP A 103 -3.16 -6.62 -8.15
N LEU A 104 -3.95 -7.10 -9.10
CA LEU A 104 -5.42 -7.06 -9.14
C LEU A 104 -6.14 -8.03 -8.17
N MET A 105 -5.36 -8.61 -7.26
CA MET A 105 -5.66 -9.59 -6.22
C MET A 105 -6.68 -9.17 -5.13
N LEU A 106 -7.33 -8.01 -5.24
CA LEU A 106 -8.21 -7.43 -4.22
C LEU A 106 -9.50 -6.77 -4.78
N SER A 107 -10.33 -6.19 -3.90
CA SER A 107 -11.57 -5.46 -4.24
C SER A 107 -11.49 -4.00 -3.78
N PRO A 108 -11.88 -3.00 -4.61
CA PRO A 108 -11.81 -1.58 -4.26
C PRO A 108 -12.67 -1.16 -3.06
N ASP A 109 -13.78 -1.85 -2.79
CA ASP A 109 -14.64 -1.53 -1.64
C ASP A 109 -14.11 -2.18 -0.35
N ASP A 110 -13.16 -3.12 -0.46
CA ASP A 110 -12.56 -3.81 0.67
C ASP A 110 -11.34 -3.07 1.22
N ILE A 111 -10.59 -2.32 0.40
CA ILE A 111 -9.43 -1.52 0.84
C ILE A 111 -9.82 -0.53 1.94
N GLU A 112 -11.04 0.02 1.86
CA GLU A 112 -11.57 0.98 2.83
C GLU A 112 -11.99 0.31 4.16
N GLN A 113 -12.02 -1.03 4.21
CA GLN A 113 -12.37 -1.85 5.38
C GLN A 113 -11.09 -2.34 6.09
N TRP A 114 -10.03 -2.64 5.33
CA TRP A 114 -8.73 -3.10 5.83
C TRP A 114 -8.13 -2.21 6.93
N PHE A 115 -8.30 -0.89 6.77
CA PHE A 115 -7.75 0.11 7.70
C PHE A 115 -8.54 0.31 8.99
N THR A 116 -9.66 -0.40 9.19
CA THR A 116 -10.40 -0.38 10.47
C THR A 116 -9.64 -1.08 11.60
N GLU A 117 -8.65 -1.91 11.24
CA GLU A 117 -7.80 -2.67 12.18
C GLU A 117 -6.59 -1.87 12.71
N ASP A 118 -6.46 -0.60 12.32
CA ASP A 118 -5.36 0.29 12.70
C ASP A 118 -5.39 0.72 14.21
N PRO A 119 -4.23 0.99 14.84
CA PRO A 119 -4.18 1.41 16.24
C PRO A 119 -4.76 2.82 16.43
N GLY A 120 -5.41 3.07 17.59
CA GLY A 120 -6.01 4.38 17.93
C GLY A 120 -6.87 4.35 19.20
N PRO A 121 -7.37 5.52 19.65
CA PRO A 121 -8.22 5.65 20.83
C PRO A 121 -9.64 5.10 20.61
N ASP A 122 -10.34 4.82 21.71
CA ASP A 122 -11.71 4.30 21.74
C ASP A 122 -12.51 4.84 22.95
N SER A 1 -16.01 0.37 -15.89
CA SER A 1 -15.75 -1.04 -15.60
C SER A 1 -15.38 -1.28 -14.13
N PRO A 2 -15.63 -2.49 -13.57
CA PRO A 2 -15.25 -2.83 -12.20
C PRO A 2 -13.71 -2.89 -12.07
N GLN A 3 -13.02 -3.16 -13.17
CA GLN A 3 -11.56 -3.16 -13.29
C GLN A 3 -10.99 -1.75 -13.11
N GLU A 4 -11.54 -0.76 -13.82
CA GLU A 4 -11.11 0.63 -13.67
C GLU A 4 -11.49 1.14 -12.28
N SER A 5 -12.68 0.81 -11.78
CA SER A 5 -13.09 1.19 -10.41
C SER A 5 -12.12 0.62 -9.36
N ARG A 6 -11.63 -0.62 -9.57
CA ARG A 6 -10.60 -1.24 -8.72
C ARG A 6 -9.35 -0.39 -8.76
N ARG A 7 -8.83 -0.12 -9.96
CA ARG A 7 -7.64 0.71 -10.14
C ARG A 7 -7.79 2.11 -9.53
N LEU A 8 -8.92 2.79 -9.70
CA LEU A 8 -9.15 4.13 -9.15
C LEU A 8 -9.18 4.13 -7.62
N SER A 9 -9.81 3.14 -6.98
CA SER A 9 -9.79 3.01 -5.50
C SER A 9 -8.36 2.69 -5.01
N ILE A 10 -7.68 1.76 -5.69
CA ILE A 10 -6.28 1.41 -5.42
C ILE A 10 -5.40 2.66 -5.52
N GLN A 11 -5.51 3.44 -6.61
CA GLN A 11 -4.74 4.68 -6.80
C GLN A 11 -5.05 5.71 -5.72
N ARG A 12 -6.32 5.87 -5.31
CA ARG A 12 -6.75 6.74 -4.20
C ARG A 12 -5.96 6.40 -2.93
N CYS A 13 -5.97 5.12 -2.56
CA CYS A 13 -5.26 4.69 -1.35
C CYS A 13 -3.73 4.68 -1.51
N ILE A 14 -3.18 4.40 -2.70
CA ILE A 14 -1.73 4.48 -2.97
C ILE A 14 -1.25 5.94 -2.89
N GLN A 15 -2.01 6.89 -3.43
CA GLN A 15 -1.69 8.32 -3.31
C GLN A 15 -1.78 8.73 -1.83
N SER A 16 -2.78 8.25 -1.10
CA SER A 16 -2.89 8.49 0.35
C SER A 16 -1.72 7.87 1.14
N LEU A 17 -1.20 6.72 0.71
CA LEU A 17 -0.07 6.00 1.30
C LEU A 17 1.26 6.75 1.10
N VAL A 18 1.60 7.13 -0.14
CA VAL A 18 2.83 7.89 -0.41
C VAL A 18 2.76 9.28 0.23
N HIS A 19 1.56 9.89 0.21
CA HIS A 19 1.30 11.16 0.89
C HIS A 19 1.58 10.97 2.39
N ALA A 20 0.97 9.99 3.05
CA ALA A 20 1.17 9.73 4.48
C ALA A 20 2.65 9.49 4.85
N CYS A 21 3.38 8.77 4.00
CA CYS A 21 4.79 8.50 4.23
C CYS A 21 5.65 9.78 4.08
N GLN A 22 5.31 10.69 3.16
CA GLN A 22 6.02 11.99 3.03
C GLN A 22 5.42 13.17 3.83
N CYS A 23 4.27 12.98 4.49
CA CYS A 23 3.52 14.01 5.23
C CYS A 23 4.17 14.39 6.58
N ARG A 24 4.89 15.54 6.59
CA ARG A 24 5.55 16.14 7.77
C ARG A 24 4.61 17.10 8.54
N ASN A 25 3.37 17.22 8.06
CA ASN A 25 2.28 18.08 8.54
C ASN A 25 1.39 17.41 9.63
N ALA A 26 1.88 16.34 10.29
CA ALA A 26 1.28 15.42 11.27
C ALA A 26 -0.21 15.58 11.70
N ASN A 27 -0.67 16.76 12.11
CA ASN A 27 -2.08 17.07 12.38
C ASN A 27 -2.88 17.31 11.07
N CYS A 28 -2.52 16.60 9.99
CA CYS A 28 -3.07 16.67 8.64
C CYS A 28 -4.58 16.36 8.60
N SER A 29 -5.32 17.10 7.77
CA SER A 29 -6.77 17.00 7.60
C SER A 29 -7.25 15.89 6.65
N LEU A 30 -6.36 15.23 5.91
CA LEU A 30 -6.74 14.14 4.99
C LEU A 30 -7.15 12.87 5.78
N PRO A 31 -8.28 12.21 5.44
CA PRO A 31 -8.77 11.04 6.18
C PRO A 31 -7.87 9.80 6.03
N SER A 32 -7.48 9.44 4.81
CA SER A 32 -6.63 8.27 4.55
C SER A 32 -5.15 8.50 4.89
N CYS A 33 -4.73 9.76 5.09
CA CYS A 33 -3.38 10.11 5.55
C CYS A 33 -3.19 9.56 6.99
N GLN A 34 -4.09 9.96 7.89
CA GLN A 34 -4.13 9.51 9.28
C GLN A 34 -4.23 7.97 9.40
N LYS A 35 -5.02 7.33 8.54
CA LYS A 35 -5.16 5.86 8.47
C LYS A 35 -3.85 5.19 8.04
N MET A 36 -3.24 5.66 6.95
CA MET A 36 -1.98 5.11 6.44
C MET A 36 -0.82 5.31 7.43
N LYS A 37 -0.71 6.49 8.08
CA LYS A 37 0.34 6.72 9.10
C LYS A 37 0.27 5.72 10.25
N ARG A 38 -0.94 5.39 10.74
CA ARG A 38 -1.13 4.42 11.83
C ARG A 38 -0.69 3.02 11.46
N VAL A 39 -1.03 2.54 10.26
CA VAL A 39 -0.58 1.20 9.81
C VAL A 39 0.93 1.17 9.51
N VAL A 40 1.51 2.27 9.02
CA VAL A 40 2.97 2.41 8.79
C VAL A 40 3.71 2.41 10.14
N GLN A 41 3.26 3.20 11.11
CA GLN A 41 3.86 3.25 12.45
C GLN A 41 3.73 1.88 13.17
N HIS A 42 2.62 1.17 12.95
CA HIS A 42 2.40 -0.17 13.49
C HIS A 42 3.41 -1.16 12.89
N THR A 43 3.43 -1.33 11.56
CA THR A 43 4.27 -2.32 10.88
C THR A 43 5.78 -2.13 11.14
N LYS A 44 6.24 -0.87 11.31
CA LYS A 44 7.64 -0.55 11.64
C LYS A 44 8.08 -1.16 13.00
N GLY A 45 7.13 -1.42 13.90
CA GLY A 45 7.35 -2.05 15.21
C GLY A 45 6.83 -3.49 15.32
N CYS A 46 6.25 -4.06 14.26
CA CYS A 46 5.67 -5.39 14.23
C CYS A 46 6.71 -6.51 13.97
N LYS A 47 6.49 -7.67 14.62
CA LYS A 47 7.29 -8.90 14.54
C LYS A 47 6.50 -10.12 14.02
N ARG A 48 5.20 -9.95 13.73
CA ARG A 48 4.28 -11.01 13.26
C ARG A 48 3.72 -10.81 11.85
N LYS A 49 4.30 -9.87 11.08
CA LYS A 49 4.06 -9.38 9.70
C LYS A 49 3.48 -10.36 8.66
N THR A 50 3.32 -9.96 7.40
CA THR A 50 2.79 -10.83 6.32
C THR A 50 3.43 -12.23 6.24
N ASN A 51 4.72 -12.35 6.62
CA ASN A 51 5.47 -13.61 6.69
C ASN A 51 4.98 -14.58 7.80
N GLY A 52 4.38 -14.03 8.86
CA GLY A 52 3.82 -14.75 10.01
C GLY A 52 2.31 -14.90 9.87
N GLY A 53 1.55 -13.84 10.19
CA GLY A 53 0.08 -13.83 10.08
C GLY A 53 -0.65 -12.52 10.37
N CYS A 54 0.07 -11.41 10.63
CA CYS A 54 -0.51 -10.11 10.96
C CYS A 54 -1.37 -9.55 9.79
N PRO A 55 -2.67 -9.28 10.00
CA PRO A 55 -3.56 -8.81 8.94
C PRO A 55 -3.31 -7.37 8.51
N VAL A 56 -2.91 -6.47 9.42
CA VAL A 56 -2.64 -5.06 9.07
C VAL A 56 -1.40 -4.95 8.18
N CYS A 57 -0.28 -5.61 8.51
CA CYS A 57 0.90 -5.66 7.65
C CYS A 57 0.54 -6.29 6.29
N LYS A 58 -0.09 -7.47 6.28
CA LYS A 58 -0.49 -8.16 5.02
C LYS A 58 -1.40 -7.32 4.12
N GLN A 59 -2.40 -6.63 4.67
CA GLN A 59 -3.29 -5.75 3.89
C GLN A 59 -2.60 -4.45 3.46
N LEU A 60 -1.63 -3.95 4.23
CA LEU A 60 -0.81 -2.79 3.83
C LEU A 60 0.09 -3.18 2.65
N ILE A 61 0.74 -4.37 2.73
CA ILE A 61 1.56 -4.94 1.66
C ILE A 61 0.82 -4.99 0.32
N ALA A 62 -0.50 -5.27 0.33
CA ALA A 62 -1.29 -5.36 -0.89
C ALA A 62 -1.24 -4.06 -1.73
N LEU A 63 -1.38 -2.90 -1.09
CA LEU A 63 -1.29 -1.61 -1.81
C LEU A 63 0.17 -1.19 -2.02
N CYS A 64 1.07 -1.43 -1.06
CA CYS A 64 2.49 -1.10 -1.22
C CYS A 64 3.13 -1.88 -2.39
N CYS A 65 2.77 -3.16 -2.58
CA CYS A 65 3.28 -3.96 -3.71
C CYS A 65 2.72 -3.47 -5.04
N TYR A 66 1.42 -3.15 -5.11
CA TYR A 66 0.82 -2.57 -6.33
C TYR A 66 1.53 -1.25 -6.68
N HIS A 67 1.78 -0.39 -5.69
CA HIS A 67 2.51 0.87 -5.82
C HIS A 67 3.94 0.66 -6.34
N ALA A 68 4.71 -0.21 -5.69
CA ALA A 68 6.11 -0.48 -5.99
C ALA A 68 6.39 -0.94 -7.43
N LYS A 69 5.41 -1.59 -8.09
CA LYS A 69 5.53 -2.00 -9.50
C LYS A 69 5.67 -0.78 -10.42
N HIS A 70 4.95 0.31 -10.12
CA HIS A 70 4.95 1.56 -10.88
C HIS A 70 6.00 2.58 -10.41
N CYS A 71 6.32 2.59 -9.12
CA CYS A 71 7.34 3.47 -8.54
C CYS A 71 8.74 3.12 -9.11
N GLN A 72 9.50 4.16 -9.48
CA GLN A 72 10.84 4.07 -10.10
C GLN A 72 11.88 4.94 -9.36
N GLU A 73 11.51 5.49 -8.21
CA GLU A 73 12.35 6.37 -7.38
C GLU A 73 13.60 5.64 -6.80
N ASN A 74 14.63 6.42 -6.46
CA ASN A 74 15.88 5.91 -5.88
C ASN A 74 15.73 5.44 -4.42
N LYS A 75 15.08 6.26 -3.58
CA LYS A 75 14.87 6.08 -2.13
C LYS A 75 13.48 6.61 -1.73
N CYS A 76 12.43 5.92 -2.16
CA CYS A 76 11.03 6.31 -1.94
C CYS A 76 10.62 6.31 -0.44
N PRO A 77 9.74 7.25 -0.04
CA PRO A 77 9.24 7.40 1.33
C PRO A 77 8.44 6.21 1.88
N VAL A 78 7.77 5.41 1.05
CA VAL A 78 6.96 4.25 1.50
C VAL A 78 7.88 3.18 2.11
N PRO A 79 7.54 2.58 3.29
CA PRO A 79 8.43 1.65 4.00
C PRO A 79 8.77 0.37 3.23
N PHE A 80 7.79 -0.28 2.60
CA PHE A 80 8.01 -1.53 1.87
C PHE A 80 8.43 -1.32 0.42
N CYS A 81 8.00 -0.22 -0.22
CA CYS A 81 8.26 0.06 -1.63
C CYS A 81 9.73 -0.14 -2.01
N LEU A 82 10.66 0.48 -1.28
CA LEU A 82 12.09 0.37 -1.56
C LEU A 82 12.58 -1.10 -1.61
N ASN A 83 12.20 -1.92 -0.63
CA ASN A 83 12.51 -3.34 -0.59
C ASN A 83 11.87 -4.10 -1.76
N ILE A 84 10.57 -3.89 -1.99
CA ILE A 84 9.80 -4.50 -3.08
C ILE A 84 10.40 -4.14 -4.44
N LYS A 85 10.75 -2.86 -4.67
CA LYS A 85 11.42 -2.40 -5.89
C LYS A 85 12.74 -3.12 -6.06
N HIS A 86 13.63 -3.16 -5.06
CA HIS A 86 14.89 -3.88 -5.21
C HIS A 86 14.69 -5.37 -5.59
N LYS A 87 13.82 -6.12 -4.90
CA LYS A 87 13.57 -7.52 -5.28
C LYS A 87 12.91 -7.64 -6.67
N LEU A 88 11.99 -6.76 -7.05
CA LEU A 88 11.39 -6.76 -8.40
C LEU A 88 12.41 -6.39 -9.48
N ARG A 89 13.35 -5.47 -9.20
CA ARG A 89 14.46 -5.08 -10.09
C ARG A 89 15.39 -6.27 -10.32
N GLN A 90 15.69 -7.05 -9.26
CA GLN A 90 16.50 -8.27 -9.38
C GLN A 90 15.76 -9.44 -10.04
N GLN A 91 14.44 -9.55 -9.87
CA GLN A 91 13.61 -10.63 -10.43
C GLN A 91 13.08 -10.35 -11.85
N GLN A 92 12.18 -9.38 -12.00
CA GLN A 92 11.53 -9.02 -13.27
C GLN A 92 12.28 -7.95 -14.09
N GLY A 93 12.88 -6.97 -13.39
CA GLY A 93 13.59 -5.83 -14.00
C GLY A 93 12.67 -4.71 -14.55
N SER A 94 11.34 -4.87 -14.42
CA SER A 94 10.30 -3.93 -14.88
C SER A 94 8.99 -4.12 -14.11
N GLY A 95 8.03 -3.21 -14.28
CA GLY A 95 6.71 -3.27 -13.61
C GLY A 95 5.60 -2.41 -14.23
N SER A 96 5.83 -1.84 -15.42
CA SER A 96 4.87 -1.00 -16.16
C SER A 96 4.11 -1.80 -17.24
N GLY A 97 2.96 -1.28 -17.69
CA GLY A 97 2.09 -1.90 -18.70
C GLY A 97 0.71 -1.25 -18.81
N SER A 98 -0.24 -1.95 -19.43
CA SER A 98 -1.64 -1.51 -19.62
C SER A 98 -2.37 -1.37 -18.28
N GLN A 99 -3.30 -0.40 -18.18
CA GLN A 99 -4.13 -0.17 -16.99
C GLN A 99 -4.99 -1.39 -16.61
N ALA A 100 -5.27 -2.30 -17.56
CA ALA A 100 -6.03 -3.53 -17.35
C ALA A 100 -5.16 -4.73 -16.89
N MET A 101 -3.83 -4.63 -17.03
CA MET A 101 -2.86 -5.66 -16.65
C MET A 101 -2.05 -5.17 -15.44
N ASP A 102 -2.69 -5.24 -14.28
CA ASP A 102 -2.16 -4.80 -12.98
C ASP A 102 -2.38 -5.86 -11.89
N ASP A 103 -1.94 -5.59 -10.66
CA ASP A 103 -2.03 -6.53 -9.52
C ASP A 103 -3.45 -6.59 -8.92
N LEU A 104 -4.42 -7.05 -9.71
CA LEU A 104 -5.85 -7.17 -9.39
C LEU A 104 -6.25 -8.26 -8.37
N MET A 105 -5.35 -8.59 -7.45
CA MET A 105 -5.51 -9.62 -6.42
C MET A 105 -6.54 -9.33 -5.29
N LEU A 106 -7.18 -8.15 -5.32
CA LEU A 106 -8.07 -7.64 -4.26
C LEU A 106 -9.38 -7.03 -4.77
N SER A 107 -10.24 -6.60 -3.85
CA SER A 107 -11.51 -5.89 -4.12
C SER A 107 -11.42 -4.43 -3.64
N PRO A 108 -11.86 -3.43 -4.44
CA PRO A 108 -11.78 -2.03 -4.04
C PRO A 108 -12.65 -1.65 -2.85
N ASP A 109 -13.73 -2.39 -2.58
CA ASP A 109 -14.58 -2.13 -1.42
C ASP A 109 -13.99 -2.76 -0.15
N ASP A 110 -12.97 -3.63 -0.28
CA ASP A 110 -12.29 -4.27 0.84
C ASP A 110 -11.13 -3.40 1.36
N ILE A 111 -10.46 -2.61 0.50
CA ILE A 111 -9.39 -1.68 0.93
C ILE A 111 -9.95 -0.64 1.92
N GLU A 112 -11.23 -0.30 1.77
CA GLU A 112 -11.95 0.63 2.63
C GLU A 112 -12.28 0.01 4.01
N GLN A 113 -12.07 -1.31 4.17
CA GLN A 113 -12.26 -2.10 5.39
C GLN A 113 -10.92 -2.39 6.08
N TRP A 114 -9.84 -2.55 5.30
CA TRP A 114 -8.47 -2.82 5.77
C TRP A 114 -7.94 -1.78 6.78
N PHE A 115 -8.50 -0.55 6.74
CA PHE A 115 -8.13 0.59 7.58
C PHE A 115 -9.28 1.09 8.50
N THR A 116 -10.35 0.31 8.64
CA THR A 116 -11.56 0.66 9.42
C THR A 116 -11.86 -0.39 10.48
N GLU A 117 -12.00 0.03 11.75
CA GLU A 117 -12.28 -0.84 12.90
C GLU A 117 -13.60 -0.53 13.62
N ASP A 118 -14.26 0.58 13.28
CA ASP A 118 -15.54 1.02 13.84
C ASP A 118 -16.75 0.61 12.96
N PRO A 119 -17.93 0.34 13.54
CA PRO A 119 -19.12 -0.05 12.78
C PRO A 119 -19.69 1.09 11.92
N GLY A 120 -20.19 0.76 10.73
CA GLY A 120 -20.78 1.71 9.79
C GLY A 120 -22.23 2.13 10.15
N PRO A 121 -22.78 3.16 9.48
CA PRO A 121 -24.14 3.66 9.71
C PRO A 121 -25.22 2.69 9.21
N ASP A 122 -26.43 2.80 9.76
CA ASP A 122 -27.59 1.97 9.40
C ASP A 122 -28.10 2.27 7.98
N SER A 1 -15.83 -1.12 -17.14
CA SER A 1 -15.12 -2.26 -16.56
C SER A 1 -14.89 -2.13 -15.04
N PRO A 2 -14.94 -3.24 -14.27
CA PRO A 2 -14.70 -3.21 -12.82
C PRO A 2 -13.23 -2.89 -12.49
N GLN A 3 -12.32 -3.22 -13.41
CA GLN A 3 -10.89 -2.96 -13.31
C GLN A 3 -10.59 -1.44 -13.25
N GLU A 4 -11.40 -0.58 -13.86
CA GLU A 4 -11.23 0.87 -13.77
C GLU A 4 -11.57 1.37 -12.37
N SER A 5 -12.71 0.93 -11.80
CA SER A 5 -13.12 1.28 -10.44
C SER A 5 -12.11 0.76 -9.40
N ARG A 6 -11.61 -0.46 -9.62
CA ARG A 6 -10.56 -1.10 -8.80
C ARG A 6 -9.28 -0.27 -8.83
N ARG A 7 -8.80 0.09 -10.03
CA ARG A 7 -7.63 0.93 -10.24
C ARG A 7 -7.81 2.30 -9.58
N LEU A 8 -8.96 2.95 -9.74
CA LEU A 8 -9.28 4.26 -9.13
C LEU A 8 -9.20 4.22 -7.59
N SER A 9 -9.84 3.24 -6.94
CA SER A 9 -9.81 3.09 -5.46
C SER A 9 -8.39 2.79 -4.95
N ILE A 10 -7.70 1.84 -5.60
CA ILE A 10 -6.31 1.50 -5.30
C ILE A 10 -5.41 2.74 -5.48
N GLN A 11 -5.53 3.49 -6.58
CA GLN A 11 -4.75 4.72 -6.80
C GLN A 11 -5.04 5.78 -5.72
N ARG A 12 -6.30 5.94 -5.30
CA ARG A 12 -6.72 6.83 -4.19
C ARG A 12 -5.92 6.48 -2.93
N CYS A 13 -5.95 5.20 -2.54
CA CYS A 13 -5.25 4.75 -1.35
C CYS A 13 -3.71 4.74 -1.52
N ILE A 14 -3.17 4.48 -2.72
CA ILE A 14 -1.73 4.55 -2.99
C ILE A 14 -1.22 5.99 -2.89
N GLN A 15 -1.96 6.96 -3.44
CA GLN A 15 -1.63 8.37 -3.31
C GLN A 15 -1.70 8.76 -1.82
N SER A 16 -2.72 8.28 -1.10
CA SER A 16 -2.84 8.49 0.36
C SER A 16 -1.67 7.86 1.14
N LEU A 17 -1.14 6.71 0.70
CA LEU A 17 -0.02 6.00 1.32
C LEU A 17 1.30 6.74 1.12
N VAL A 18 1.63 7.15 -0.11
CA VAL A 18 2.86 7.92 -0.39
C VAL A 18 2.77 9.31 0.27
N HIS A 19 1.57 9.91 0.29
CA HIS A 19 1.32 11.16 1.01
C HIS A 19 1.61 10.94 2.49
N ALA A 20 1.00 9.93 3.13
CA ALA A 20 1.21 9.65 4.55
C ALA A 20 2.68 9.38 4.91
N CYS A 21 3.42 8.71 4.02
CA CYS A 21 4.84 8.44 4.26
C CYS A 21 5.69 9.73 4.12
N GLN A 22 5.34 10.66 3.21
CA GLN A 22 6.06 11.95 3.07
C GLN A 22 5.45 13.13 3.90
N CYS A 23 4.31 12.94 4.57
CA CYS A 23 3.57 13.97 5.30
C CYS A 23 4.30 14.41 6.59
N ARG A 24 4.98 15.56 6.51
CA ARG A 24 5.73 16.19 7.63
C ARG A 24 4.81 17.01 8.56
N ASN A 25 3.52 17.06 8.25
CA ASN A 25 2.44 17.76 8.94
C ASN A 25 1.62 16.82 9.86
N ALA A 26 2.17 15.64 10.21
CA ALA A 26 1.65 14.47 10.96
C ALA A 26 0.20 14.49 11.50
N ASN A 27 -0.23 15.53 12.23
CA ASN A 27 -1.61 15.75 12.67
C ASN A 27 -2.52 16.28 11.51
N CYS A 28 -2.26 15.82 10.29
CA CYS A 28 -2.88 16.16 9.01
C CYS A 28 -4.42 15.96 9.01
N SER A 29 -5.11 16.79 8.23
CA SER A 29 -6.58 16.79 8.10
C SER A 29 -7.14 15.81 7.06
N LEU A 30 -6.30 15.21 6.20
CA LEU A 30 -6.76 14.23 5.20
C LEU A 30 -7.21 12.92 5.89
N PRO A 31 -8.34 12.30 5.45
CA PRO A 31 -8.86 11.10 6.09
C PRO A 31 -7.98 9.86 5.90
N SER A 32 -7.57 9.55 4.66
CA SER A 32 -6.73 8.38 4.38
C SER A 32 -5.26 8.57 4.76
N CYS A 33 -4.81 9.82 4.99
CA CYS A 33 -3.47 10.12 5.51
C CYS A 33 -3.36 9.53 6.93
N GLN A 34 -4.31 9.89 7.80
CA GLN A 34 -4.42 9.38 9.17
C GLN A 34 -4.56 7.85 9.21
N LYS A 35 -5.35 7.25 8.30
CA LYS A 35 -5.52 5.79 8.19
C LYS A 35 -4.20 5.09 7.79
N MET A 36 -3.46 5.64 6.84
CA MET A 36 -2.17 5.09 6.40
C MET A 36 -1.08 5.32 7.47
N LYS A 37 -1.00 6.50 8.10
CA LYS A 37 -0.02 6.77 9.18
C LYS A 37 -0.16 5.81 10.34
N ARG A 38 -1.38 5.38 10.68
CA ARG A 38 -1.63 4.38 11.74
C ARG A 38 -0.98 3.04 11.40
N VAL A 39 -1.22 2.52 10.19
CA VAL A 39 -0.65 1.23 9.76
C VAL A 39 0.85 1.29 9.48
N VAL A 40 1.36 2.41 8.94
CA VAL A 40 2.79 2.63 8.70
C VAL A 40 3.56 2.71 10.02
N GLN A 41 3.03 3.37 11.05
CA GLN A 41 3.68 3.41 12.37
C GLN A 41 3.59 2.04 13.07
N HIS A 42 2.47 1.33 12.93
CA HIS A 42 2.28 -0.02 13.49
C HIS A 42 3.33 -1.00 12.92
N THR A 43 3.40 -1.15 11.60
CA THR A 43 4.26 -2.13 10.93
C THR A 43 5.76 -1.94 11.21
N LYS A 44 6.21 -0.71 11.48
CA LYS A 44 7.60 -0.39 11.85
C LYS A 44 8.00 -0.98 13.21
N GLY A 45 7.02 -1.18 14.11
CA GLY A 45 7.19 -1.79 15.43
C GLY A 45 6.80 -3.28 15.48
N CYS A 46 6.11 -3.79 14.45
CA CYS A 46 5.64 -5.15 14.34
C CYS A 46 6.76 -6.19 14.12
N LYS A 47 6.50 -7.43 14.56
CA LYS A 47 7.40 -8.59 14.49
C LYS A 47 6.74 -9.83 13.87
N ARG A 48 5.49 -9.72 13.38
CA ARG A 48 4.68 -10.80 12.75
C ARG A 48 4.17 -10.47 11.34
N LYS A 49 4.75 -9.44 10.70
CA LYS A 49 4.48 -8.95 9.34
C LYS A 49 4.15 -10.07 8.36
N THR A 50 3.20 -9.86 7.45
CA THR A 50 2.64 -10.76 6.39
C THR A 50 3.19 -12.20 6.28
N ASN A 51 4.51 -12.38 6.14
CA ASN A 51 5.25 -13.64 6.16
C ASN A 51 4.86 -14.55 7.35
N GLY A 52 4.66 -13.94 8.53
CA GLY A 52 4.24 -14.59 9.77
C GLY A 52 2.72 -14.80 9.80
N GLY A 53 1.97 -13.71 10.01
CA GLY A 53 0.50 -13.77 10.03
C GLY A 53 -0.27 -12.45 10.28
N CYS A 54 0.41 -11.33 10.50
CA CYS A 54 -0.21 -10.03 10.79
C CYS A 54 -1.12 -9.52 9.65
N PRO A 55 -2.43 -9.30 9.88
CA PRO A 55 -3.35 -8.86 8.84
C PRO A 55 -3.18 -7.39 8.47
N VAL A 56 -2.85 -6.49 9.40
CA VAL A 56 -2.64 -5.06 9.11
C VAL A 56 -1.41 -4.87 8.22
N CYS A 57 -0.28 -5.51 8.51
CA CYS A 57 0.89 -5.51 7.64
C CYS A 57 0.54 -6.09 6.27
N LYS A 58 -0.15 -7.25 6.21
CA LYS A 58 -0.57 -7.89 4.95
C LYS A 58 -1.46 -7.00 4.07
N GLN A 59 -2.47 -6.34 4.65
CA GLN A 59 -3.37 -5.42 3.94
C GLN A 59 -2.61 -4.17 3.45
N LEU A 60 -1.63 -3.69 4.22
CA LEU A 60 -0.75 -2.58 3.82
C LEU A 60 0.19 -3.02 2.68
N ILE A 61 0.72 -4.25 2.74
CA ILE A 61 1.58 -4.86 1.70
C ILE A 61 0.83 -4.96 0.38
N ALA A 62 -0.47 -5.27 0.37
CA ALA A 62 -1.24 -5.38 -0.87
C ALA A 62 -1.20 -4.08 -1.70
N LEU A 63 -1.51 -2.93 -1.10
CA LEU A 63 -1.42 -1.65 -1.81
C LEU A 63 0.04 -1.22 -2.02
N CYS A 64 0.94 -1.51 -1.08
CA CYS A 64 2.36 -1.16 -1.24
C CYS A 64 3.01 -1.93 -2.41
N CYS A 65 2.66 -3.21 -2.61
CA CYS A 65 3.16 -4.01 -3.72
C CYS A 65 2.59 -3.48 -5.05
N TYR A 66 1.31 -3.14 -5.09
CA TYR A 66 0.70 -2.51 -6.27
C TYR A 66 1.42 -1.17 -6.59
N HIS A 67 1.70 -0.35 -5.57
CA HIS A 67 2.45 0.92 -5.69
C HIS A 67 3.88 0.72 -6.22
N ALA A 68 4.66 -0.15 -5.58
CA ALA A 68 6.07 -0.41 -5.89
C ALA A 68 6.33 -0.78 -7.35
N LYS A 69 5.39 -1.47 -8.00
CA LYS A 69 5.48 -1.85 -9.42
C LYS A 69 5.59 -0.62 -10.32
N HIS A 70 4.85 0.44 -9.99
CA HIS A 70 4.79 1.72 -10.73
C HIS A 70 5.81 2.78 -10.28
N CYS A 71 6.25 2.76 -9.02
CA CYS A 71 7.19 3.73 -8.45
C CYS A 71 8.58 3.65 -9.15
N GLN A 72 9.17 4.83 -9.44
CA GLN A 72 10.44 4.99 -10.16
C GLN A 72 11.48 5.85 -9.41
N GLU A 73 11.21 6.24 -8.17
CA GLU A 73 12.12 7.04 -7.34
C GLU A 73 13.33 6.23 -6.86
N ASN A 74 14.49 6.87 -6.69
CA ASN A 74 15.73 6.20 -6.26
C ASN A 74 15.66 5.67 -4.81
N LYS A 75 15.03 6.45 -3.90
CA LYS A 75 14.82 6.15 -2.48
C LYS A 75 13.45 6.70 -2.03
N CYS A 76 12.37 6.00 -2.40
CA CYS A 76 10.99 6.42 -2.10
C CYS A 76 10.68 6.44 -0.58
N PRO A 77 9.83 7.40 -0.14
CA PRO A 77 9.42 7.56 1.26
C PRO A 77 8.65 6.37 1.86
N VAL A 78 7.96 5.54 1.06
CA VAL A 78 7.17 4.40 1.54
C VAL A 78 8.12 3.28 2.05
N PRO A 79 7.91 2.69 3.25
CA PRO A 79 8.84 1.73 3.85
C PRO A 79 9.02 0.42 3.08
N PHE A 80 7.95 -0.22 2.61
CA PHE A 80 8.09 -1.50 1.89
C PHE A 80 8.43 -1.30 0.41
N CYS A 81 7.98 -0.20 -0.22
CA CYS A 81 8.18 0.09 -1.65
C CYS A 81 9.62 -0.18 -2.12
N LEU A 82 10.61 0.44 -1.47
CA LEU A 82 12.02 0.29 -1.82
C LEU A 82 12.49 -1.17 -1.79
N ASN A 83 12.10 -1.91 -0.75
CA ASN A 83 12.38 -3.34 -0.58
C ASN A 83 11.69 -4.17 -1.67
N ILE A 84 10.41 -3.86 -1.97
CA ILE A 84 9.63 -4.51 -3.01
C ILE A 84 10.24 -4.24 -4.39
N LYS A 85 10.68 -3.02 -4.70
CA LYS A 85 11.36 -2.69 -5.96
C LYS A 85 12.65 -3.49 -6.09
N HIS A 86 13.51 -3.50 -5.08
CA HIS A 86 14.75 -4.30 -5.09
C HIS A 86 14.48 -5.79 -5.40
N LYS A 87 13.57 -6.44 -4.64
CA LYS A 87 13.23 -7.85 -4.88
C LYS A 87 12.54 -8.06 -6.23
N LEU A 88 11.73 -7.12 -6.71
CA LEU A 88 11.09 -7.23 -8.05
C LEU A 88 12.15 -7.09 -9.16
N ARG A 89 13.17 -6.25 -9.02
CA ARG A 89 14.29 -6.20 -9.98
C ARG A 89 15.06 -7.53 -9.97
N GLN A 90 15.26 -8.11 -8.78
CA GLN A 90 15.94 -9.42 -8.64
C GLN A 90 15.12 -10.59 -9.23
N GLN A 91 13.81 -10.66 -8.98
CA GLN A 91 12.92 -11.74 -9.42
C GLN A 91 12.33 -11.58 -10.82
N GLN A 92 11.65 -10.47 -11.10
CA GLN A 92 10.97 -10.20 -12.37
C GLN A 92 11.86 -9.49 -13.40
N GLY A 93 12.46 -8.37 -13.01
CA GLY A 93 13.19 -7.49 -13.94
C GLY A 93 12.20 -6.78 -14.88
N SER A 94 12.58 -6.63 -16.15
CA SER A 94 11.73 -6.00 -17.19
C SER A 94 10.44 -6.78 -17.49
N GLY A 95 9.40 -6.08 -17.94
CA GLY A 95 8.09 -6.68 -18.27
C GLY A 95 7.18 -5.77 -19.11
N SER A 96 5.96 -6.22 -19.38
CA SER A 96 4.95 -5.48 -20.18
C SER A 96 4.42 -4.23 -19.47
N GLY A 97 4.15 -3.18 -20.27
CA GLY A 97 3.59 -1.90 -19.82
C GLY A 97 2.05 -1.84 -19.81
N SER A 98 1.36 -2.95 -20.09
CA SER A 98 -0.11 -3.00 -20.16
C SER A 98 -0.79 -2.62 -18.83
N GLN A 99 -1.80 -1.75 -18.92
CA GLN A 99 -2.60 -1.30 -17.78
C GLN A 99 -3.62 -2.37 -17.30
N ALA A 100 -3.99 -3.31 -18.17
CA ALA A 100 -4.89 -4.41 -17.82
C ALA A 100 -4.19 -5.49 -16.97
N MET A 101 -2.86 -5.62 -17.09
CA MET A 101 -2.05 -6.56 -16.33
C MET A 101 -1.40 -5.85 -15.13
N ASP A 102 -2.21 -5.61 -14.10
CA ASP A 102 -1.84 -4.99 -12.83
C ASP A 102 -2.09 -5.98 -11.66
N ASP A 103 -1.78 -5.59 -10.42
CA ASP A 103 -1.91 -6.46 -9.25
C ASP A 103 -3.36 -6.57 -8.74
N LEU A 104 -4.28 -7.06 -9.58
CA LEU A 104 -5.73 -7.24 -9.34
C LEU A 104 -6.13 -8.31 -8.30
N MET A 105 -5.24 -8.60 -7.35
CA MET A 105 -5.39 -9.60 -6.28
C MET A 105 -6.32 -9.22 -5.11
N LEU A 106 -6.96 -8.03 -5.16
CA LEU A 106 -7.83 -7.50 -4.11
C LEU A 106 -9.06 -6.74 -4.63
N SER A 107 -10.07 -6.57 -3.76
CA SER A 107 -11.32 -5.87 -4.06
C SER A 107 -11.26 -4.39 -3.58
N PRO A 108 -11.71 -3.41 -4.39
CA PRO A 108 -11.67 -1.99 -4.01
C PRO A 108 -12.59 -1.63 -2.83
N ASP A 109 -13.67 -2.37 -2.60
CA ASP A 109 -14.56 -2.12 -1.47
C ASP A 109 -13.99 -2.71 -0.17
N ASP A 110 -12.98 -3.58 -0.25
CA ASP A 110 -12.32 -4.18 0.90
C ASP A 110 -11.21 -3.28 1.47
N ILE A 111 -10.51 -2.51 0.63
CA ILE A 111 -9.48 -1.55 1.07
C ILE A 111 -10.09 -0.50 2.02
N GLU A 112 -11.37 -0.19 1.82
CA GLU A 112 -12.14 0.74 2.64
C GLU A 112 -12.48 0.16 4.04
N GLN A 113 -12.20 -1.13 4.26
CA GLN A 113 -12.43 -1.92 5.49
C GLN A 113 -11.10 -2.28 6.18
N TRP A 114 -10.02 -2.47 5.40
CA TRP A 114 -8.67 -2.80 5.86
C TRP A 114 -8.10 -1.85 6.92
N PHE A 115 -8.55 -0.59 6.92
CA PHE A 115 -8.07 0.47 7.81
C PHE A 115 -9.05 0.89 8.93
N THR A 116 -10.19 0.20 9.06
CA THR A 116 -11.23 0.48 10.08
C THR A 116 -11.38 -0.64 11.12
N GLU A 117 -10.43 -1.58 11.17
CA GLU A 117 -10.46 -2.73 12.08
C GLU A 117 -10.12 -2.41 13.55
N ASP A 118 -9.84 -1.15 13.87
CA ASP A 118 -9.51 -0.64 15.21
C ASP A 118 -10.72 -0.65 16.18
N PRO A 119 -10.50 -0.68 17.52
CA PRO A 119 -11.56 -0.72 18.53
C PRO A 119 -12.56 0.46 18.46
N GLY A 120 -13.78 0.23 18.95
CA GLY A 120 -14.86 1.22 18.96
C GLY A 120 -15.65 1.32 17.64
N PRO A 121 -16.46 2.37 17.45
CA PRO A 121 -17.27 2.57 16.24
C PRO A 121 -16.42 2.91 15.00
N ASP A 122 -16.99 2.65 13.81
CA ASP A 122 -16.35 2.91 12.51
C ASP A 122 -16.17 4.43 12.25
N SER A 1 -15.71 -0.16 -16.60
CA SER A 1 -15.17 -1.48 -16.22
C SER A 1 -14.94 -1.59 -14.69
N PRO A 2 -15.14 -2.77 -14.08
CA PRO A 2 -14.89 -2.96 -12.64
C PRO A 2 -13.39 -2.86 -12.34
N GLN A 3 -12.54 -3.21 -13.32
CA GLN A 3 -11.08 -3.10 -13.24
C GLN A 3 -10.62 -1.63 -13.19
N GLU A 4 -11.35 -0.71 -13.84
CA GLU A 4 -11.05 0.73 -13.77
C GLU A 4 -11.46 1.28 -12.41
N SER A 5 -12.63 0.86 -11.88
CA SER A 5 -13.07 1.24 -10.54
C SER A 5 -12.06 0.74 -9.49
N ARG A 6 -11.56 -0.49 -9.66
CA ARG A 6 -10.50 -1.08 -8.83
C ARG A 6 -9.23 -0.25 -8.88
N ARG A 7 -8.75 0.06 -10.09
CA ARG A 7 -7.58 0.90 -10.33
C ARG A 7 -7.73 2.26 -9.66
N LEU A 8 -8.88 2.92 -9.79
CA LEU A 8 -9.14 4.24 -9.19
C LEU A 8 -9.14 4.20 -7.65
N SER A 9 -9.79 3.22 -7.01
CA SER A 9 -9.79 3.09 -5.54
C SER A 9 -8.37 2.79 -5.00
N ILE A 10 -7.68 1.85 -5.65
CA ILE A 10 -6.28 1.50 -5.34
C ILE A 10 -5.39 2.74 -5.52
N GLN A 11 -5.51 3.50 -6.61
CA GLN A 11 -4.75 4.74 -6.81
C GLN A 11 -5.05 5.76 -5.71
N ARG A 12 -6.31 5.91 -5.26
CA ARG A 12 -6.71 6.75 -4.12
C ARG A 12 -5.89 6.36 -2.89
N CYS A 13 -5.87 5.07 -2.56
CA CYS A 13 -5.13 4.57 -1.39
C CYS A 13 -3.60 4.64 -1.59
N ILE A 14 -3.07 4.43 -2.79
CA ILE A 14 -1.64 4.52 -3.07
C ILE A 14 -1.15 5.97 -2.94
N GLN A 15 -1.91 6.93 -3.48
CA GLN A 15 -1.60 8.35 -3.31
C GLN A 15 -1.68 8.72 -1.83
N SER A 16 -2.68 8.20 -1.11
CA SER A 16 -2.80 8.40 0.35
C SER A 16 -1.63 7.78 1.12
N LEU A 17 -1.09 6.63 0.69
CA LEU A 17 0.04 5.95 1.31
C LEU A 17 1.34 6.72 1.13
N VAL A 18 1.67 7.13 -0.11
CA VAL A 18 2.89 7.92 -0.39
C VAL A 18 2.78 9.30 0.28
N HIS A 19 1.58 9.89 0.30
CA HIS A 19 1.30 11.14 1.02
C HIS A 19 1.59 10.92 2.51
N ALA A 20 0.98 9.91 3.15
CA ALA A 20 1.19 9.64 4.57
C ALA A 20 2.65 9.40 4.95
N CYS A 21 3.41 8.72 4.07
CA CYS A 21 4.82 8.47 4.30
C CYS A 21 5.66 9.75 4.16
N GLN A 22 5.30 10.68 3.25
CA GLN A 22 5.99 11.98 3.11
C GLN A 22 5.38 13.15 3.94
N CYS A 23 4.25 12.93 4.64
CA CYS A 23 3.51 13.93 5.41
C CYS A 23 4.21 14.34 6.72
N ARG A 24 4.89 15.49 6.71
CA ARG A 24 5.57 16.08 7.87
C ARG A 24 4.64 16.99 8.71
N ASN A 25 3.37 17.07 8.31
CA ASN A 25 2.28 17.82 8.93
C ASN A 25 1.44 16.98 9.91
N ALA A 26 1.97 15.83 10.39
CA ALA A 26 1.42 14.74 11.22
C ALA A 26 -0.05 14.81 11.72
N ASN A 27 -0.54 15.92 12.28
CA ASN A 27 -1.94 16.15 12.63
C ASN A 27 -2.77 16.60 11.38
N CYS A 28 -2.42 16.06 10.21
CA CYS A 28 -2.96 16.33 8.89
C CYS A 28 -4.49 16.09 8.80
N SER A 29 -5.18 16.96 8.05
CA SER A 29 -6.63 16.95 7.87
C SER A 29 -7.17 15.91 6.87
N LEU A 30 -6.32 15.26 6.06
CA LEU A 30 -6.76 14.24 5.09
C LEU A 30 -7.21 12.94 5.80
N PRO A 31 -8.33 12.31 5.39
CA PRO A 31 -8.85 11.12 6.05
C PRO A 31 -7.98 9.88 5.86
N SER A 32 -7.57 9.56 4.62
CA SER A 32 -6.73 8.38 4.35
C SER A 32 -5.25 8.57 4.74
N CYS A 33 -4.82 9.81 4.99
CA CYS A 33 -3.48 10.11 5.50
C CYS A 33 -3.34 9.49 6.91
N GLN A 34 -4.27 9.83 7.80
CA GLN A 34 -4.33 9.28 9.16
C GLN A 34 -4.50 7.75 9.17
N LYS A 35 -5.32 7.19 8.26
CA LYS A 35 -5.53 5.74 8.11
C LYS A 35 -4.23 5.03 7.71
N MET A 36 -3.44 5.61 6.80
CA MET A 36 -2.16 5.06 6.38
C MET A 36 -1.08 5.27 7.45
N LYS A 37 -1.00 6.44 8.10
CA LYS A 37 -0.04 6.71 9.19
C LYS A 37 -0.19 5.69 10.32
N ARG A 38 -1.42 5.32 10.70
CA ARG A 38 -1.70 4.29 11.73
C ARG A 38 -1.04 2.96 11.39
N VAL A 39 -1.22 2.47 10.16
CA VAL A 39 -0.64 1.17 9.72
C VAL A 39 0.88 1.25 9.48
N VAL A 40 1.39 2.39 8.98
CA VAL A 40 2.84 2.61 8.78
C VAL A 40 3.57 2.68 10.13
N GLN A 41 3.02 3.39 11.12
CA GLN A 41 3.62 3.45 12.46
C GLN A 41 3.53 2.09 13.18
N HIS A 42 2.45 1.33 12.95
CA HIS A 42 2.29 -0.02 13.51
C HIS A 42 3.37 -0.96 12.94
N THR A 43 3.46 -1.11 11.61
CA THR A 43 4.37 -2.07 10.96
C THR A 43 5.85 -1.83 11.27
N LYS A 44 6.27 -0.57 11.50
CA LYS A 44 7.64 -0.21 11.89
C LYS A 44 8.04 -0.81 13.25
N GLY A 45 7.05 -1.07 14.13
CA GLY A 45 7.24 -1.70 15.44
C GLY A 45 6.84 -3.19 15.50
N CYS A 46 6.28 -3.74 14.40
CA CYS A 46 5.83 -5.12 14.29
C CYS A 46 6.98 -6.14 14.10
N LYS A 47 6.63 -7.42 14.19
CA LYS A 47 7.50 -8.59 14.06
C LYS A 47 6.79 -9.84 13.50
N ARG A 48 5.48 -9.97 13.71
CA ARG A 48 4.65 -11.09 13.23
C ARG A 48 4.23 -11.00 11.75
N LYS A 49 4.43 -9.84 11.12
CA LYS A 49 4.14 -9.31 9.75
C LYS A 49 3.43 -10.21 8.71
N THR A 50 3.50 -9.86 7.42
CA THR A 50 2.87 -10.66 6.34
C THR A 50 3.47 -12.08 6.23
N ASN A 51 4.74 -12.25 6.63
CA ASN A 51 5.47 -13.52 6.62
C ASN A 51 4.92 -14.53 7.65
N GLY A 52 4.53 -14.08 8.83
CA GLY A 52 4.00 -14.91 9.92
C GLY A 52 2.47 -15.02 9.89
N GLY A 53 1.77 -13.93 10.18
CA GLY A 53 0.29 -13.91 10.19
C GLY A 53 -0.38 -12.58 10.55
N CYS A 54 0.32 -11.45 10.54
CA CYS A 54 -0.22 -10.13 10.86
C CYS A 54 -1.12 -9.61 9.72
N PRO A 55 -2.42 -9.36 9.96
CA PRO A 55 -3.34 -8.90 8.92
C PRO A 55 -3.12 -7.44 8.52
N VAL A 56 -2.68 -6.57 9.43
CA VAL A 56 -2.42 -5.14 9.16
C VAL A 56 -1.18 -4.93 8.30
N CYS A 57 -0.05 -5.59 8.59
CA CYS A 57 1.11 -5.54 7.70
C CYS A 57 0.73 -6.12 6.33
N LYS A 58 0.03 -7.25 6.28
CA LYS A 58 -0.42 -7.89 5.03
C LYS A 58 -1.33 -6.99 4.16
N GLN A 59 -2.36 -6.37 4.74
CA GLN A 59 -3.28 -5.47 4.00
C GLN A 59 -2.58 -4.16 3.57
N LEU A 60 -1.55 -3.72 4.30
CA LEU A 60 -0.70 -2.60 3.89
C LEU A 60 0.24 -3.04 2.73
N ILE A 61 0.80 -4.24 2.80
CA ILE A 61 1.65 -4.84 1.75
C ILE A 61 0.89 -4.95 0.42
N ALA A 62 -0.41 -5.27 0.42
CA ALA A 62 -1.20 -5.39 -0.81
C ALA A 62 -1.14 -4.11 -1.66
N LEU A 63 -1.46 -2.95 -1.06
CA LEU A 63 -1.40 -1.66 -1.74
C LEU A 63 0.05 -1.21 -1.96
N CYS A 64 0.98 -1.50 -1.03
CA CYS A 64 2.39 -1.15 -1.19
C CYS A 64 3.05 -1.91 -2.36
N CYS A 65 2.71 -3.19 -2.56
CA CYS A 65 3.23 -3.99 -3.66
C CYS A 65 2.65 -3.51 -5.00
N TYR A 66 1.37 -3.13 -5.02
CA TYR A 66 0.76 -2.52 -6.22
C TYR A 66 1.46 -1.17 -6.54
N HIS A 67 1.77 -0.36 -5.53
CA HIS A 67 2.50 0.91 -5.65
C HIS A 67 3.92 0.70 -6.22
N ALA A 68 4.71 -0.18 -5.59
CA ALA A 68 6.11 -0.46 -5.94
C ALA A 68 6.32 -0.82 -7.43
N LYS A 69 5.34 -1.48 -8.08
CA LYS A 69 5.39 -1.80 -9.51
C LYS A 69 5.50 -0.54 -10.39
N HIS A 70 4.81 0.53 -10.00
CA HIS A 70 4.75 1.82 -10.70
C HIS A 70 5.82 2.85 -10.27
N CYS A 71 6.28 2.79 -9.02
CA CYS A 71 7.27 3.71 -8.46
C CYS A 71 8.64 3.57 -9.17
N GLN A 72 9.30 4.71 -9.43
CA GLN A 72 10.59 4.81 -10.13
C GLN A 72 11.59 5.77 -9.44
N GLU A 73 11.30 6.22 -8.21
CA GLU A 73 12.18 7.10 -7.43
C GLU A 73 13.43 6.35 -6.93
N ASN A 74 14.54 7.07 -6.71
CA ASN A 74 15.80 6.50 -6.22
C ASN A 74 15.61 5.81 -4.86
N LYS A 75 15.07 6.54 -3.88
CA LYS A 75 14.72 6.08 -2.52
C LYS A 75 13.42 6.77 -2.05
N CYS A 76 12.28 6.18 -2.41
CA CYS A 76 10.93 6.67 -2.11
C CYS A 76 10.60 6.63 -0.59
N PRO A 77 9.76 7.55 -0.09
CA PRO A 77 9.36 7.66 1.31
C PRO A 77 8.61 6.44 1.89
N VAL A 78 7.94 5.62 1.07
CA VAL A 78 7.16 4.45 1.54
C VAL A 78 8.09 3.36 2.12
N PRO A 79 7.77 2.76 3.28
CA PRO A 79 8.65 1.80 3.97
C PRO A 79 8.98 0.51 3.20
N PHE A 80 7.98 -0.18 2.62
CA PHE A 80 8.23 -1.45 1.92
C PHE A 80 8.57 -1.29 0.43
N CYS A 81 8.16 -0.18 -0.20
CA CYS A 81 8.34 0.11 -1.62
C CYS A 81 9.75 -0.26 -2.13
N LEU A 82 10.81 0.23 -1.48
CA LEU A 82 12.18 -0.04 -1.90
C LEU A 82 12.58 -1.52 -1.81
N ASN A 83 12.15 -2.24 -0.77
CA ASN A 83 12.40 -3.68 -0.64
C ASN A 83 11.68 -4.44 -1.76
N ILE A 84 10.42 -4.09 -2.01
CA ILE A 84 9.58 -4.67 -3.07
C ILE A 84 10.21 -4.38 -4.44
N LYS A 85 10.63 -3.15 -4.73
CA LYS A 85 11.31 -2.80 -5.98
C LYS A 85 12.58 -3.62 -6.15
N HIS A 86 13.45 -3.70 -5.14
CA HIS A 86 14.67 -4.52 -5.21
C HIS A 86 14.34 -5.99 -5.57
N LYS A 87 13.38 -6.65 -4.89
CA LYS A 87 13.00 -8.03 -5.24
C LYS A 87 12.28 -8.14 -6.60
N LEU A 88 11.57 -7.11 -7.05
CA LEU A 88 10.94 -7.08 -8.38
C LEU A 88 12.01 -6.93 -9.47
N ARG A 89 13.06 -6.11 -9.24
CA ARG A 89 14.22 -5.98 -10.13
C ARG A 89 14.96 -7.32 -10.23
N GLN A 90 15.14 -8.01 -9.11
CA GLN A 90 15.76 -9.34 -9.08
C GLN A 90 14.91 -10.37 -9.87
N GLN A 91 13.58 -10.36 -9.71
CA GLN A 91 12.66 -11.27 -10.41
C GLN A 91 12.54 -10.95 -11.92
N GLN A 92 12.70 -9.69 -12.34
CA GLN A 92 12.65 -9.27 -13.75
C GLN A 92 13.68 -10.00 -14.63
N GLY A 93 14.82 -10.43 -14.04
CA GLY A 93 15.86 -11.20 -14.74
C GLY A 93 15.36 -12.57 -15.27
N SER A 94 14.28 -13.11 -14.71
CA SER A 94 13.64 -14.37 -15.14
C SER A 94 12.51 -14.16 -16.18
N GLY A 95 12.11 -12.91 -16.43
CA GLY A 95 11.08 -12.52 -17.39
C GLY A 95 10.44 -11.16 -17.05
N SER A 96 10.21 -10.32 -18.07
CA SER A 96 9.62 -8.98 -17.93
C SER A 96 8.09 -9.00 -17.82
N GLY A 97 7.53 -8.08 -17.02
CA GLY A 97 6.08 -7.92 -16.82
C GLY A 97 5.40 -7.04 -17.89
N SER A 98 4.12 -6.74 -17.67
CA SER A 98 3.27 -5.89 -18.52
C SER A 98 2.16 -5.22 -17.71
N GLN A 99 1.63 -4.09 -18.19
CA GLN A 99 0.52 -3.34 -17.54
C GLN A 99 -0.74 -4.17 -17.31
N ALA A 100 -0.99 -5.17 -18.17
CA ALA A 100 -2.17 -6.00 -18.03
C ALA A 100 -2.07 -7.03 -16.86
N MET A 101 -0.85 -7.28 -16.36
CA MET A 101 -0.58 -8.15 -15.21
C MET A 101 -0.03 -7.30 -14.06
N ASP A 102 -0.95 -6.61 -13.41
CA ASP A 102 -0.72 -5.74 -12.25
C ASP A 102 -1.05 -6.51 -10.96
N ASP A 103 -1.08 -5.88 -9.80
CA ASP A 103 -1.41 -6.53 -8.52
C ASP A 103 -2.95 -6.63 -8.32
N LEU A 104 -3.67 -7.17 -9.31
CA LEU A 104 -5.15 -7.34 -9.32
C LEU A 104 -5.65 -8.48 -8.40
N MET A 105 -4.99 -8.65 -7.26
CA MET A 105 -5.20 -9.69 -6.25
C MET A 105 -6.19 -9.35 -5.11
N LEU A 106 -6.81 -8.17 -5.16
CA LEU A 106 -7.72 -7.66 -4.12
C LEU A 106 -8.96 -6.92 -4.65
N SER A 107 -9.93 -6.66 -3.76
CA SER A 107 -11.19 -5.94 -4.06
C SER A 107 -11.13 -4.48 -3.59
N PRO A 108 -11.57 -3.50 -4.40
CA PRO A 108 -11.52 -2.08 -4.03
C PRO A 108 -12.46 -1.68 -2.90
N ASP A 109 -13.55 -2.43 -2.64
CA ASP A 109 -14.45 -2.13 -1.54
C ASP A 109 -13.91 -2.73 -0.22
N ASP A 110 -12.94 -3.65 -0.30
CA ASP A 110 -12.30 -4.26 0.86
C ASP A 110 -11.20 -3.36 1.42
N ILE A 111 -10.48 -2.60 0.59
CA ILE A 111 -9.45 -1.64 1.05
C ILE A 111 -10.05 -0.56 1.95
N GLU A 112 -11.33 -0.21 1.71
CA GLU A 112 -12.07 0.77 2.49
C GLU A 112 -12.44 0.21 3.89
N GLN A 113 -12.24 -1.10 4.12
CA GLN A 113 -12.48 -1.84 5.37
C GLN A 113 -11.16 -2.13 6.10
N TRP A 114 -10.07 -2.39 5.36
CA TRP A 114 -8.72 -2.68 5.86
C TRP A 114 -8.16 -1.68 6.88
N PHE A 115 -8.66 -0.44 6.91
CA PHE A 115 -8.19 0.64 7.78
C PHE A 115 -9.23 1.13 8.80
N THR A 116 -10.31 0.38 9.04
CA THR A 116 -11.38 0.71 9.99
C THR A 116 -11.95 -0.54 10.70
N GLU A 117 -12.89 -0.33 11.62
CA GLU A 117 -13.55 -1.37 12.42
C GLU A 117 -14.90 -1.85 11.84
N ASP A 118 -15.42 -1.15 10.82
CA ASP A 118 -16.72 -1.48 10.19
C ASP A 118 -16.62 -2.68 9.21
N PRO A 119 -17.58 -3.64 9.25
CA PRO A 119 -17.62 -4.80 8.36
C PRO A 119 -18.17 -4.49 6.97
N GLY A 120 -17.98 -5.40 6.02
CA GLY A 120 -18.45 -5.29 4.63
C GLY A 120 -18.18 -6.55 3.78
N PRO A 121 -18.62 -6.55 2.50
CA PRO A 121 -18.43 -7.67 1.58
C PRO A 121 -17.01 -7.74 1.00
N ASP A 122 -16.63 -8.89 0.44
CA ASP A 122 -15.33 -9.12 -0.21
C ASP A 122 -15.43 -10.18 -1.32
N SER A 1 -15.44 -0.22 -16.37
CA SER A 1 -15.22 -1.62 -15.98
C SER A 1 -14.94 -1.78 -14.49
N PRO A 2 -15.23 -2.97 -13.89
CA PRO A 2 -14.89 -3.24 -12.49
C PRO A 2 -13.38 -3.09 -12.25
N GLN A 3 -12.57 -3.42 -13.27
CA GLN A 3 -11.12 -3.30 -13.28
C GLN A 3 -10.68 -1.83 -13.17
N GLU A 4 -11.33 -0.92 -13.90
CA GLU A 4 -11.06 0.53 -13.85
C GLU A 4 -11.39 1.08 -12.46
N SER A 5 -12.58 0.79 -11.95
CA SER A 5 -13.02 1.23 -10.62
C SER A 5 -12.10 0.67 -9.51
N ARG A 6 -11.63 -0.57 -9.66
CA ARG A 6 -10.65 -1.19 -8.74
C ARG A 6 -9.33 -0.45 -8.77
N ARG A 7 -8.80 -0.20 -9.97
CA ARG A 7 -7.57 0.59 -10.19
C ARG A 7 -7.72 2.00 -9.59
N LEU A 8 -8.85 2.65 -9.77
CA LEU A 8 -9.17 3.97 -9.20
C LEU A 8 -9.14 3.96 -7.66
N SER A 9 -9.81 3.03 -6.98
CA SER A 9 -9.79 2.97 -5.50
C SER A 9 -8.38 2.64 -4.97
N ILE A 10 -7.69 1.70 -5.61
CA ILE A 10 -6.29 1.36 -5.30
C ILE A 10 -5.40 2.60 -5.48
N GLN A 11 -5.51 3.34 -6.59
CA GLN A 11 -4.74 4.58 -6.82
C GLN A 11 -5.06 5.63 -5.74
N ARG A 12 -6.32 5.79 -5.34
CA ARG A 12 -6.78 6.68 -4.24
C ARG A 12 -5.98 6.37 -2.97
N CYS A 13 -5.96 5.09 -2.58
CA CYS A 13 -5.24 4.68 -1.37
C CYS A 13 -3.72 4.68 -1.55
N ILE A 14 -3.17 4.42 -2.74
CA ILE A 14 -1.73 4.51 -3.00
C ILE A 14 -1.26 5.97 -2.91
N GLN A 15 -2.02 6.92 -3.45
CA GLN A 15 -1.72 8.35 -3.32
C GLN A 15 -1.82 8.74 -1.83
N SER A 16 -2.83 8.24 -1.11
CA SER A 16 -2.97 8.47 0.34
C SER A 16 -1.81 7.86 1.15
N LEU A 17 -1.28 6.71 0.73
CA LEU A 17 -0.16 5.98 1.34
C LEU A 17 1.15 6.72 1.15
N VAL A 18 1.51 7.11 -0.08
CA VAL A 18 2.74 7.88 -0.34
C VAL A 18 2.65 9.26 0.29
N HIS A 19 1.46 9.87 0.30
CA HIS A 19 1.20 11.13 1.00
C HIS A 19 1.49 10.92 2.49
N ALA A 20 0.88 9.93 3.14
CA ALA A 20 1.09 9.64 4.56
C ALA A 20 2.56 9.38 4.91
N CYS A 21 3.29 8.69 4.03
CA CYS A 21 4.71 8.41 4.23
C CYS A 21 5.58 9.67 4.08
N GLN A 22 5.21 10.63 3.21
CA GLN A 22 5.92 11.91 3.07
C GLN A 22 5.33 13.10 3.90
N CYS A 23 4.20 12.90 4.60
CA CYS A 23 3.47 13.93 5.34
C CYS A 23 4.18 14.36 6.65
N ARG A 24 4.87 15.51 6.59
CA ARG A 24 5.59 16.13 7.74
C ARG A 24 4.68 17.02 8.59
N ASN A 25 3.40 17.09 8.23
CA ASN A 25 2.31 17.82 8.88
C ASN A 25 1.46 16.90 9.79
N ALA A 26 2.01 15.72 10.18
CA ALA A 26 1.48 14.57 10.94
C ALA A 26 0.02 14.59 11.43
N ASN A 27 -0.43 15.63 12.15
CA ASN A 27 -1.82 15.86 12.56
C ASN A 27 -2.70 16.39 11.39
N CYS A 28 -2.42 15.91 10.18
CA CYS A 28 -3.02 16.25 8.89
C CYS A 28 -4.55 16.06 8.84
N SER A 29 -5.21 16.86 8.01
CA SER A 29 -6.67 16.87 7.83
C SER A 29 -7.21 15.86 6.82
N LEU A 30 -6.37 15.22 5.99
CA LEU A 30 -6.82 14.21 5.03
C LEU A 30 -7.32 12.93 5.75
N PRO A 31 -8.43 12.31 5.33
CA PRO A 31 -9.00 11.15 6.01
C PRO A 31 -8.12 9.90 5.89
N SER A 32 -7.66 9.54 4.69
CA SER A 32 -6.82 8.35 4.49
C SER A 32 -5.35 8.55 4.85
N CYS A 33 -4.90 9.80 5.07
CA CYS A 33 -3.55 10.11 5.54
C CYS A 33 -3.39 9.56 6.96
N GLN A 34 -4.32 9.96 7.85
CA GLN A 34 -4.40 9.52 9.24
C GLN A 34 -4.56 7.99 9.32
N LYS A 35 -5.35 7.41 8.41
CA LYS A 35 -5.60 5.95 8.35
C LYS A 35 -4.36 5.16 7.89
N MET A 36 -3.59 5.68 6.93
CA MET A 36 -2.33 5.05 6.47
C MET A 36 -1.22 5.24 7.51
N LYS A 37 -1.08 6.42 8.13
CA LYS A 37 -0.07 6.70 9.17
C LYS A 37 -0.17 5.69 10.32
N ARG A 38 -1.39 5.37 10.76
CA ARG A 38 -1.66 4.36 11.81
C ARG A 38 -1.05 3.00 11.45
N VAL A 39 -1.26 2.51 10.23
CA VAL A 39 -0.73 1.20 9.81
C VAL A 39 0.77 1.24 9.51
N VAL A 40 1.31 2.35 9.02
CA VAL A 40 2.76 2.53 8.80
C VAL A 40 3.49 2.54 10.15
N GLN A 41 2.98 3.30 11.13
CA GLN A 41 3.58 3.35 12.48
C GLN A 41 3.44 1.98 13.18
N HIS A 42 2.34 1.25 12.96
CA HIS A 42 2.13 -0.09 13.48
C HIS A 42 3.18 -1.07 12.92
N THR A 43 3.26 -1.21 11.59
CA THR A 43 4.16 -2.18 10.94
C THR A 43 5.64 -1.95 11.24
N LYS A 44 6.07 -0.69 11.43
CA LYS A 44 7.45 -0.33 11.80
C LYS A 44 7.89 -0.90 13.16
N GLY A 45 6.92 -1.24 14.04
CA GLY A 45 7.14 -1.83 15.36
C GLY A 45 6.57 -3.24 15.54
N CYS A 46 6.01 -3.86 14.50
CA CYS A 46 5.38 -5.18 14.57
C CYS A 46 6.38 -6.33 14.80
N LYS A 47 5.96 -7.35 15.57
CA LYS A 47 6.74 -8.56 15.92
C LYS A 47 6.57 -9.70 14.91
N ARG A 48 5.68 -9.50 13.94
CA ARG A 48 5.31 -10.34 12.78
C ARG A 48 5.09 -9.42 11.56
N LYS A 49 4.73 -10.00 10.42
CA LYS A 49 4.42 -9.33 9.13
C LYS A 49 3.51 -10.27 8.33
N THR A 50 3.26 -9.96 7.06
CA THR A 50 2.53 -10.83 6.11
C THR A 50 3.16 -12.23 5.98
N ASN A 51 4.49 -12.31 6.15
CA ASN A 51 5.28 -13.55 6.10
C ASN A 51 4.96 -14.52 7.24
N GLY A 52 4.51 -14.00 8.39
CA GLY A 52 4.14 -14.77 9.59
C GLY A 52 2.63 -14.96 9.68
N GLY A 53 1.90 -13.88 9.95
CA GLY A 53 0.44 -13.91 10.06
C GLY A 53 -0.26 -12.57 10.38
N CYS A 54 0.40 -11.42 10.24
CA CYS A 54 -0.19 -10.13 10.60
C CYS A 54 -1.14 -9.62 9.49
N PRO A 55 -2.45 -9.41 9.75
CA PRO A 55 -3.41 -8.98 8.74
C PRO A 55 -3.25 -7.50 8.33
N VAL A 56 -2.85 -6.61 9.24
CA VAL A 56 -2.63 -5.19 8.95
C VAL A 56 -1.36 -5.01 8.11
N CYS A 57 -0.24 -5.65 8.44
CA CYS A 57 0.96 -5.64 7.60
C CYS A 57 0.60 -6.25 6.21
N LYS A 58 -0.12 -7.36 6.13
CA LYS A 58 -0.57 -7.98 4.87
C LYS A 58 -1.43 -7.05 4.00
N GLN A 59 -2.43 -6.39 4.58
CA GLN A 59 -3.30 -5.45 3.87
C GLN A 59 -2.56 -4.17 3.44
N LEU A 60 -1.53 -3.76 4.20
CA LEU A 60 -0.65 -2.67 3.82
C LEU A 60 0.28 -3.11 2.67
N ILE A 61 0.83 -4.33 2.73
CA ILE A 61 1.65 -4.94 1.67
C ILE A 61 0.88 -4.98 0.35
N ALA A 62 -0.41 -5.29 0.38
CA ALA A 62 -1.24 -5.38 -0.82
C ALA A 62 -1.21 -4.07 -1.64
N LEU A 63 -1.35 -2.90 -0.99
CA LEU A 63 -1.28 -1.62 -1.70
C LEU A 63 0.18 -1.17 -1.93
N CYS A 64 1.10 -1.42 -0.99
CA CYS A 64 2.52 -1.07 -1.18
C CYS A 64 3.14 -1.84 -2.37
N CYS A 65 2.80 -3.12 -2.54
CA CYS A 65 3.29 -3.94 -3.67
C CYS A 65 2.72 -3.44 -5.00
N TYR A 66 1.43 -3.09 -5.05
CA TYR A 66 0.81 -2.51 -6.24
C TYR A 66 1.52 -1.18 -6.58
N HIS A 67 1.79 -0.33 -5.59
CA HIS A 67 2.53 0.94 -5.73
C HIS A 67 3.96 0.74 -6.28
N ALA A 68 4.73 -0.16 -5.65
CA ALA A 68 6.12 -0.43 -5.97
C ALA A 68 6.38 -0.81 -7.43
N LYS A 69 5.39 -1.43 -8.10
CA LYS A 69 5.47 -1.80 -9.52
C LYS A 69 5.58 -0.56 -10.43
N HIS A 70 4.90 0.52 -10.05
CA HIS A 70 4.86 1.81 -10.76
C HIS A 70 5.96 2.79 -10.32
N CYS A 71 6.36 2.75 -9.06
CA CYS A 71 7.43 3.57 -8.49
C CYS A 71 8.79 3.18 -9.11
N GLN A 72 9.70 4.14 -9.27
CA GLN A 72 11.00 3.94 -9.94
C GLN A 72 12.16 4.74 -9.32
N GLU A 73 11.96 5.32 -8.14
CA GLU A 73 12.98 6.14 -7.47
C GLU A 73 14.20 5.35 -6.97
N ASN A 74 15.33 6.03 -6.76
CA ASN A 74 16.52 5.44 -6.14
C ASN A 74 16.27 5.16 -4.64
N LYS A 75 15.42 6.00 -4.00
CA LYS A 75 14.91 5.96 -2.62
C LYS A 75 13.48 6.54 -2.60
N CYS A 76 12.52 5.90 -1.92
CA CYS A 76 11.13 6.34 -1.79
C CYS A 76 10.65 6.31 -0.32
N PRO A 77 9.74 7.24 0.07
CA PRO A 77 9.22 7.37 1.43
C PRO A 77 8.42 6.17 1.96
N VAL A 78 7.75 5.38 1.11
CA VAL A 78 6.92 4.23 1.54
C VAL A 78 7.82 3.14 2.17
N PRO A 79 7.44 2.55 3.33
CA PRO A 79 8.29 1.61 4.06
C PRO A 79 8.68 0.34 3.28
N PHE A 80 7.72 -0.31 2.62
CA PHE A 80 7.98 -1.57 1.90
C PHE A 80 8.37 -1.35 0.44
N CYS A 81 7.91 -0.28 -0.20
CA CYS A 81 8.14 0.03 -1.62
C CYS A 81 9.58 -0.22 -2.05
N LEU A 82 10.56 0.42 -1.40
CA LEU A 82 11.97 0.32 -1.77
C LEU A 82 12.50 -1.13 -1.78
N ASN A 83 12.14 -1.93 -0.78
CA ASN A 83 12.48 -3.35 -0.69
C ASN A 83 11.84 -4.13 -1.86
N ILE A 84 10.53 -3.93 -2.05
CA ILE A 84 9.73 -4.53 -3.12
C ILE A 84 10.32 -4.15 -4.50
N LYS A 85 10.68 -2.89 -4.73
CA LYS A 85 11.34 -2.41 -5.96
C LYS A 85 12.63 -3.15 -6.18
N HIS A 86 13.53 -3.23 -5.19
CA HIS A 86 14.79 -3.97 -5.37
C HIS A 86 14.58 -5.45 -5.74
N LYS A 87 13.68 -6.18 -5.05
CA LYS A 87 13.39 -7.58 -5.45
C LYS A 87 12.66 -7.69 -6.80
N LEU A 88 11.81 -6.72 -7.17
CA LEU A 88 11.15 -6.70 -8.48
C LEU A 88 12.17 -6.36 -9.60
N ARG A 89 13.12 -5.46 -9.36
CA ARG A 89 14.23 -5.14 -10.29
C ARG A 89 15.05 -6.41 -10.54
N GLN A 90 15.38 -7.14 -9.46
CA GLN A 90 16.11 -8.42 -9.55
C GLN A 90 15.31 -9.50 -10.33
N GLN A 91 14.00 -9.63 -10.09
CA GLN A 91 13.15 -10.64 -10.75
C GLN A 91 12.71 -10.32 -12.20
N GLN A 92 12.42 -9.05 -12.51
CA GLN A 92 11.93 -8.60 -13.82
C GLN A 92 13.03 -8.30 -14.85
N GLY A 93 14.19 -7.82 -14.40
CA GLY A 93 15.30 -7.43 -15.29
C GLY A 93 14.92 -6.29 -16.22
N SER A 94 15.09 -6.50 -17.54
CA SER A 94 14.78 -5.52 -18.60
C SER A 94 13.32 -5.50 -19.07
N GLY A 95 12.46 -6.40 -18.59
CA GLY A 95 11.04 -6.48 -18.98
C GLY A 95 10.15 -5.35 -18.43
N SER A 96 8.94 -5.22 -18.99
CA SER A 96 7.94 -4.20 -18.62
C SER A 96 6.52 -4.78 -18.49
N GLY A 97 5.70 -4.16 -17.63
CA GLY A 97 4.29 -4.53 -17.37
C GLY A 97 3.27 -3.80 -18.27
N SER A 98 2.00 -3.82 -17.84
CA SER A 98 0.86 -3.18 -18.51
C SER A 98 -0.18 -2.68 -17.49
N GLN A 99 -0.89 -1.59 -17.80
CA GLN A 99 -1.92 -1.02 -16.92
C GLN A 99 -3.14 -1.96 -16.76
N ALA A 100 -3.44 -2.80 -17.75
CA ALA A 100 -4.54 -3.76 -17.69
C ALA A 100 -4.17 -5.06 -16.94
N MET A 101 -2.87 -5.34 -16.76
CA MET A 101 -2.35 -6.50 -16.03
C MET A 101 -1.54 -5.99 -14.83
N ASP A 102 -2.27 -5.56 -13.82
CA ASP A 102 -1.77 -4.98 -12.56
C ASP A 102 -1.95 -5.97 -11.40
N ASP A 103 -1.66 -5.57 -10.17
CA ASP A 103 -1.80 -6.40 -8.97
C ASP A 103 -3.24 -6.40 -8.43
N LEU A 104 -4.23 -6.60 -9.31
CA LEU A 104 -5.68 -6.58 -9.05
C LEU A 104 -6.24 -7.76 -8.22
N MET A 105 -5.47 -8.16 -7.20
CA MET A 105 -5.75 -9.29 -6.31
C MET A 105 -6.84 -9.07 -5.24
N LEU A 106 -7.18 -7.81 -4.95
CA LEU A 106 -8.10 -7.38 -3.88
C LEU A 106 -9.43 -6.79 -4.39
N SER A 107 -10.32 -6.44 -3.45
CA SER A 107 -11.62 -5.79 -3.71
C SER A 107 -11.56 -4.30 -3.30
N PRO A 108 -11.93 -3.34 -4.16
CA PRO A 108 -11.80 -1.91 -3.87
C PRO A 108 -12.66 -1.38 -2.71
N ASP A 109 -13.75 -2.05 -2.35
CA ASP A 109 -14.57 -1.66 -1.21
C ASP A 109 -14.04 -2.28 0.09
N ASP A 110 -13.10 -3.23 0.00
CA ASP A 110 -12.46 -3.88 1.15
C ASP A 110 -11.24 -3.09 1.65
N ILE A 111 -10.52 -2.38 0.77
CA ILE A 111 -9.39 -1.51 1.17
C ILE A 111 -9.88 -0.41 2.13
N GLU A 112 -11.14 0.01 1.97
CA GLU A 112 -11.81 1.00 2.80
C GLU A 112 -12.18 0.46 4.20
N GLN A 113 -11.96 -0.85 4.43
CA GLN A 113 -12.21 -1.60 5.67
C GLN A 113 -10.89 -2.04 6.32
N TRP A 114 -9.89 -2.44 5.51
CA TRP A 114 -8.55 -2.86 5.93
C TRP A 114 -7.90 -1.97 6.99
N PHE A 115 -8.06 -0.66 6.84
CA PHE A 115 -7.48 0.36 7.73
C PHE A 115 -8.46 0.91 8.76
N THR A 116 -9.77 0.79 8.50
CA THR A 116 -10.86 1.30 9.34
C THR A 116 -11.22 0.33 10.48
N GLU A 117 -11.06 -0.98 10.28
CA GLU A 117 -11.29 -2.03 11.26
C GLU A 117 -9.99 -2.47 11.94
N ASP A 118 -10.12 -3.02 13.15
CA ASP A 118 -9.00 -3.50 13.98
C ASP A 118 -8.62 -4.97 13.68
N PRO A 119 -7.36 -5.38 13.87
CA PRO A 119 -6.89 -6.76 13.64
C PRO A 119 -7.67 -7.83 14.44
N GLY A 120 -7.92 -8.99 13.83
CA GLY A 120 -8.61 -10.12 14.45
C GLY A 120 -7.72 -10.94 15.41
N PRO A 121 -8.32 -11.74 16.32
CA PRO A 121 -7.58 -12.56 17.29
C PRO A 121 -6.88 -13.76 16.62
N ASP A 122 -5.81 -14.25 17.27
CA ASP A 122 -5.00 -15.40 16.82
C ASP A 122 -4.41 -16.18 18.01
N SER A 1 -15.69 -0.77 -17.34
CA SER A 1 -15.22 -1.99 -16.69
C SER A 1 -15.00 -1.80 -15.17
N PRO A 2 -15.22 -2.83 -14.33
CA PRO A 2 -15.02 -2.74 -12.88
C PRO A 2 -13.53 -2.60 -12.52
N GLN A 3 -12.65 -3.11 -13.37
CA GLN A 3 -11.19 -3.01 -13.25
C GLN A 3 -10.70 -1.55 -13.20
N GLU A 4 -11.38 -0.63 -13.90
CA GLU A 4 -11.02 0.79 -13.85
C GLU A 4 -11.32 1.36 -12.47
N SER A 5 -12.56 1.23 -12.00
CA SER A 5 -12.98 1.69 -10.66
C SER A 5 -12.13 1.04 -9.55
N ARG A 6 -11.75 -0.24 -9.72
CA ARG A 6 -10.86 -0.96 -8.81
C ARG A 6 -9.49 -0.27 -8.76
N ARG A 7 -8.90 0.00 -9.93
CA ARG A 7 -7.64 0.73 -10.06
C ARG A 7 -7.75 2.14 -9.49
N LEU A 8 -8.85 2.87 -9.71
CA LEU A 8 -9.03 4.22 -9.18
C LEU A 8 -9.08 4.23 -7.64
N SER A 9 -9.75 3.27 -7.01
CA SER A 9 -9.77 3.12 -5.54
C SER A 9 -8.36 2.81 -5.01
N ILE A 10 -7.68 1.85 -5.67
CA ILE A 10 -6.29 1.49 -5.36
C ILE A 10 -5.37 2.72 -5.52
N GLN A 11 -5.47 3.50 -6.59
CA GLN A 11 -4.68 4.71 -6.82
C GLN A 11 -4.96 5.77 -5.74
N ARG A 12 -6.22 5.92 -5.29
CA ARG A 12 -6.60 6.79 -4.17
C ARG A 12 -5.80 6.40 -2.93
N CYS A 13 -5.84 5.12 -2.58
CA CYS A 13 -5.11 4.61 -1.41
C CYS A 13 -3.58 4.67 -1.61
N ILE A 14 -3.05 4.44 -2.80
CA ILE A 14 -1.61 4.54 -3.08
C ILE A 14 -1.13 5.99 -2.97
N GLN A 15 -1.86 6.95 -3.52
CA GLN A 15 -1.54 8.37 -3.37
C GLN A 15 -1.58 8.76 -1.89
N SER A 16 -2.57 8.25 -1.16
CA SER A 16 -2.72 8.46 0.29
C SER A 16 -1.58 7.82 1.12
N LEU A 17 -1.09 6.65 0.70
CA LEU A 17 0.02 5.91 1.32
C LEU A 17 1.32 6.71 1.17
N VAL A 18 1.62 7.15 -0.05
CA VAL A 18 2.79 7.96 -0.39
C VAL A 18 2.74 9.31 0.33
N HIS A 19 1.56 9.95 0.35
CA HIS A 19 1.30 11.18 1.09
C HIS A 19 1.61 10.94 2.58
N ALA A 20 0.98 9.95 3.22
CA ALA A 20 1.19 9.63 4.63
C ALA A 20 2.65 9.34 4.97
N CYS A 21 3.39 8.65 4.09
CA CYS A 21 4.80 8.37 4.31
C CYS A 21 5.66 9.65 4.21
N GLN A 22 5.32 10.60 3.32
CA GLN A 22 6.04 11.89 3.24
C GLN A 22 5.43 13.05 4.09
N CYS A 23 4.30 12.84 4.77
CA CYS A 23 3.56 13.85 5.54
C CYS A 23 4.25 14.23 6.86
N ARG A 24 4.96 15.37 6.86
CA ARG A 24 5.64 15.95 8.04
C ARG A 24 4.71 16.86 8.87
N ASN A 25 3.45 16.96 8.46
CA ASN A 25 2.36 17.74 9.07
C ASN A 25 1.52 16.89 10.06
N ALA A 26 2.02 15.75 10.53
CA ALA A 26 1.45 14.67 11.37
C ALA A 26 -0.02 14.75 11.85
N ASN A 27 -0.49 15.87 12.42
CA ASN A 27 -1.90 16.12 12.77
C ASN A 27 -2.70 16.58 11.52
N CYS A 28 -2.36 16.04 10.35
CA CYS A 28 -2.90 16.32 9.02
C CYS A 28 -4.42 16.09 8.93
N SER A 29 -5.11 16.95 8.18
CA SER A 29 -6.57 16.95 7.99
C SER A 29 -7.11 15.92 6.98
N LEU A 30 -6.25 15.27 6.17
CA LEU A 30 -6.69 14.27 5.19
C LEU A 30 -7.16 12.96 5.89
N PRO A 31 -8.26 12.33 5.44
CA PRO A 31 -8.80 11.12 6.08
C PRO A 31 -7.91 9.88 5.88
N SER A 32 -7.53 9.57 4.64
CA SER A 32 -6.68 8.41 4.36
C SER A 32 -5.22 8.59 4.77
N CYS A 33 -4.78 9.82 5.03
CA CYS A 33 -3.45 10.13 5.56
C CYS A 33 -3.33 9.49 6.96
N GLN A 34 -4.25 9.84 7.86
CA GLN A 34 -4.32 9.28 9.21
C GLN A 34 -4.49 7.75 9.20
N LYS A 35 -5.34 7.20 8.31
CA LYS A 35 -5.54 5.75 8.16
C LYS A 35 -4.24 5.04 7.74
N MET A 36 -3.48 5.61 6.82
CA MET A 36 -2.19 5.05 6.39
C MET A 36 -1.10 5.24 7.46
N LYS A 37 -1.02 6.40 8.12
CA LYS A 37 -0.06 6.65 9.21
C LYS A 37 -0.20 5.63 10.33
N ARG A 38 -1.43 5.27 10.72
CA ARG A 38 -1.71 4.24 11.75
C ARG A 38 -1.07 2.90 11.39
N VAL A 39 -1.27 2.43 10.15
CA VAL A 39 -0.70 1.13 9.71
C VAL A 39 0.81 1.19 9.44
N VAL A 40 1.33 2.33 8.96
CA VAL A 40 2.78 2.55 8.72
C VAL A 40 3.53 2.60 10.05
N GLN A 41 3.03 3.33 11.06
CA GLN A 41 3.66 3.38 12.39
C GLN A 41 3.50 2.04 13.13
N HIS A 42 2.40 1.31 12.88
CA HIS A 42 2.18 -0.03 13.44
C HIS A 42 3.24 -1.02 12.91
N THR A 43 3.34 -1.20 11.59
CA THR A 43 4.25 -2.18 10.97
C THR A 43 5.73 -1.96 11.30
N LYS A 44 6.17 -0.69 11.46
CA LYS A 44 7.54 -0.34 11.84
C LYS A 44 7.95 -0.89 13.22
N GLY A 45 7.00 -1.13 14.11
CA GLY A 45 7.20 -1.68 15.46
C GLY A 45 6.66 -3.11 15.65
N CYS A 46 6.09 -3.73 14.60
CA CYS A 46 5.49 -5.06 14.66
C CYS A 46 6.55 -6.18 14.75
N LYS A 47 6.25 -7.24 15.53
CA LYS A 47 7.12 -8.41 15.78
C LYS A 47 6.90 -9.57 14.78
N ARG A 48 5.98 -9.37 13.85
CA ARG A 48 5.55 -10.24 12.73
C ARG A 48 5.20 -9.35 11.54
N LYS A 49 4.92 -9.96 10.37
CA LYS A 49 4.49 -9.30 9.12
C LYS A 49 3.62 -10.29 8.32
N THR A 50 3.33 -9.98 7.06
CA THR A 50 2.61 -10.86 6.11
C THR A 50 3.27 -12.25 5.98
N ASN A 51 4.60 -12.31 6.11
CA ASN A 51 5.42 -13.53 6.05
C ASN A 51 5.13 -14.50 7.21
N GLY A 52 4.68 -13.98 8.36
CA GLY A 52 4.33 -14.74 9.56
C GLY A 52 2.81 -14.94 9.67
N GLY A 53 2.09 -13.85 9.95
CA GLY A 53 0.61 -13.88 10.08
C GLY A 53 -0.09 -12.56 10.40
N CYS A 54 0.58 -11.41 10.39
CA CYS A 54 -0.05 -10.12 10.76
C CYS A 54 -1.03 -9.63 9.66
N PRO A 55 -2.33 -9.43 9.96
CA PRO A 55 -3.32 -9.00 8.96
C PRO A 55 -3.16 -7.54 8.53
N VAL A 56 -2.83 -6.61 9.44
CA VAL A 56 -2.64 -5.19 9.11
C VAL A 56 -1.40 -5.01 8.23
N CYS A 57 -0.27 -5.65 8.54
CA CYS A 57 0.91 -5.64 7.69
C CYS A 57 0.55 -6.24 6.31
N LYS A 58 -0.17 -7.38 6.24
CA LYS A 58 -0.61 -8.01 4.98
C LYS A 58 -1.50 -7.09 4.12
N GLN A 59 -2.49 -6.43 4.69
CA GLN A 59 -3.37 -5.51 3.94
C GLN A 59 -2.61 -4.25 3.50
N LEU A 60 -1.61 -3.80 4.27
CA LEU A 60 -0.73 -2.70 3.87
C LEU A 60 0.16 -3.14 2.70
N ILE A 61 0.73 -4.35 2.78
CA ILE A 61 1.55 -4.96 1.70
C ILE A 61 0.77 -5.05 0.39
N ALA A 62 -0.53 -5.33 0.40
CA ALA A 62 -1.34 -5.42 -0.82
C ALA A 62 -1.28 -4.12 -1.66
N LEU A 63 -1.47 -2.96 -1.02
CA LEU A 63 -1.39 -1.66 -1.68
C LEU A 63 0.07 -1.23 -1.93
N CYS A 64 0.99 -1.46 -0.99
CA CYS A 64 2.41 -1.12 -1.18
C CYS A 64 3.04 -1.92 -2.35
N CYS A 65 2.69 -3.20 -2.52
CA CYS A 65 3.20 -4.02 -3.63
C CYS A 65 2.62 -3.55 -4.97
N TYR A 66 1.33 -3.23 -5.02
CA TYR A 66 0.71 -2.66 -6.23
C TYR A 66 1.43 -1.36 -6.61
N HIS A 67 1.73 -0.50 -5.62
CA HIS A 67 2.49 0.75 -5.79
C HIS A 67 3.91 0.52 -6.32
N ALA A 68 4.70 -0.33 -5.65
CA ALA A 68 6.10 -0.61 -5.95
C ALA A 68 6.36 -1.06 -7.40
N LYS A 69 5.38 -1.75 -8.03
CA LYS A 69 5.46 -2.19 -9.42
C LYS A 69 5.59 -1.00 -10.39
N HIS A 70 4.86 0.08 -10.11
CA HIS A 70 4.82 1.33 -10.91
C HIS A 70 5.85 2.38 -10.51
N CYS A 71 6.26 2.43 -9.24
CA CYS A 71 7.20 3.42 -8.70
C CYS A 71 8.60 3.31 -9.37
N GLN A 72 9.14 4.46 -9.79
CA GLN A 72 10.43 4.61 -10.48
C GLN A 72 11.43 5.51 -9.72
N GLU A 73 11.09 5.97 -8.52
CA GLU A 73 11.92 6.81 -7.66
C GLU A 73 13.07 6.00 -7.04
N ASN A 74 14.25 6.62 -6.88
CA ASN A 74 15.45 5.97 -6.34
C ASN A 74 15.29 5.58 -4.85
N LYS A 75 14.80 6.52 -4.03
CA LYS A 75 14.58 6.38 -2.58
C LYS A 75 13.21 6.96 -2.18
N CYS A 76 12.14 6.28 -2.58
CA CYS A 76 10.75 6.68 -2.32
C CYS A 76 10.39 6.64 -0.80
N PRO A 77 9.48 7.53 -0.36
CA PRO A 77 9.05 7.65 1.03
C PRO A 77 8.38 6.40 1.63
N VAL A 78 7.71 5.55 0.84
CA VAL A 78 7.01 4.35 1.32
C VAL A 78 8.02 3.32 1.89
N PRO A 79 7.83 2.76 3.10
CA PRO A 79 8.80 1.87 3.73
C PRO A 79 9.01 0.53 3.02
N PHE A 80 7.94 -0.11 2.53
CA PHE A 80 8.05 -1.41 1.86
C PHE A 80 8.49 -1.29 0.39
N CYS A 81 8.13 -0.18 -0.28
CA CYS A 81 8.43 0.07 -1.70
C CYS A 81 9.90 -0.21 -2.04
N LEU A 82 10.86 0.29 -1.25
CA LEU A 82 12.28 0.06 -1.50
C LEU A 82 12.64 -1.44 -1.54
N ASN A 83 12.20 -2.20 -0.53
CA ASN A 83 12.41 -3.64 -0.46
C ASN A 83 11.75 -4.37 -1.64
N ILE A 84 10.48 -4.02 -1.93
CA ILE A 84 9.70 -4.61 -3.01
C ILE A 84 10.34 -4.31 -4.38
N LYS A 85 10.75 -3.06 -4.67
CA LYS A 85 11.45 -2.69 -5.90
C LYS A 85 12.76 -3.45 -6.05
N HIS A 86 13.57 -3.54 -4.99
CA HIS A 86 14.82 -4.31 -5.01
C HIS A 86 14.58 -5.80 -5.38
N LYS A 87 13.68 -6.50 -4.66
CA LYS A 87 13.36 -7.91 -5.00
C LYS A 87 12.69 -8.04 -6.37
N LEU A 88 11.93 -7.05 -6.82
CA LEU A 88 11.29 -7.08 -8.15
C LEU A 88 12.33 -6.89 -9.25
N ARG A 89 13.23 -5.89 -9.17
CA ARG A 89 14.31 -5.74 -10.17
C ARG A 89 15.22 -6.98 -10.17
N GLN A 90 15.40 -7.63 -9.01
CA GLN A 90 16.14 -8.90 -8.92
C GLN A 90 15.39 -10.07 -9.61
N GLN A 91 14.06 -10.20 -9.45
CA GLN A 91 13.28 -11.32 -10.04
C GLN A 91 12.71 -11.11 -11.46
N GLN A 92 11.96 -10.02 -11.71
CA GLN A 92 11.39 -9.71 -13.03
C GLN A 92 12.29 -8.87 -13.93
N GLY A 93 13.11 -7.99 -13.35
CA GLY A 93 13.88 -7.00 -14.10
C GLY A 93 13.04 -5.77 -14.47
N SER A 94 13.47 -5.00 -15.47
CA SER A 94 12.76 -3.80 -15.93
C SER A 94 11.42 -4.15 -16.60
N GLY A 95 10.32 -3.65 -16.06
CA GLY A 95 8.95 -3.87 -16.57
C GLY A 95 7.87 -3.32 -15.64
N SER A 96 6.76 -2.85 -16.21
CA SER A 96 5.61 -2.27 -15.50
C SER A 96 4.26 -2.71 -16.11
N GLY A 97 3.19 -2.61 -15.32
CA GLY A 97 1.82 -2.99 -15.71
C GLY A 97 1.08 -1.98 -16.61
N SER A 98 -0.19 -2.31 -16.89
CA SER A 98 -1.13 -1.51 -17.69
C SER A 98 -2.50 -1.44 -16.98
N GLN A 99 -3.42 -0.58 -17.43
CA GLN A 99 -4.73 -0.36 -16.81
C GLN A 99 -5.52 -1.65 -16.51
N ALA A 100 -5.63 -2.57 -17.48
CA ALA A 100 -6.29 -3.86 -17.31
C ALA A 100 -5.32 -5.02 -17.00
N MET A 101 -4.02 -4.73 -16.90
CA MET A 101 -2.97 -5.72 -16.56
C MET A 101 -2.20 -5.20 -15.36
N ASP A 102 -2.82 -5.34 -14.20
CA ASP A 102 -2.32 -4.85 -12.91
C ASP A 102 -2.52 -5.91 -11.82
N ASP A 103 -2.08 -5.64 -10.58
CA ASP A 103 -2.15 -6.56 -9.45
C ASP A 103 -3.58 -6.66 -8.85
N LEU A 104 -4.54 -7.13 -9.65
CA LEU A 104 -5.97 -7.29 -9.34
C LEU A 104 -6.34 -8.36 -8.30
N MET A 105 -5.40 -8.69 -7.40
CA MET A 105 -5.53 -9.70 -6.35
C MET A 105 -6.42 -9.31 -5.15
N LEU A 106 -7.03 -8.13 -5.18
CA LEU A 106 -7.85 -7.57 -4.09
C LEU A 106 -9.07 -6.76 -4.58
N SER A 107 -10.11 -6.71 -3.74
CA SER A 107 -11.36 -5.98 -4.00
C SER A 107 -11.26 -4.52 -3.53
N PRO A 108 -11.72 -3.53 -4.32
CA PRO A 108 -11.59 -2.10 -3.98
C PRO A 108 -12.50 -1.62 -2.83
N ASP A 109 -13.65 -2.25 -2.62
CA ASP A 109 -14.56 -1.88 -1.53
C ASP A 109 -14.03 -2.33 -0.17
N ASP A 110 -13.15 -3.35 -0.20
CA ASP A 110 -12.53 -3.94 0.99
C ASP A 110 -11.35 -3.11 1.52
N ILE A 111 -10.62 -2.38 0.66
CA ILE A 111 -9.51 -1.50 1.08
C ILE A 111 -9.99 -0.42 2.04
N GLU A 112 -11.24 0.03 1.87
CA GLU A 112 -11.88 1.03 2.72
C GLU A 112 -12.22 0.47 4.12
N GLN A 113 -12.09 -0.84 4.31
CA GLN A 113 -12.39 -1.62 5.52
C GLN A 113 -11.09 -2.06 6.22
N TRP A 114 -10.03 -2.37 5.45
CA TRP A 114 -8.70 -2.75 5.95
C TRP A 114 -8.13 -1.76 7.00
N PHE A 115 -8.55 -0.50 6.93
CA PHE A 115 -8.11 0.59 7.79
C PHE A 115 -9.17 1.09 8.79
N THR A 116 -10.32 0.41 8.91
CA THR A 116 -11.43 0.78 9.82
C THR A 116 -12.01 -0.38 10.66
N GLU A 117 -11.73 -1.64 10.31
CA GLU A 117 -12.23 -2.83 11.01
C GLU A 117 -11.57 -3.10 12.39
N ASP A 118 -10.62 -2.27 12.81
CA ASP A 118 -9.92 -2.38 14.10
C ASP A 118 -10.88 -2.21 15.31
N PRO A 119 -10.67 -2.96 16.41
CA PRO A 119 -11.53 -2.91 17.60
C PRO A 119 -11.42 -1.59 18.38
N GLY A 120 -12.52 -1.20 19.05
CA GLY A 120 -12.60 0.00 19.89
C GLY A 120 -11.99 -0.15 21.29
N PRO A 121 -12.10 0.89 22.16
CA PRO A 121 -11.57 0.89 23.52
C PRO A 121 -12.09 -0.24 24.42
N ASP A 122 -11.30 -0.60 25.44
CA ASP A 122 -11.63 -1.64 26.42
C ASP A 122 -12.81 -1.24 27.33
N SER A 1 -16.78 -1.24 -16.36
CA SER A 1 -16.03 -2.38 -15.83
C SER A 1 -15.67 -2.20 -14.34
N PRO A 2 -15.67 -3.29 -13.52
CA PRO A 2 -15.30 -3.22 -12.11
C PRO A 2 -13.79 -2.95 -11.93
N GLN A 3 -12.98 -3.32 -12.92
CA GLN A 3 -11.54 -3.10 -12.95
C GLN A 3 -11.17 -1.60 -12.92
N GLU A 4 -12.02 -0.74 -13.51
CA GLU A 4 -11.84 0.72 -13.47
C GLU A 4 -11.99 1.23 -12.03
N SER A 5 -13.07 0.83 -11.35
CA SER A 5 -13.31 1.19 -9.95
C SER A 5 -12.20 0.63 -9.04
N ARG A 6 -11.70 -0.58 -9.33
CA ARG A 6 -10.59 -1.21 -8.62
C ARG A 6 -9.33 -0.36 -8.72
N ARG A 7 -8.87 -0.04 -9.93
CA ARG A 7 -7.67 0.79 -10.11
C ARG A 7 -7.85 2.22 -9.60
N LEU A 8 -9.04 2.82 -9.68
CA LEU A 8 -9.29 4.18 -9.17
C LEU A 8 -9.20 4.24 -7.64
N SER A 9 -9.83 3.30 -6.92
CA SER A 9 -9.77 3.24 -5.45
C SER A 9 -8.34 2.90 -4.99
N ILE A 10 -7.68 1.94 -5.66
CA ILE A 10 -6.28 1.61 -5.39
C ILE A 10 -5.39 2.85 -5.61
N GLN A 11 -5.52 3.59 -6.72
CA GLN A 11 -4.75 4.82 -6.96
C GLN A 11 -5.00 5.86 -5.85
N ARG A 12 -6.25 6.04 -5.40
CA ARG A 12 -6.63 6.90 -4.26
C ARG A 12 -5.80 6.52 -3.02
N CYS A 13 -5.78 5.24 -2.67
CA CYS A 13 -5.05 4.75 -1.50
C CYS A 13 -3.53 4.75 -1.71
N ILE A 14 -3.00 4.56 -2.93
CA ILE A 14 -1.56 4.63 -3.21
C ILE A 14 -1.07 6.08 -3.05
N GLN A 15 -1.83 7.05 -3.56
CA GLN A 15 -1.51 8.47 -3.38
C GLN A 15 -1.60 8.81 -1.89
N SER A 16 -2.61 8.30 -1.19
CA SER A 16 -2.76 8.47 0.27
C SER A 16 -1.61 7.84 1.06
N LEU A 17 -1.07 6.71 0.60
CA LEU A 17 0.04 5.98 1.21
C LEU A 17 1.36 6.73 1.05
N VAL A 18 1.72 7.14 -0.17
CA VAL A 18 2.95 7.92 -0.43
C VAL A 18 2.86 9.29 0.25
N HIS A 19 1.65 9.90 0.28
CA HIS A 19 1.39 11.13 1.01
C HIS A 19 1.66 10.88 2.49
N ALA A 20 1.04 9.87 3.11
CA ALA A 20 1.21 9.57 4.53
C ALA A 20 2.67 9.30 4.92
N CYS A 21 3.44 8.65 4.03
CA CYS A 21 4.84 8.38 4.29
C CYS A 21 5.69 9.65 4.17
N GLN A 22 5.37 10.59 3.26
CA GLN A 22 6.07 11.88 3.15
C GLN A 22 5.47 13.06 3.98
N CYS A 23 4.33 12.85 4.65
CA CYS A 23 3.56 13.83 5.42
C CYS A 23 4.25 14.22 6.75
N ARG A 24 4.93 15.38 6.75
CA ARG A 24 5.59 15.95 7.94
C ARG A 24 4.65 16.80 8.80
N ASN A 25 3.38 16.88 8.39
CA ASN A 25 2.26 17.56 9.06
C ASN A 25 1.43 16.59 9.95
N ALA A 26 1.99 15.44 10.32
CA ALA A 26 1.47 14.26 11.05
C ALA A 26 -0.01 14.22 11.52
N ASN A 27 -0.53 15.25 12.20
CA ASN A 27 -1.94 15.40 12.59
C ASN A 27 -2.75 16.03 11.43
N CYS A 28 -2.48 15.57 10.21
CA CYS A 28 -3.01 16.01 8.92
C CYS A 28 -4.55 15.94 8.82
N SER A 29 -5.12 16.79 7.94
CA SER A 29 -6.57 16.90 7.71
C SER A 29 -7.14 15.91 6.68
N LEU A 30 -6.29 15.23 5.89
CA LEU A 30 -6.75 14.23 4.89
C LEU A 30 -7.23 12.94 5.59
N PRO A 31 -8.34 12.32 5.15
CA PRO A 31 -8.90 11.13 5.79
C PRO A 31 -8.01 9.88 5.66
N SER A 32 -7.58 9.53 4.44
CA SER A 32 -6.76 8.34 4.20
C SER A 32 -5.29 8.52 4.60
N CYS A 33 -4.82 9.76 4.81
CA CYS A 33 -3.49 10.06 5.34
C CYS A 33 -3.38 9.44 6.75
N GLN A 34 -4.32 9.79 7.63
CA GLN A 34 -4.41 9.28 9.00
C GLN A 34 -4.61 7.75 9.04
N LYS A 35 -5.38 7.17 8.10
CA LYS A 35 -5.57 5.72 7.98
C LYS A 35 -4.26 5.00 7.63
N MET A 36 -3.51 5.52 6.65
CA MET A 36 -2.21 4.95 6.25
C MET A 36 -1.15 5.18 7.34
N LYS A 37 -1.08 6.36 7.97
CA LYS A 37 -0.14 6.65 9.07
C LYS A 37 -0.30 5.68 10.25
N ARG A 38 -1.53 5.27 10.58
CA ARG A 38 -1.80 4.29 11.64
C ARG A 38 -1.15 2.94 11.33
N VAL A 39 -1.34 2.43 10.11
CA VAL A 39 -0.77 1.14 9.70
C VAL A 39 0.74 1.20 9.44
N VAL A 40 1.25 2.33 8.91
CA VAL A 40 2.70 2.56 8.69
C VAL A 40 3.45 2.64 10.03
N GLN A 41 2.91 3.35 11.03
CA GLN A 41 3.53 3.40 12.36
C GLN A 41 3.45 2.04 13.07
N HIS A 42 2.34 1.30 12.88
CA HIS A 42 2.19 -0.05 13.44
C HIS A 42 3.25 -1.01 12.88
N THR A 43 3.33 -1.17 11.56
CA THR A 43 4.22 -2.14 10.91
C THR A 43 5.71 -1.91 11.21
N LYS A 44 6.13 -0.66 11.43
CA LYS A 44 7.51 -0.30 11.82
C LYS A 44 7.90 -0.87 13.19
N GLY A 45 6.92 -1.08 14.07
CA GLY A 45 7.09 -1.68 15.42
C GLY A 45 6.68 -3.15 15.51
N CYS A 46 6.14 -3.74 14.44
CA CYS A 46 5.65 -5.12 14.37
C CYS A 46 6.80 -6.16 14.29
N LYS A 47 6.44 -7.41 14.57
CA LYS A 47 7.32 -8.59 14.60
C LYS A 47 6.71 -9.84 13.94
N ARG A 48 5.44 -9.77 13.50
CA ARG A 48 4.68 -10.85 12.85
C ARG A 48 4.22 -10.53 11.43
N LYS A 49 4.81 -9.48 10.82
CA LYS A 49 4.59 -8.95 9.45
C LYS A 49 4.28 -10.06 8.46
N THR A 50 3.33 -9.83 7.53
CA THR A 50 2.77 -10.72 6.47
C THR A 50 3.32 -12.16 6.35
N ASN A 51 4.65 -12.34 6.21
CA ASN A 51 5.39 -13.59 6.23
C ASN A 51 5.00 -14.51 7.41
N GLY A 52 4.78 -13.93 8.59
CA GLY A 52 4.35 -14.60 9.82
C GLY A 52 2.84 -14.83 9.84
N GLY A 53 2.06 -13.76 10.04
CA GLY A 53 0.60 -13.82 10.06
C GLY A 53 -0.17 -12.52 10.32
N CYS A 54 0.50 -11.38 10.54
CA CYS A 54 -0.12 -10.09 10.84
C CYS A 54 -1.05 -9.60 9.70
N PRO A 55 -2.35 -9.38 9.95
CA PRO A 55 -3.30 -8.96 8.91
C PRO A 55 -3.14 -7.50 8.51
N VAL A 56 -2.83 -6.58 9.42
CA VAL A 56 -2.65 -5.15 9.11
C VAL A 56 -1.41 -4.94 8.22
N CYS A 57 -0.28 -5.57 8.51
CA CYS A 57 0.89 -5.55 7.62
C CYS A 57 0.51 -6.14 6.25
N LYS A 58 -0.13 -7.33 6.21
CA LYS A 58 -0.55 -7.98 4.96
C LYS A 58 -1.47 -7.11 4.08
N GLN A 59 -2.47 -6.44 4.65
CA GLN A 59 -3.35 -5.54 3.88
C GLN A 59 -2.64 -4.23 3.47
N LEU A 60 -1.65 -3.75 4.24
CA LEU A 60 -0.83 -2.60 3.86
C LEU A 60 0.09 -2.98 2.69
N ILE A 61 0.66 -4.19 2.71
CA ILE A 61 1.50 -4.77 1.64
C ILE A 61 0.75 -4.79 0.30
N ALA A 62 -0.59 -4.95 0.29
CA ALA A 62 -1.37 -4.97 -0.94
C ALA A 62 -1.26 -3.67 -1.75
N LEU A 63 -1.46 -2.50 -1.10
CA LEU A 63 -1.30 -1.19 -1.76
C LEU A 63 0.19 -0.91 -2.04
N CYS A 64 1.09 -1.24 -1.09
CA CYS A 64 2.52 -1.00 -1.26
C CYS A 64 3.11 -1.80 -2.44
N CYS A 65 2.74 -3.07 -2.63
CA CYS A 65 3.23 -3.87 -3.76
C CYS A 65 2.67 -3.37 -5.09
N TYR A 66 1.39 -3.00 -5.14
CA TYR A 66 0.79 -2.41 -6.35
C TYR A 66 1.54 -1.10 -6.70
N HIS A 67 1.83 -0.25 -5.70
CA HIS A 67 2.59 1.00 -5.85
C HIS A 67 4.02 0.76 -6.35
N ALA A 68 4.78 -0.12 -5.69
CA ALA A 68 6.19 -0.42 -5.98
C ALA A 68 6.46 -0.84 -7.43
N LYS A 69 5.49 -1.50 -8.08
CA LYS A 69 5.58 -1.91 -9.50
C LYS A 69 5.73 -0.69 -10.41
N HIS A 70 5.06 0.42 -10.09
CA HIS A 70 5.06 1.70 -10.82
C HIS A 70 6.15 2.70 -10.38
N CYS A 71 6.50 2.71 -9.09
CA CYS A 71 7.49 3.62 -8.51
C CYS A 71 8.90 3.40 -9.13
N GLN A 72 9.66 4.49 -9.28
CA GLN A 72 11.00 4.51 -9.90
C GLN A 72 11.98 5.47 -9.20
N GLU A 73 11.66 5.91 -7.97
CA GLU A 73 12.49 6.82 -7.17
C GLU A 73 13.74 6.08 -6.62
N ASN A 74 14.85 6.80 -6.41
CA ASN A 74 16.09 6.20 -5.89
C ASN A 74 15.95 5.67 -4.45
N LYS A 75 15.23 6.42 -3.59
CA LYS A 75 14.95 6.12 -2.17
C LYS A 75 13.55 6.64 -1.81
N CYS A 76 12.49 5.94 -2.21
CA CYS A 76 11.10 6.35 -1.97
C CYS A 76 10.72 6.34 -0.47
N PRO A 77 9.85 7.29 -0.05
CA PRO A 77 9.39 7.43 1.34
C PRO A 77 8.58 6.24 1.88
N VAL A 78 7.89 5.44 1.06
CA VAL A 78 7.09 4.29 1.51
C VAL A 78 8.01 3.21 2.10
N PRO A 79 7.72 2.65 3.29
CA PRO A 79 8.62 1.71 3.98
C PRO A 79 8.89 0.41 3.22
N PHE A 80 7.88 -0.18 2.58
CA PHE A 80 8.03 -1.46 1.87
C PHE A 80 8.44 -1.28 0.40
N CYS A 81 8.03 -0.19 -0.26
CA CYS A 81 8.27 0.07 -1.67
C CYS A 81 9.73 -0.18 -2.09
N LEU A 82 10.69 0.42 -1.42
CA LEU A 82 12.11 0.27 -1.72
C LEU A 82 12.59 -1.19 -1.71
N ASN A 83 12.18 -1.95 -0.68
CA ASN A 83 12.47 -3.38 -0.56
C ASN A 83 11.80 -4.18 -1.70
N ILE A 84 10.52 -3.92 -1.96
CA ILE A 84 9.73 -4.54 -3.03
C ILE A 84 10.36 -4.25 -4.39
N LYS A 85 10.77 -3.01 -4.69
CA LYS A 85 11.47 -2.62 -5.91
C LYS A 85 12.76 -3.42 -6.05
N HIS A 86 13.62 -3.47 -5.02
CA HIS A 86 14.85 -4.28 -5.10
C HIS A 86 14.58 -5.75 -5.42
N LYS A 87 13.64 -6.43 -4.73
CA LYS A 87 13.31 -7.83 -5.05
C LYS A 87 12.60 -8.00 -6.41
N LEU A 88 11.88 -6.99 -6.91
CA LEU A 88 11.28 -7.00 -8.25
C LEU A 88 12.36 -6.79 -9.33
N ARG A 89 13.35 -5.92 -9.10
CA ARG A 89 14.53 -5.77 -9.98
C ARG A 89 15.31 -7.09 -10.04
N GLN A 90 15.41 -7.80 -8.91
CA GLN A 90 16.05 -9.11 -8.84
C GLN A 90 15.28 -10.23 -9.58
N GLN A 91 13.95 -10.34 -9.38
CA GLN A 91 13.14 -11.43 -9.97
C GLN A 91 12.52 -11.15 -11.36
N GLN A 92 11.89 -9.98 -11.55
CA GLN A 92 11.23 -9.57 -12.79
C GLN A 92 12.16 -8.81 -13.75
N GLY A 93 13.15 -8.10 -13.20
CA GLY A 93 14.11 -7.27 -13.93
C GLY A 93 13.70 -5.79 -13.98
N SER A 94 12.42 -5.52 -14.24
CA SER A 94 11.82 -4.17 -14.29
C SER A 94 10.30 -4.21 -14.05
N GLY A 95 9.71 -3.07 -13.69
CA GLY A 95 8.26 -2.94 -13.48
C GLY A 95 7.45 -3.00 -14.78
N SER A 96 6.21 -3.51 -14.71
CA SER A 96 5.30 -3.65 -15.86
C SER A 96 3.82 -3.54 -15.47
N GLY A 97 2.98 -3.15 -16.43
CA GLY A 97 1.53 -2.99 -16.29
C GLY A 97 0.90 -2.15 -17.42
N SER A 98 -0.40 -2.32 -17.64
CA SER A 98 -1.19 -1.63 -18.68
C SER A 98 -2.49 -1.02 -18.13
N GLN A 99 -2.46 -0.58 -16.86
CA GLN A 99 -3.52 -0.01 -16.03
C GLN A 99 -4.73 -0.92 -15.75
N ALA A 100 -5.35 -1.52 -16.78
CA ALA A 100 -6.39 -2.53 -16.61
C ALA A 100 -5.75 -3.91 -16.30
N MET A 101 -4.46 -4.06 -16.65
CA MET A 101 -3.62 -5.22 -16.38
C MET A 101 -2.63 -4.77 -15.29
N ASP A 102 -2.99 -5.05 -14.05
CA ASP A 102 -2.26 -4.63 -12.84
C ASP A 102 -2.42 -5.69 -11.73
N ASP A 103 -1.98 -5.38 -10.51
CA ASP A 103 -2.04 -6.27 -9.35
C ASP A 103 -3.46 -6.35 -8.75
N LEU A 104 -4.42 -6.79 -9.57
CA LEU A 104 -5.88 -6.92 -9.33
C LEU A 104 -6.30 -8.03 -8.34
N MET A 105 -5.39 -8.42 -7.45
CA MET A 105 -5.55 -9.47 -6.42
C MET A 105 -6.61 -9.19 -5.33
N LEU A 106 -7.20 -7.98 -5.29
CA LEU A 106 -8.11 -7.49 -4.25
C LEU A 106 -9.42 -6.89 -4.81
N SER A 107 -10.19 -6.21 -3.94
CA SER A 107 -11.44 -5.50 -4.26
C SER A 107 -11.36 -4.05 -3.74
N PRO A 108 -11.85 -3.04 -4.49
CA PRO A 108 -11.80 -1.63 -4.06
C PRO A 108 -12.62 -1.32 -2.80
N ASP A 109 -13.65 -2.11 -2.47
CA ASP A 109 -14.42 -1.94 -1.26
C ASP A 109 -13.62 -2.47 -0.07
N ASP A 110 -12.91 -3.59 -0.24
CA ASP A 110 -12.09 -4.19 0.82
C ASP A 110 -11.04 -3.21 1.38
N ILE A 111 -10.39 -2.41 0.53
CA ILE A 111 -9.40 -1.41 0.96
C ILE A 111 -10.01 -0.36 1.91
N GLU A 112 -11.30 -0.05 1.73
CA GLU A 112 -12.02 0.90 2.56
C GLU A 112 -12.43 0.29 3.93
N GLN A 113 -12.21 -1.03 4.12
CA GLN A 113 -12.45 -1.76 5.38
C GLN A 113 -11.14 -2.17 6.07
N TRP A 114 -10.08 -2.47 5.31
CA TRP A 114 -8.75 -2.87 5.80
C TRP A 114 -8.13 -1.91 6.83
N PHE A 115 -8.55 -0.64 6.83
CA PHE A 115 -8.04 0.42 7.71
C PHE A 115 -9.04 0.93 8.76
N THR A 116 -10.27 0.41 8.83
CA THR A 116 -11.26 0.83 9.84
C THR A 116 -11.08 0.07 11.14
N GLU A 117 -10.87 -1.24 11.03
CA GLU A 117 -10.62 -2.16 12.13
C GLU A 117 -9.62 -3.24 11.68
N ASP A 118 -8.91 -3.87 12.63
CA ASP A 118 -7.96 -4.95 12.33
C ASP A 118 -8.71 -6.22 11.86
N PRO A 119 -8.41 -6.79 10.68
CA PRO A 119 -9.10 -7.99 10.17
C PRO A 119 -9.00 -9.21 11.10
N GLY A 120 -10.08 -9.99 11.19
CA GLY A 120 -10.17 -11.20 12.03
C GLY A 120 -11.59 -11.78 12.11
N PRO A 121 -11.77 -12.90 12.84
CA PRO A 121 -13.07 -13.55 13.00
C PRO A 121 -14.04 -12.75 13.89
N ASP A 122 -15.35 -13.00 13.74
CA ASP A 122 -16.41 -12.34 14.51
C ASP A 122 -16.41 -12.76 15.99
N SER A 1 -16.16 -1.36 -16.85
CA SER A 1 -15.48 -2.52 -16.25
C SER A 1 -15.16 -2.29 -14.76
N PRO A 2 -15.20 -3.34 -13.91
CA PRO A 2 -14.89 -3.22 -12.47
C PRO A 2 -13.40 -2.93 -12.24
N GLN A 3 -12.53 -3.31 -13.19
CA GLN A 3 -11.09 -3.08 -13.16
C GLN A 3 -10.74 -1.57 -13.11
N GLU A 4 -11.56 -0.71 -13.72
CA GLU A 4 -11.38 0.75 -13.68
C GLU A 4 -11.58 1.25 -12.24
N SER A 5 -12.72 0.90 -11.64
CA SER A 5 -13.05 1.25 -10.24
C SER A 5 -12.03 0.66 -9.25
N ARG A 6 -11.50 -0.55 -9.55
CA ARG A 6 -10.43 -1.18 -8.78
C ARG A 6 -9.18 -0.30 -8.79
N ARG A 7 -8.66 0.05 -9.98
CA ARG A 7 -7.47 0.90 -10.07
C ARG A 7 -7.71 2.31 -9.55
N LEU A 8 -8.93 2.87 -9.63
CA LEU A 8 -9.25 4.20 -9.08
C LEU A 8 -9.19 4.20 -7.54
N SER A 9 -9.84 3.25 -6.87
CA SER A 9 -9.81 3.14 -5.40
C SER A 9 -8.39 2.83 -4.91
N ILE A 10 -7.71 1.90 -5.59
CA ILE A 10 -6.30 1.57 -5.30
C ILE A 10 -5.42 2.82 -5.48
N GLN A 11 -5.53 3.57 -6.59
CA GLN A 11 -4.77 4.81 -6.80
C GLN A 11 -5.03 5.82 -5.68
N ARG A 12 -6.28 5.99 -5.24
CA ARG A 12 -6.67 6.84 -4.10
C ARG A 12 -5.88 6.46 -2.85
N CYS A 13 -5.91 5.18 -2.49
CA CYS A 13 -5.16 4.68 -1.34
C CYS A 13 -3.65 4.77 -1.54
N ILE A 14 -3.13 4.56 -2.76
CA ILE A 14 -1.70 4.66 -3.07
C ILE A 14 -1.20 6.09 -2.93
N GLN A 15 -1.92 7.09 -3.45
CA GLN A 15 -1.52 8.49 -3.27
C GLN A 15 -1.61 8.88 -1.79
N SER A 16 -2.64 8.40 -1.09
CA SER A 16 -2.80 8.59 0.35
C SER A 16 -1.65 7.96 1.14
N LEU A 17 -1.14 6.80 0.71
CA LEU A 17 -0.02 6.06 1.32
C LEU A 17 1.31 6.80 1.12
N VAL A 18 1.65 7.16 -0.12
CA VAL A 18 2.90 7.91 -0.40
C VAL A 18 2.84 9.28 0.29
N HIS A 19 1.68 9.95 0.28
CA HIS A 19 1.49 11.20 1.00
C HIS A 19 1.72 10.97 2.50
N ALA A 20 1.09 9.97 3.13
CA ALA A 20 1.26 9.68 4.55
C ALA A 20 2.73 9.43 4.92
N CYS A 21 3.48 8.76 4.04
CA CYS A 21 4.90 8.52 4.26
C CYS A 21 5.72 9.82 4.10
N GLN A 22 5.31 10.75 3.21
CA GLN A 22 5.93 12.08 3.03
C GLN A 22 5.43 13.17 4.02
N CYS A 23 4.31 12.95 4.72
CA CYS A 23 3.61 13.93 5.55
C CYS A 23 4.34 14.27 6.87
N ARG A 24 5.04 15.41 6.89
CA ARG A 24 5.75 15.96 8.08
C ARG A 24 4.83 16.82 8.96
N ASN A 25 3.56 16.94 8.58
CA ASN A 25 2.46 17.66 9.22
C ASN A 25 1.57 16.74 10.09
N ALA A 26 2.08 15.55 10.46
CA ALA A 26 1.48 14.39 11.17
C ALA A 26 0.00 14.45 11.62
N ASN A 27 -0.44 15.48 12.33
CA ASN A 27 -1.85 15.73 12.70
C ASN A 27 -2.68 16.30 11.51
N CYS A 28 -2.35 15.84 10.29
CA CYS A 28 -2.91 16.21 8.99
C CYS A 28 -4.45 16.02 8.92
N SER A 29 -5.10 16.87 8.11
CA SER A 29 -6.56 16.89 7.92
C SER A 29 -7.09 15.93 6.85
N LEU A 30 -6.22 15.31 6.03
CA LEU A 30 -6.66 14.34 5.02
C LEU A 30 -7.18 13.05 5.70
N PRO A 31 -8.29 12.45 5.23
CA PRO A 31 -8.89 11.28 5.88
C PRO A 31 -8.04 10.01 5.76
N SER A 32 -7.57 9.66 4.55
CA SER A 32 -6.75 8.45 4.33
C SER A 32 -5.29 8.62 4.73
N CYS A 33 -4.81 9.86 4.94
CA CYS A 33 -3.47 10.13 5.46
C CYS A 33 -3.37 9.55 6.89
N GLN A 34 -4.33 9.92 7.74
CA GLN A 34 -4.48 9.42 9.11
C GLN A 34 -4.60 7.88 9.16
N LYS A 35 -5.35 7.29 8.21
CA LYS A 35 -5.51 5.82 8.09
C LYS A 35 -4.20 5.13 7.72
N MET A 36 -3.44 5.68 6.76
CA MET A 36 -2.16 5.13 6.33
C MET A 36 -1.07 5.33 7.39
N LYS A 37 -1.00 6.49 8.05
CA LYS A 37 -0.04 6.75 9.14
C LYS A 37 -0.17 5.72 10.26
N ARG A 38 -1.41 5.39 10.66
CA ARG A 38 -1.70 4.36 11.69
C ARG A 38 -1.06 3.02 11.35
N VAL A 39 -1.26 2.53 10.13
CA VAL A 39 -0.70 1.24 9.69
C VAL A 39 0.81 1.29 9.42
N VAL A 40 1.34 2.42 8.93
CA VAL A 40 2.79 2.62 8.72
C VAL A 40 3.52 2.65 10.07
N GLN A 41 3.02 3.40 11.05
CA GLN A 41 3.63 3.45 12.40
C GLN A 41 3.51 2.10 13.11
N HIS A 42 2.42 1.35 12.88
CA HIS A 42 2.26 0.00 13.41
C HIS A 42 3.32 -0.95 12.83
N THR A 43 3.38 -1.10 11.50
CA THR A 43 4.28 -2.05 10.83
C THR A 43 5.77 -1.79 11.10
N LYS A 44 6.16 -0.51 11.28
CA LYS A 44 7.53 -0.12 11.65
C LYS A 44 7.98 -0.70 13.00
N GLY A 45 7.03 -0.97 13.90
CA GLY A 45 7.25 -1.58 15.23
C GLY A 45 6.84 -3.07 15.31
N CYS A 46 6.30 -3.64 14.23
CA CYS A 46 5.83 -5.02 14.15
C CYS A 46 6.98 -6.05 13.94
N LYS A 47 6.60 -7.33 14.08
CA LYS A 47 7.47 -8.52 13.96
C LYS A 47 6.72 -9.76 13.41
N ARG A 48 5.41 -9.86 13.65
CA ARG A 48 4.54 -10.97 13.19
C ARG A 48 4.10 -10.90 11.72
N LYS A 49 4.32 -9.76 11.05
CA LYS A 49 4.03 -9.26 9.69
C LYS A 49 3.30 -10.18 8.68
N THR A 50 3.42 -9.92 7.37
CA THR A 50 2.78 -10.75 6.32
C THR A 50 3.37 -12.17 6.26
N ASN A 51 4.63 -12.33 6.65
CA ASN A 51 5.35 -13.62 6.68
C ASN A 51 4.80 -14.59 7.75
N GLY A 52 4.40 -14.07 8.91
CA GLY A 52 3.86 -14.85 10.03
C GLY A 52 2.33 -14.96 9.97
N GLY A 53 1.62 -13.87 10.28
CA GLY A 53 0.15 -13.84 10.27
C GLY A 53 -0.52 -12.51 10.64
N CYS A 54 0.19 -11.38 10.60
CA CYS A 54 -0.34 -10.05 10.95
C CYS A 54 -1.28 -9.53 9.83
N PRO A 55 -2.57 -9.25 10.11
CA PRO A 55 -3.53 -8.81 9.09
C PRO A 55 -3.31 -7.37 8.61
N VAL A 56 -2.82 -6.46 9.46
CA VAL A 56 -2.57 -5.06 9.08
C VAL A 56 -1.36 -4.96 8.14
N CYS A 57 -0.20 -5.56 8.47
CA CYS A 57 0.96 -5.61 7.57
C CYS A 57 0.59 -6.27 6.23
N LYS A 58 -0.11 -7.41 6.24
CA LYS A 58 -0.51 -8.12 5.02
C LYS A 58 -1.44 -7.31 4.11
N GLN A 59 -2.45 -6.62 4.66
CA GLN A 59 -3.36 -5.77 3.88
C GLN A 59 -2.66 -4.47 3.44
N LEU A 60 -1.72 -3.93 4.23
CA LEU A 60 -0.90 -2.79 3.84
C LEU A 60 0.00 -3.17 2.65
N ILE A 61 0.55 -4.39 2.67
CA ILE A 61 1.37 -4.95 1.59
C ILE A 61 0.61 -5.01 0.28
N ALA A 62 -0.70 -5.31 0.28
CA ALA A 62 -1.49 -5.39 -0.95
C ALA A 62 -1.45 -4.06 -1.73
N LEU A 63 -1.56 -2.91 -1.05
CA LEU A 63 -1.47 -1.59 -1.69
C LEU A 63 -0.02 -1.17 -1.94
N CYS A 64 0.92 -1.42 -1.01
CA CYS A 64 2.34 -1.07 -1.19
C CYS A 64 2.99 -1.84 -2.35
N CYS A 65 2.66 -3.13 -2.51
CA CYS A 65 3.18 -3.97 -3.59
C CYS A 65 2.55 -3.61 -4.94
N TYR A 66 1.31 -3.11 -4.96
CA TYR A 66 0.70 -2.56 -6.18
C TYR A 66 1.42 -1.25 -6.56
N HIS A 67 1.69 -0.36 -5.59
CA HIS A 67 2.42 0.91 -5.76
C HIS A 67 3.84 0.68 -6.31
N ALA A 68 4.62 -0.19 -5.68
CA ALA A 68 6.02 -0.47 -6.02
C ALA A 68 6.26 -0.88 -7.47
N LYS A 69 5.26 -1.48 -8.13
CA LYS A 69 5.31 -1.88 -9.54
C LYS A 69 5.38 -0.65 -10.46
N HIS A 70 4.69 0.44 -10.09
CA HIS A 70 4.64 1.70 -10.84
C HIS A 70 5.73 2.72 -10.44
N CYS A 71 6.17 2.69 -9.17
CA CYS A 71 7.21 3.57 -8.63
C CYS A 71 8.59 3.28 -9.26
N GLN A 72 9.37 4.34 -9.51
CA GLN A 72 10.69 4.31 -10.15
C GLN A 72 11.72 5.24 -9.45
N GLU A 73 11.40 5.75 -8.25
CA GLU A 73 12.26 6.64 -7.46
C GLU A 73 13.47 5.87 -6.88
N ASN A 74 14.61 6.55 -6.70
CA ASN A 74 15.85 5.96 -6.19
C ASN A 74 15.70 5.47 -4.72
N LYS A 75 15.14 6.33 -3.85
CA LYS A 75 14.91 6.08 -2.41
C LYS A 75 13.51 6.62 -2.02
N CYS A 76 12.46 5.89 -2.37
CA CYS A 76 11.06 6.30 -2.13
C CYS A 76 10.70 6.35 -0.62
N PRO A 77 9.82 7.30 -0.23
CA PRO A 77 9.36 7.49 1.15
C PRO A 77 8.59 6.30 1.76
N VAL A 78 7.89 5.49 0.95
CA VAL A 78 7.10 4.33 1.44
C VAL A 78 8.06 3.27 2.04
N PRO A 79 7.80 2.73 3.24
CA PRO A 79 8.73 1.80 3.91
C PRO A 79 8.96 0.48 3.16
N PHE A 80 7.93 -0.10 2.54
CA PHE A 80 8.07 -1.38 1.83
C PHE A 80 8.50 -1.21 0.37
N CYS A 81 8.08 -0.14 -0.30
CA CYS A 81 8.34 0.11 -1.73
C CYS A 81 9.80 -0.14 -2.12
N LEU A 82 10.75 0.46 -1.39
CA LEU A 82 12.17 0.31 -1.68
C LEU A 82 12.63 -1.17 -1.69
N ASN A 83 12.17 -1.95 -0.70
CA ASN A 83 12.43 -3.39 -0.63
C ASN A 83 11.77 -4.15 -1.79
N ILE A 84 10.49 -3.85 -2.08
CA ILE A 84 9.73 -4.47 -3.16
C ILE A 84 10.39 -4.18 -4.51
N LYS A 85 10.77 -2.93 -4.79
CA LYS A 85 11.50 -2.53 -6.00
C LYS A 85 12.80 -3.31 -6.10
N HIS A 86 13.63 -3.34 -5.05
CA HIS A 86 14.88 -4.13 -5.07
C HIS A 86 14.64 -5.62 -5.43
N LYS A 87 13.66 -6.31 -4.82
CA LYS A 87 13.37 -7.71 -5.19
C LYS A 87 12.74 -7.85 -6.58
N LEU A 88 11.96 -6.88 -7.05
CA LEU A 88 11.42 -6.87 -8.42
C LEU A 88 12.54 -6.62 -9.44
N ARG A 89 13.53 -5.78 -9.11
CA ARG A 89 14.75 -5.55 -9.92
C ARG A 89 15.59 -6.83 -10.00
N GLN A 90 15.71 -7.55 -8.89
CA GLN A 90 16.41 -8.84 -8.83
C GLN A 90 15.68 -9.94 -9.64
N GLN A 91 14.34 -9.97 -9.60
CA GLN A 91 13.51 -10.96 -10.29
C GLN A 91 13.25 -10.65 -11.78
N GLN A 92 12.46 -9.62 -12.08
CA GLN A 92 12.08 -9.22 -13.44
C GLN A 92 13.02 -8.21 -14.14
N GLY A 93 13.63 -7.30 -13.39
CA GLY A 93 14.53 -6.26 -13.90
C GLY A 93 14.15 -4.85 -13.42
N SER A 94 12.85 -4.56 -13.41
CA SER A 94 12.22 -3.32 -12.92
C SER A 94 10.70 -3.52 -12.86
N GLY A 95 9.98 -2.67 -12.11
CA GLY A 95 8.51 -2.71 -12.01
C GLY A 95 7.82 -2.29 -13.32
N SER A 96 6.65 -2.86 -13.60
CA SER A 96 5.82 -2.57 -14.78
C SER A 96 4.34 -2.91 -14.56
N GLY A 97 3.43 -2.28 -15.31
CA GLY A 97 1.99 -2.53 -15.25
C GLY A 97 1.14 -1.52 -16.05
N SER A 98 -0.13 -1.88 -16.29
CA SER A 98 -1.15 -1.09 -16.99
C SER A 98 -2.55 -1.50 -16.48
N GLN A 99 -3.62 -0.74 -16.78
CA GLN A 99 -4.98 -0.98 -16.26
C GLN A 99 -5.47 -2.44 -16.27
N ALA A 100 -5.36 -3.15 -17.39
CA ALA A 100 -5.79 -4.54 -17.49
C ALA A 100 -4.71 -5.56 -17.09
N MET A 101 -3.46 -5.11 -16.90
CA MET A 101 -2.33 -5.94 -16.47
C MET A 101 -1.68 -5.31 -15.23
N ASP A 102 -2.36 -5.52 -14.10
CA ASP A 102 -1.97 -4.99 -12.80
C ASP A 102 -2.18 -6.02 -11.70
N ASP A 103 -1.84 -5.68 -10.46
CA ASP A 103 -1.97 -6.57 -9.30
C ASP A 103 -3.43 -6.66 -8.79
N LEU A 104 -4.35 -7.13 -9.64
CA LEU A 104 -5.80 -7.25 -9.44
C LEU A 104 -6.26 -8.30 -8.40
N MET A 105 -5.39 -8.66 -7.47
CA MET A 105 -5.58 -9.66 -6.42
C MET A 105 -6.51 -9.27 -5.26
N LEU A 106 -7.13 -8.08 -5.33
CA LEU A 106 -7.97 -7.49 -4.28
C LEU A 106 -9.14 -6.63 -4.81
N SER A 107 -10.18 -6.44 -4.00
CA SER A 107 -11.40 -5.68 -4.36
C SER A 107 -11.38 -4.22 -3.84
N PRO A 108 -11.86 -3.23 -4.62
CA PRO A 108 -11.84 -1.82 -4.21
C PRO A 108 -12.70 -1.47 -2.99
N ASP A 109 -13.82 -2.17 -2.77
CA ASP A 109 -14.68 -1.90 -1.61
C ASP A 109 -14.11 -2.53 -0.33
N ASP A 110 -13.12 -3.41 -0.45
CA ASP A 110 -12.46 -4.08 0.68
C ASP A 110 -11.29 -3.27 1.24
N ILE A 111 -10.59 -2.48 0.41
CA ILE A 111 -9.46 -1.63 0.85
C ILE A 111 -9.90 -0.64 1.95
N GLU A 112 -11.14 -0.15 1.85
CA GLU A 112 -11.73 0.78 2.80
C GLU A 112 -12.06 0.12 4.16
N GLN A 113 -12.08 -1.22 4.21
CA GLN A 113 -12.38 -2.04 5.39
C GLN A 113 -11.08 -2.41 6.16
N TRP A 114 -9.96 -2.59 5.44
CA TRP A 114 -8.64 -2.94 6.00
C TRP A 114 -8.11 -1.95 7.05
N PHE A 115 -8.57 -0.69 6.98
CA PHE A 115 -8.13 0.41 7.83
C PHE A 115 -9.11 0.79 8.97
N THR A 116 -10.14 -0.04 9.22
CA THR A 116 -11.16 0.18 10.28
C THR A 116 -10.71 -0.19 11.69
N GLU A 117 -9.47 -0.66 11.87
CA GLU A 117 -8.91 -1.08 13.16
C GLU A 117 -8.50 0.13 14.04
N ASP A 118 -9.45 1.00 14.35
CA ASP A 118 -9.27 2.23 15.13
C ASP A 118 -9.21 1.98 16.66
N PRO A 119 -8.58 2.86 17.46
CA PRO A 119 -8.49 2.74 18.92
C PRO A 119 -9.84 2.69 19.64
N GLY A 120 -9.86 2.12 20.85
CA GLY A 120 -11.06 2.01 21.71
C GLY A 120 -10.75 1.55 23.14
N PRO A 121 -11.79 1.37 23.99
CA PRO A 121 -11.65 0.96 25.39
C PRO A 121 -10.91 -0.37 25.61
N ASP A 122 -10.30 -0.53 26.79
CA ASP A 122 -9.56 -1.72 27.23
C ASP A 122 -8.60 -2.28 26.17
N SER A 1 -15.98 0.25 -16.13
CA SER A 1 -15.47 -1.12 -15.92
C SER A 1 -15.10 -1.38 -14.45
N PRO A 2 -15.39 -2.57 -13.88
CA PRO A 2 -15.00 -2.91 -12.50
C PRO A 2 -13.48 -2.81 -12.30
N GLN A 3 -12.71 -3.16 -13.33
CA GLN A 3 -11.25 -3.09 -13.36
C GLN A 3 -10.75 -1.64 -13.26
N GLU A 4 -11.43 -0.69 -13.91
CA GLU A 4 -11.10 0.74 -13.84
C GLU A 4 -11.46 1.29 -12.47
N SER A 5 -12.63 0.92 -11.93
CA SER A 5 -13.06 1.32 -10.59
C SER A 5 -12.08 0.82 -9.52
N ARG A 6 -11.58 -0.42 -9.69
CA ARG A 6 -10.56 -1.01 -8.81
C ARG A 6 -9.26 -0.22 -8.89
N ARG A 7 -8.76 0.03 -10.11
CA ARG A 7 -7.54 0.82 -10.36
C ARG A 7 -7.67 2.20 -9.72
N LEU A 8 -8.80 2.90 -9.88
CA LEU A 8 -9.03 4.23 -9.29
C LEU A 8 -9.03 4.20 -7.75
N SER A 9 -9.69 3.22 -7.12
CA SER A 9 -9.71 3.09 -5.64
C SER A 9 -8.31 2.76 -5.09
N ILE A 10 -7.63 1.80 -5.72
CA ILE A 10 -6.25 1.43 -5.39
C ILE A 10 -5.32 2.64 -5.58
N GLN A 11 -5.41 3.39 -6.68
CA GLN A 11 -4.62 4.61 -6.90
C GLN A 11 -4.92 5.68 -5.83
N ARG A 12 -6.17 5.86 -5.41
CA ARG A 12 -6.58 6.75 -4.32
C ARG A 12 -5.81 6.41 -3.05
N CYS A 13 -5.88 5.14 -2.64
CA CYS A 13 -5.18 4.69 -1.44
C CYS A 13 -3.66 4.66 -1.60
N ILE A 14 -3.12 4.43 -2.80
CA ILE A 14 -1.67 4.48 -3.06
C ILE A 14 -1.16 5.92 -2.98
N GLN A 15 -1.88 6.89 -3.56
CA GLN A 15 -1.52 8.30 -3.43
C GLN A 15 -1.60 8.71 -1.95
N SER A 16 -2.60 8.18 -1.21
CA SER A 16 -2.74 8.43 0.23
C SER A 16 -1.63 7.79 1.07
N LEU A 17 -1.13 6.62 0.66
CA LEU A 17 -0.02 5.88 1.30
C LEU A 17 1.28 6.66 1.15
N VAL A 18 1.59 7.10 -0.08
CA VAL A 18 2.77 7.91 -0.41
C VAL A 18 2.72 9.27 0.31
N HIS A 19 1.53 9.91 0.29
CA HIS A 19 1.27 11.14 1.03
C HIS A 19 1.55 10.91 2.51
N ALA A 20 0.93 9.92 3.16
CA ALA A 20 1.11 9.61 4.57
C ALA A 20 2.58 9.33 4.94
N CYS A 21 3.32 8.66 4.06
CA CYS A 21 4.73 8.37 4.31
C CYS A 21 5.59 9.65 4.21
N GLN A 22 5.26 10.60 3.32
CA GLN A 22 5.98 11.90 3.24
C GLN A 22 5.36 13.06 4.05
N CYS A 23 4.20 12.88 4.70
CA CYS A 23 3.43 13.92 5.40
C CYS A 23 4.10 14.41 6.69
N ARG A 24 4.76 15.58 6.60
CA ARG A 24 5.43 16.27 7.73
C ARG A 24 4.44 17.07 8.59
N ASN A 25 3.15 17.07 8.22
CA ASN A 25 2.04 17.78 8.87
C ASN A 25 1.24 16.89 9.85
N ALA A 26 1.81 15.76 10.31
CA ALA A 26 1.29 14.65 11.14
C ALA A 26 -0.17 14.67 11.66
N ASN A 27 -0.67 15.78 12.23
CA ASN A 27 -2.08 15.98 12.61
C ASN A 27 -2.95 16.39 11.39
N CYS A 28 -2.56 15.94 10.19
CA CYS A 28 -3.14 16.21 8.87
C CYS A 28 -4.65 15.92 8.77
N SER A 29 -5.36 16.78 8.03
CA SER A 29 -6.82 16.73 7.85
C SER A 29 -7.32 15.69 6.83
N LEU A 30 -6.46 15.07 6.04
CA LEU A 30 -6.87 14.06 5.05
C LEU A 30 -7.31 12.74 5.74
N PRO A 31 -8.41 12.09 5.29
CA PRO A 31 -8.93 10.88 5.94
C PRO A 31 -8.02 9.66 5.76
N SER A 32 -7.59 9.35 4.54
CA SER A 32 -6.72 8.19 4.28
C SER A 32 -5.26 8.41 4.70
N CYS A 33 -4.85 9.66 4.95
CA CYS A 33 -3.54 10.00 5.49
C CYS A 33 -3.41 9.40 6.90
N GLN A 34 -4.35 9.73 7.79
CA GLN A 34 -4.41 9.20 9.15
C GLN A 34 -4.56 7.67 9.18
N LYS A 35 -5.35 7.09 8.25
CA LYS A 35 -5.51 5.63 8.12
C LYS A 35 -4.19 4.95 7.76
N MET A 36 -3.46 5.47 6.77
CA MET A 36 -2.16 4.94 6.37
C MET A 36 -1.08 5.18 7.43
N LYS A 37 -1.02 6.37 8.05
CA LYS A 37 -0.04 6.68 9.12
C LYS A 37 -0.14 5.69 10.28
N ARG A 38 -1.36 5.35 10.72
CA ARG A 38 -1.59 4.37 11.81
C ARG A 38 -1.00 3.01 11.48
N VAL A 39 -1.22 2.50 10.26
CA VAL A 39 -0.69 1.18 9.85
C VAL A 39 0.81 1.21 9.56
N VAL A 40 1.36 2.32 9.05
CA VAL A 40 2.81 2.50 8.84
C VAL A 40 3.53 2.55 10.19
N GLN A 41 3.01 3.30 11.16
CA GLN A 41 3.59 3.37 12.51
C GLN A 41 3.49 2.01 13.22
N HIS A 42 2.41 1.25 12.99
CA HIS A 42 2.25 -0.10 13.53
C HIS A 42 3.31 -1.06 12.96
N THR A 43 3.36 -1.22 11.63
CA THR A 43 4.24 -2.20 10.97
C THR A 43 5.73 -1.97 11.25
N LYS A 44 6.15 -0.72 11.46
CA LYS A 44 7.55 -0.36 11.83
C LYS A 44 7.98 -0.98 13.18
N GLY A 45 7.04 -1.29 14.07
CA GLY A 45 7.26 -1.93 15.37
C GLY A 45 6.79 -3.39 15.47
N CYS A 46 6.15 -3.92 14.42
CA CYS A 46 5.59 -5.27 14.37
C CYS A 46 6.67 -6.38 14.20
N LYS A 47 6.37 -7.56 14.76
CA LYS A 47 7.23 -8.77 14.77
C LYS A 47 6.55 -9.98 14.10
N ARG A 48 5.31 -9.85 13.61
CA ARG A 48 4.50 -10.90 12.95
C ARG A 48 4.06 -10.56 11.52
N LYS A 49 4.68 -9.53 10.93
CA LYS A 49 4.50 -9.00 9.56
C LYS A 49 4.20 -10.11 8.55
N THR A 50 3.28 -9.88 7.60
CA THR A 50 2.73 -10.77 6.54
C THR A 50 3.28 -12.22 6.43
N ASN A 51 4.60 -12.40 6.33
CA ASN A 51 5.32 -13.68 6.37
C ASN A 51 4.87 -14.59 7.53
N GLY A 52 4.65 -13.99 8.72
CA GLY A 52 4.16 -14.64 9.93
C GLY A 52 2.64 -14.84 9.89
N GLY A 53 1.88 -13.75 10.09
CA GLY A 53 0.41 -13.81 10.04
C GLY A 53 -0.36 -12.50 10.29
N CYS A 54 0.32 -11.37 10.53
CA CYS A 54 -0.29 -10.07 10.83
C CYS A 54 -1.19 -9.55 9.67
N PRO A 55 -2.51 -9.33 9.89
CA PRO A 55 -3.42 -8.89 8.84
C PRO A 55 -3.23 -7.41 8.45
N VAL A 56 -2.88 -6.52 9.39
CA VAL A 56 -2.65 -5.10 9.09
C VAL A 56 -1.41 -4.92 8.21
N CYS A 57 -0.28 -5.58 8.53
CA CYS A 57 0.89 -5.58 7.66
C CYS A 57 0.55 -6.20 6.29
N LYS A 58 -0.13 -7.35 6.25
CA LYS A 58 -0.54 -8.02 4.99
C LYS A 58 -1.43 -7.13 4.09
N GLN A 59 -2.45 -6.46 4.64
CA GLN A 59 -3.32 -5.57 3.87
C GLN A 59 -2.60 -4.27 3.47
N LEU A 60 -1.59 -3.83 4.23
CA LEU A 60 -0.74 -2.69 3.86
C LEU A 60 0.19 -3.11 2.69
N ILE A 61 0.79 -4.31 2.77
CA ILE A 61 1.63 -4.92 1.71
C ILE A 61 0.86 -5.01 0.39
N ALA A 62 -0.44 -5.32 0.41
CA ALA A 62 -1.26 -5.43 -0.79
C ALA A 62 -1.24 -4.15 -1.65
N LEU A 63 -1.40 -2.97 -1.03
CA LEU A 63 -1.32 -1.70 -1.77
C LEU A 63 0.13 -1.25 -2.01
N CYS A 64 1.05 -1.49 -1.05
CA CYS A 64 2.47 -1.14 -1.23
C CYS A 64 3.12 -1.93 -2.39
N CYS A 65 2.79 -3.21 -2.56
CA CYS A 65 3.30 -4.03 -3.66
C CYS A 65 2.69 -3.62 -5.01
N TYR A 66 1.40 -3.26 -5.04
CA TYR A 66 0.76 -2.73 -6.26
C TYR A 66 1.45 -1.42 -6.67
N HIS A 67 1.71 -0.54 -5.69
CA HIS A 67 2.44 0.72 -5.88
C HIS A 67 3.87 0.49 -6.41
N ALA A 68 4.63 -0.40 -5.77
CA ALA A 68 6.02 -0.69 -6.10
C ALA A 68 6.24 -1.17 -7.56
N LYS A 69 5.23 -1.80 -8.18
CA LYS A 69 5.30 -2.20 -9.60
C LYS A 69 5.44 -1.00 -10.53
N HIS A 70 4.78 0.11 -10.19
CA HIS A 70 4.77 1.39 -10.94
C HIS A 70 5.87 2.36 -10.50
N CYS A 71 6.22 2.39 -9.22
CA CYS A 71 7.25 3.26 -8.66
C CYS A 71 8.65 2.90 -9.21
N GLN A 72 9.41 3.93 -9.60
CA GLN A 72 10.75 3.85 -10.20
C GLN A 72 11.78 4.77 -9.50
N GLU A 73 11.38 5.36 -8.36
CA GLU A 73 12.17 6.27 -7.54
C GLU A 73 13.41 5.58 -6.92
N ASN A 74 14.48 6.34 -6.67
CA ASN A 74 15.73 5.81 -6.11
C ASN A 74 15.60 5.45 -4.61
N LYS A 75 14.95 6.31 -3.82
CA LYS A 75 14.70 6.18 -2.37
C LYS A 75 13.31 6.72 -2.02
N CYS A 76 12.27 5.96 -2.35
CA CYS A 76 10.87 6.34 -2.15
C CYS A 76 10.45 6.40 -0.65
N PRO A 77 9.53 7.32 -0.29
CA PRO A 77 9.04 7.51 1.07
C PRO A 77 8.34 6.29 1.69
N VAL A 78 7.66 5.45 0.91
CA VAL A 78 6.92 4.27 1.39
C VAL A 78 7.89 3.24 2.00
N PRO A 79 7.62 2.67 3.20
CA PRO A 79 8.54 1.76 3.90
C PRO A 79 8.84 0.46 3.16
N PHE A 80 7.82 -0.23 2.62
CA PHE A 80 8.01 -1.50 1.93
C PHE A 80 8.43 -1.35 0.47
N CYS A 81 7.95 -0.28 -0.21
CA CYS A 81 8.20 -0.04 -1.63
C CYS A 81 9.69 -0.20 -1.99
N LEU A 82 10.60 0.44 -1.27
CA LEU A 82 12.04 0.36 -1.54
C LEU A 82 12.55 -1.09 -1.58
N ASN A 83 12.17 -1.92 -0.60
CA ASN A 83 12.52 -3.34 -0.53
C ASN A 83 11.89 -4.12 -1.71
N ILE A 84 10.58 -3.91 -1.93
CA ILE A 84 9.80 -4.54 -3.01
C ILE A 84 10.42 -4.18 -4.38
N LYS A 85 10.75 -2.91 -4.63
CA LYS A 85 11.42 -2.45 -5.85
C LYS A 85 12.75 -3.16 -6.01
N HIS A 86 13.62 -3.20 -4.99
CA HIS A 86 14.89 -3.94 -5.10
C HIS A 86 14.69 -5.42 -5.49
N LYS A 87 13.76 -6.16 -4.86
CA LYS A 87 13.51 -7.57 -5.27
C LYS A 87 12.82 -7.68 -6.64
N LEU A 88 12.01 -6.71 -7.06
CA LEU A 88 11.40 -6.66 -8.40
C LEU A 88 12.46 -6.33 -9.47
N ARG A 89 13.43 -5.44 -9.16
CA ARG A 89 14.60 -5.10 -10.00
C ARG A 89 15.48 -6.34 -10.18
N GLN A 90 15.67 -7.13 -9.11
CA GLN A 90 16.38 -8.41 -9.19
C GLN A 90 15.63 -9.42 -10.08
N GLN A 91 14.30 -9.55 -9.92
CA GLN A 91 13.44 -10.44 -10.72
C GLN A 91 13.34 -10.02 -12.20
N GLN A 92 13.47 -8.73 -12.53
CA GLN A 92 13.49 -8.21 -13.90
C GLN A 92 14.64 -8.83 -14.73
N GLY A 93 15.71 -9.31 -14.09
CA GLY A 93 16.80 -10.03 -14.75
C GLY A 93 16.40 -11.43 -15.27
N SER A 94 15.23 -11.94 -14.86
CA SER A 94 14.65 -13.23 -15.25
C SER A 94 13.40 -13.08 -16.14
N GLY A 95 12.51 -12.11 -15.86
CA GLY A 95 11.30 -11.85 -16.65
C GLY A 95 10.61 -10.51 -16.34
N SER A 96 9.94 -9.94 -17.36
CA SER A 96 9.27 -8.62 -17.31
C SER A 96 7.80 -8.65 -16.90
N GLY A 97 7.12 -9.81 -17.01
CA GLY A 97 5.68 -9.93 -16.73
C GLY A 97 4.80 -9.19 -17.77
N SER A 98 3.65 -8.67 -17.34
CA SER A 98 2.71 -7.92 -18.19
C SER A 98 1.90 -6.88 -17.39
N GLN A 99 1.65 -5.71 -17.98
CA GLN A 99 0.83 -4.66 -17.37
C GLN A 99 -0.66 -5.05 -17.21
N ALA A 100 -1.13 -6.04 -17.99
CA ALA A 100 -2.49 -6.56 -17.86
C ALA A 100 -2.65 -7.45 -16.61
N MET A 101 -1.55 -8.03 -16.12
CA MET A 101 -1.50 -8.86 -14.91
C MET A 101 -0.79 -8.05 -13.80
N ASP A 102 -1.53 -7.11 -13.24
CA ASP A 102 -1.12 -6.24 -12.14
C ASP A 102 -1.51 -6.89 -10.80
N ASP A 103 -1.37 -6.20 -9.67
CA ASP A 103 -1.72 -6.72 -8.35
C ASP A 103 -3.25 -6.58 -8.08
N LEU A 104 -4.11 -6.89 -9.06
CA LEU A 104 -5.59 -6.84 -8.98
C LEU A 104 -6.25 -7.95 -8.13
N MET A 105 -5.50 -8.40 -7.13
CA MET A 105 -5.81 -9.49 -6.20
C MET A 105 -6.84 -9.18 -5.11
N LEU A 106 -7.22 -7.92 -4.93
CA LEU A 106 -8.12 -7.44 -3.87
C LEU A 106 -9.42 -6.78 -4.37
N SER A 107 -10.38 -6.57 -3.46
CA SER A 107 -11.65 -5.90 -3.73
C SER A 107 -11.55 -4.41 -3.36
N PRO A 108 -11.87 -3.46 -4.25
CA PRO A 108 -11.69 -2.03 -3.98
C PRO A 108 -12.53 -1.44 -2.85
N ASP A 109 -13.70 -2.01 -2.55
CA ASP A 109 -14.53 -1.55 -1.43
C ASP A 109 -13.96 -2.00 -0.07
N ASP A 110 -13.15 -3.05 -0.08
CA ASP A 110 -12.52 -3.64 1.09
C ASP A 110 -11.28 -2.86 1.55
N ILE A 111 -10.55 -2.17 0.65
CA ILE A 111 -9.37 -1.36 1.02
C ILE A 111 -9.75 -0.27 2.04
N GLU A 112 -10.97 0.25 1.95
CA GLU A 112 -11.49 1.29 2.85
C GLU A 112 -11.86 0.72 4.24
N GLN A 113 -11.81 -0.60 4.40
CA GLN A 113 -12.12 -1.39 5.61
C GLN A 113 -10.84 -1.95 6.26
N TRP A 114 -9.79 -2.19 5.45
CA TRP A 114 -8.48 -2.70 5.87
C TRP A 114 -7.77 -1.82 6.92
N PHE A 115 -8.10 -0.53 6.96
CA PHE A 115 -7.46 0.47 7.82
C PHE A 115 -8.33 1.04 8.94
N THR A 116 -9.62 0.68 9.03
CA THR A 116 -10.56 1.18 10.05
C THR A 116 -10.63 0.32 11.32
N GLU A 117 -9.91 -0.80 11.36
CA GLU A 117 -9.86 -1.72 12.50
C GLU A 117 -8.44 -2.20 12.81
N ASP A 118 -8.24 -2.76 14.00
CA ASP A 118 -6.97 -3.30 14.51
C ASP A 118 -7.09 -4.81 14.90
N PRO A 119 -5.99 -5.58 14.90
CA PRO A 119 -6.01 -7.01 15.25
C PRO A 119 -6.62 -7.32 16.62
N GLY A 120 -7.51 -8.31 16.67
CA GLY A 120 -8.23 -8.77 17.87
C GLY A 120 -9.10 -7.69 18.53
N PRO A 121 -10.25 -7.33 17.92
CA PRO A 121 -11.17 -6.30 18.43
C PRO A 121 -11.79 -6.63 19.81
N ASP A 122 -12.26 -5.59 20.50
CA ASP A 122 -12.92 -5.65 21.82
C ASP A 122 -12.17 -6.54 22.83
N SER A 1 -15.98 -0.27 -16.23
CA SER A 1 -15.39 -1.58 -15.91
C SER A 1 -15.07 -1.72 -14.41
N PRO A 2 -15.20 -2.93 -13.82
CA PRO A 2 -14.86 -3.14 -12.40
C PRO A 2 -13.35 -3.00 -12.18
N GLN A 3 -12.55 -3.33 -13.19
CA GLN A 3 -11.09 -3.19 -13.19
C GLN A 3 -10.67 -1.71 -13.16
N GLU A 4 -11.43 -0.81 -13.80
CA GLU A 4 -11.17 0.63 -13.76
C GLU A 4 -11.52 1.17 -12.36
N SER A 5 -12.68 0.78 -11.81
CA SER A 5 -13.09 1.17 -10.44
C SER A 5 -12.07 0.68 -9.40
N ARG A 6 -11.55 -0.54 -9.58
CA ARG A 6 -10.48 -1.13 -8.76
C ARG A 6 -9.21 -0.30 -8.85
N ARG A 7 -8.73 -0.03 -10.06
CA ARG A 7 -7.54 0.79 -10.31
C ARG A 7 -7.69 2.18 -9.69
N LEU A 8 -8.85 2.84 -9.85
CA LEU A 8 -9.14 4.16 -9.26
C LEU A 8 -9.09 4.15 -7.73
N SER A 9 -9.74 3.19 -7.07
CA SER A 9 -9.73 3.08 -5.59
C SER A 9 -8.32 2.76 -5.06
N ILE A 10 -7.63 1.82 -5.71
CA ILE A 10 -6.24 1.48 -5.40
C ILE A 10 -5.35 2.71 -5.57
N GLN A 11 -5.45 3.46 -6.68
CA GLN A 11 -4.68 4.70 -6.89
C GLN A 11 -4.98 5.75 -5.81
N ARG A 12 -6.26 5.91 -5.40
CA ARG A 12 -6.68 6.79 -4.30
C ARG A 12 -5.92 6.45 -3.01
N CYS A 13 -5.92 5.18 -2.64
CA CYS A 13 -5.24 4.73 -1.42
C CYS A 13 -3.70 4.72 -1.57
N ILE A 14 -3.15 4.47 -2.76
CA ILE A 14 -1.70 4.55 -3.02
C ILE A 14 -1.23 6.00 -2.92
N GLN A 15 -2.00 6.95 -3.45
CA GLN A 15 -1.70 8.38 -3.31
C GLN A 15 -1.77 8.76 -1.83
N SER A 16 -2.79 8.27 -1.10
CA SER A 16 -2.91 8.48 0.35
C SER A 16 -1.74 7.87 1.14
N LEU A 17 -1.21 6.72 0.70
CA LEU A 17 -0.09 5.99 1.29
C LEU A 17 1.24 6.74 1.10
N VAL A 18 1.57 7.14 -0.13
CA VAL A 18 2.80 7.91 -0.40
C VAL A 18 2.72 9.30 0.25
N HIS A 19 1.51 9.89 0.27
CA HIS A 19 1.25 11.14 0.99
C HIS A 19 1.55 10.92 2.47
N ALA A 20 0.95 9.91 3.12
CA ALA A 20 1.16 9.63 4.54
C ALA A 20 2.63 9.38 4.89
N CYS A 21 3.38 8.70 4.01
CA CYS A 21 4.80 8.45 4.22
C CYS A 21 5.64 9.73 4.07
N GLN A 22 5.27 10.67 3.18
CA GLN A 22 5.95 11.97 3.04
C GLN A 22 5.34 13.15 3.85
N CYS A 23 4.23 12.93 4.58
CA CYS A 23 3.47 13.94 5.33
C CYS A 23 4.19 14.36 6.63
N ARG A 24 4.87 15.52 6.58
CA ARG A 24 5.59 16.13 7.74
C ARG A 24 4.68 17.05 8.56
N ASN A 25 3.40 17.14 8.18
CA ASN A 25 2.33 17.92 8.79
C ASN A 25 1.47 17.06 9.78
N ALA A 26 2.01 15.93 10.25
CA ALA A 26 1.46 14.84 11.10
C ALA A 26 0.00 14.91 11.60
N ASN A 27 -0.45 16.02 12.21
CA ASN A 27 -1.85 16.27 12.60
C ASN A 27 -2.73 16.68 11.37
N CYS A 28 -2.41 16.12 10.19
CA CYS A 28 -3.02 16.34 8.88
C CYS A 28 -4.54 16.05 8.86
N SER A 29 -5.28 16.85 8.09
CA SER A 29 -6.74 16.78 7.96
C SER A 29 -7.26 15.75 6.96
N LEU A 30 -6.41 15.13 6.13
CA LEU A 30 -6.84 14.10 5.17
C LEU A 30 -7.27 12.79 5.89
N PRO A 31 -8.39 12.15 5.50
CA PRO A 31 -8.88 10.95 6.16
C PRO A 31 -7.99 9.72 5.97
N SER A 32 -7.60 9.41 4.72
CA SER A 32 -6.75 8.23 4.44
C SER A 32 -5.27 8.45 4.79
N CYS A 33 -4.85 9.69 5.02
CA CYS A 33 -3.51 10.02 5.51
C CYS A 33 -3.33 9.41 6.91
N GLN A 34 -4.23 9.74 7.84
CA GLN A 34 -4.24 9.21 9.20
C GLN A 34 -4.39 7.68 9.22
N LYS A 35 -5.24 7.11 8.35
CA LYS A 35 -5.42 5.64 8.21
C LYS A 35 -4.14 4.95 7.76
N MET A 36 -3.39 5.52 6.83
CA MET A 36 -2.11 4.97 6.37
C MET A 36 -1.00 5.21 7.41
N LYS A 37 -0.94 6.38 8.05
CA LYS A 37 0.06 6.70 9.09
C LYS A 37 0.00 5.70 10.25
N ARG A 38 -1.17 5.37 10.79
CA ARG A 38 -1.28 4.41 11.91
C ARG A 38 -0.80 3.01 11.54
N VAL A 39 -1.10 2.53 10.34
CA VAL A 39 -0.60 1.21 9.89
C VAL A 39 0.91 1.22 9.58
N VAL A 40 1.45 2.33 9.05
CA VAL A 40 2.90 2.50 8.82
C VAL A 40 3.63 2.55 10.17
N GLN A 41 3.12 3.29 11.15
CA GLN A 41 3.71 3.37 12.49
C GLN A 41 3.64 2.00 13.21
N HIS A 42 2.55 1.24 13.01
CA HIS A 42 2.39 -0.10 13.55
C HIS A 42 3.44 -1.07 12.97
N THR A 43 3.49 -1.21 11.63
CA THR A 43 4.36 -2.19 10.96
C THR A 43 5.86 -1.97 11.24
N LYS A 44 6.30 -0.71 11.45
CA LYS A 44 7.68 -0.37 11.83
C LYS A 44 8.11 -1.01 13.16
N GLY A 45 7.15 -1.24 14.07
CA GLY A 45 7.36 -1.89 15.37
C GLY A 45 6.92 -3.36 15.42
N CYS A 46 6.35 -3.90 14.34
CA CYS A 46 5.85 -5.27 14.25
C CYS A 46 6.96 -6.32 14.02
N LYS A 47 6.57 -7.59 14.14
CA LYS A 47 7.39 -8.80 13.99
C LYS A 47 6.62 -10.00 13.42
N ARG A 48 5.30 -10.08 13.64
CA ARG A 48 4.42 -11.17 13.17
C ARG A 48 3.98 -11.06 11.70
N LYS A 49 4.22 -9.90 11.06
CA LYS A 49 3.95 -9.37 9.69
C LYS A 49 3.20 -10.26 8.66
N THR A 50 3.31 -9.93 7.36
CA THR A 50 2.65 -10.71 6.28
C THR A 50 3.23 -12.13 6.15
N ASN A 51 4.47 -12.36 6.62
CA ASN A 51 5.15 -13.65 6.61
C ASN A 51 4.58 -14.65 7.63
N GLY A 52 4.20 -14.16 8.82
CA GLY A 52 3.65 -14.97 9.91
C GLY A 52 2.12 -15.04 9.87
N GLY A 53 1.45 -13.93 10.18
CA GLY A 53 -0.02 -13.87 10.18
C GLY A 53 -0.66 -12.52 10.56
N CYS A 54 0.08 -11.41 10.54
CA CYS A 54 -0.43 -10.08 10.89
C CYS A 54 -1.29 -9.50 9.74
N PRO A 55 -2.60 -9.24 9.95
CA PRO A 55 -3.50 -8.76 8.89
C PRO A 55 -3.23 -7.30 8.51
N VAL A 56 -2.85 -6.41 9.43
CA VAL A 56 -2.57 -5.00 9.15
C VAL A 56 -1.34 -4.86 8.25
N CYS A 57 -0.21 -5.52 8.56
CA CYS A 57 0.96 -5.55 7.69
C CYS A 57 0.59 -6.14 6.32
N LYS A 58 -0.13 -7.28 6.28
CA LYS A 58 -0.56 -7.93 5.03
C LYS A 58 -1.42 -7.04 4.13
N GLN A 59 -2.43 -6.36 4.68
CA GLN A 59 -3.29 -5.45 3.90
C GLN A 59 -2.54 -4.17 3.48
N LEU A 60 -1.56 -3.72 4.26
CA LEU A 60 -0.68 -2.60 3.89
C LEU A 60 0.24 -3.04 2.73
N ILE A 61 0.81 -4.24 2.81
CA ILE A 61 1.65 -4.86 1.76
C ILE A 61 0.89 -4.93 0.44
N ALA A 62 -0.41 -5.22 0.45
CA ALA A 62 -1.20 -5.34 -0.77
C ALA A 62 -1.16 -4.05 -1.63
N LEU A 63 -1.39 -2.88 -1.02
CA LEU A 63 -1.32 -1.61 -1.75
C LEU A 63 0.13 -1.17 -1.98
N CYS A 64 1.04 -1.42 -1.02
CA CYS A 64 2.46 -1.07 -1.19
C CYS A 64 3.10 -1.86 -2.35
N CYS A 65 2.76 -3.13 -2.53
CA CYS A 65 3.27 -3.96 -3.63
C CYS A 65 2.72 -3.48 -4.98
N TYR A 66 1.43 -3.14 -5.03
CA TYR A 66 0.82 -2.56 -6.25
C TYR A 66 1.54 -1.25 -6.60
N HIS A 67 1.78 -0.38 -5.61
CA HIS A 67 2.52 0.88 -5.75
C HIS A 67 3.95 0.67 -6.27
N ALA A 68 4.73 -0.20 -5.61
CA ALA A 68 6.13 -0.47 -5.91
C ALA A 68 6.40 -0.87 -7.36
N LYS A 69 5.46 -1.60 -7.99
CA LYS A 69 5.57 -2.02 -9.40
C LYS A 69 5.65 -0.81 -10.34
N HIS A 70 4.89 0.24 -10.04
CA HIS A 70 4.79 1.50 -10.78
C HIS A 70 5.79 2.60 -10.34
N CYS A 71 6.24 2.59 -9.08
CA CYS A 71 7.20 3.56 -8.54
C CYS A 71 8.58 3.44 -9.24
N GLN A 72 9.18 4.59 -9.55
CA GLN A 72 10.45 4.73 -10.28
C GLN A 72 11.50 5.61 -9.57
N GLU A 73 11.17 6.09 -8.36
CA GLU A 73 12.06 6.93 -7.54
C GLU A 73 13.30 6.14 -7.04
N ASN A 74 14.43 6.83 -6.82
CA ASN A 74 15.67 6.21 -6.36
C ASN A 74 15.54 5.64 -4.92
N LYS A 75 15.01 6.45 -3.99
CA LYS A 75 14.80 6.13 -2.57
C LYS A 75 13.44 6.68 -2.10
N CYS A 76 12.35 5.99 -2.45
CA CYS A 76 10.98 6.41 -2.15
C CYS A 76 10.64 6.40 -0.63
N PRO A 77 9.77 7.34 -0.18
CA PRO A 77 9.33 7.48 1.21
C PRO A 77 8.54 6.29 1.78
N VAL A 78 7.84 5.49 0.97
CA VAL A 78 7.04 4.34 1.46
C VAL A 78 7.97 3.27 2.07
N PRO A 79 7.66 2.71 3.26
CA PRO A 79 8.55 1.78 3.97
C PRO A 79 8.85 0.48 3.21
N PHE A 80 7.84 -0.15 2.59
CA PHE A 80 8.04 -1.42 1.88
C PHE A 80 8.44 -1.25 0.42
N CYS A 81 8.00 -0.16 -0.24
CA CYS A 81 8.24 0.10 -1.67
C CYS A 81 9.69 -0.17 -2.11
N LEU A 82 10.65 0.46 -1.44
CA LEU A 82 12.07 0.32 -1.78
C LEU A 82 12.57 -1.14 -1.73
N ASN A 83 12.16 -1.89 -0.70
CA ASN A 83 12.49 -3.31 -0.56
C ASN A 83 11.82 -4.14 -1.67
N ILE A 84 10.54 -3.87 -1.94
CA ILE A 84 9.76 -4.52 -3.00
C ILE A 84 10.39 -4.24 -4.38
N LYS A 85 10.78 -2.99 -4.68
CA LYS A 85 11.47 -2.61 -5.92
C LYS A 85 12.80 -3.35 -6.06
N HIS A 86 13.61 -3.41 -4.99
CA HIS A 86 14.87 -4.18 -5.02
C HIS A 86 14.63 -5.66 -5.38
N LYS A 87 13.71 -6.36 -4.68
CA LYS A 87 13.42 -7.76 -5.03
C LYS A 87 12.74 -7.92 -6.39
N LEU A 88 11.89 -6.99 -6.83
CA LEU A 88 11.26 -7.05 -8.16
C LEU A 88 12.27 -6.79 -9.28
N ARG A 89 13.21 -5.84 -9.13
CA ARG A 89 14.26 -5.62 -10.14
C ARG A 89 15.22 -6.82 -10.17
N GLN A 90 15.47 -7.48 -9.03
CA GLN A 90 16.28 -8.70 -8.99
C GLN A 90 15.54 -9.93 -9.60
N GLN A 91 14.22 -10.05 -9.44
CA GLN A 91 13.41 -11.19 -9.93
C GLN A 91 12.84 -11.00 -11.36
N GLN A 92 12.01 -9.97 -11.56
CA GLN A 92 11.31 -9.68 -12.83
C GLN A 92 12.11 -8.75 -13.76
N GLY A 93 12.83 -7.77 -13.20
CA GLY A 93 13.58 -6.77 -13.97
C GLY A 93 12.70 -5.64 -14.52
N SER A 94 13.21 -4.92 -15.53
CA SER A 94 12.53 -3.78 -16.17
C SER A 94 11.25 -4.17 -16.93
N GLY A 95 10.27 -3.26 -16.94
CA GLY A 95 8.98 -3.41 -17.63
C GLY A 95 8.08 -2.16 -17.47
N SER A 96 7.12 -1.99 -18.39
CA SER A 96 6.21 -0.82 -18.42
C SER A 96 4.79 -1.12 -17.92
N GLY A 97 4.20 -2.26 -18.29
CA GLY A 97 2.83 -2.65 -17.90
C GLY A 97 1.73 -1.75 -18.47
N SER A 98 0.52 -1.88 -17.92
CA SER A 98 -0.68 -1.09 -18.29
C SER A 98 -1.73 -1.13 -17.17
N GLN A 99 -2.86 -0.42 -17.33
CA GLN A 99 -3.96 -0.48 -16.37
C GLN A 99 -4.65 -1.86 -16.30
N ALA A 100 -4.45 -2.70 -17.31
CA ALA A 100 -4.98 -4.08 -17.36
C ALA A 100 -3.96 -5.12 -16.86
N MET A 101 -2.67 -4.76 -16.80
CA MET A 101 -1.60 -5.60 -16.23
C MET A 101 -1.12 -4.92 -14.94
N ASP A 102 -1.95 -5.11 -13.93
CA ASP A 102 -1.87 -4.56 -12.57
C ASP A 102 -1.93 -5.68 -11.53
N ASP A 103 -1.71 -5.38 -10.25
CA ASP A 103 -1.80 -6.38 -9.17
C ASP A 103 -3.25 -6.57 -8.72
N LEU A 104 -4.08 -7.11 -9.62
CA LEU A 104 -5.53 -7.35 -9.50
C LEU A 104 -5.97 -8.42 -8.47
N MET A 105 -5.18 -8.61 -7.42
CA MET A 105 -5.38 -9.61 -6.37
C MET A 105 -6.46 -9.27 -5.32
N LEU A 106 -6.89 -8.02 -5.22
CA LEU A 106 -7.84 -7.51 -4.22
C LEU A 106 -9.10 -6.85 -4.80
N SER A 107 -10.05 -6.49 -3.92
CA SER A 107 -11.32 -5.82 -4.24
C SER A 107 -11.34 -4.39 -3.68
N PRO A 108 -11.79 -3.38 -4.45
CA PRO A 108 -11.75 -1.97 -4.03
C PRO A 108 -12.62 -1.59 -2.82
N ASP A 109 -13.73 -2.27 -2.56
CA ASP A 109 -14.57 -1.96 -1.40
C ASP A 109 -13.97 -2.52 -0.10
N ASP A 110 -13.00 -3.43 -0.19
CA ASP A 110 -12.32 -4.02 0.96
C ASP A 110 -11.18 -3.11 1.46
N ILE A 111 -10.48 -2.38 0.58
CA ILE A 111 -9.42 -1.44 0.99
C ILE A 111 -9.98 -0.36 1.94
N GLU A 112 -11.26 -0.03 1.77
CA GLU A 112 -12.00 0.94 2.58
C GLU A 112 -12.33 0.38 4.00
N GLN A 113 -12.07 -0.91 4.23
CA GLN A 113 -12.29 -1.67 5.48
C GLN A 113 -10.95 -2.07 6.13
N TRP A 114 -9.93 -2.37 5.33
CA TRP A 114 -8.58 -2.78 5.74
C TRP A 114 -7.92 -1.87 6.77
N PHE A 115 -8.30 -0.59 6.80
CA PHE A 115 -7.75 0.44 7.70
C PHE A 115 -8.75 0.94 8.77
N THR A 116 -9.95 0.36 8.86
CA THR A 116 -11.00 0.75 9.83
C THR A 116 -11.43 -0.40 10.75
N GLU A 117 -11.32 -1.65 10.29
CA GLU A 117 -11.68 -2.84 11.06
C GLU A 117 -10.66 -3.98 10.89
N ASP A 118 -10.61 -4.87 11.89
CA ASP A 118 -9.70 -6.03 11.95
C ASP A 118 -10.47 -7.37 12.09
N PRO A 119 -9.89 -8.52 11.71
CA PRO A 119 -10.53 -9.84 11.79
C PRO A 119 -10.95 -10.26 13.21
N GLY A 120 -11.98 -11.11 13.30
CA GLY A 120 -12.52 -11.64 14.56
C GLY A 120 -13.41 -10.65 15.35
N PRO A 121 -13.82 -11.00 16.59
CA PRO A 121 -14.68 -10.17 17.43
C PRO A 121 -13.96 -8.92 17.97
N ASP A 122 -14.74 -7.89 18.31
CA ASP A 122 -14.25 -6.62 18.87
C ASP A 122 -13.74 -6.75 20.32
N SER A 1 -16.19 -1.13 -17.15
CA SER A 1 -15.75 -2.31 -16.37
C SER A 1 -15.46 -1.96 -14.90
N PRO A 2 -15.71 -2.89 -13.94
CA PRO A 2 -15.44 -2.66 -12.51
C PRO A 2 -13.93 -2.60 -12.21
N GLN A 3 -13.10 -3.16 -13.10
CA GLN A 3 -11.64 -3.16 -13.00
C GLN A 3 -11.08 -1.73 -12.99
N GLU A 4 -11.67 -0.82 -13.77
CA GLU A 4 -11.30 0.61 -13.79
C GLU A 4 -11.54 1.24 -12.42
N SER A 5 -12.72 1.03 -11.84
CA SER A 5 -13.09 1.52 -10.51
C SER A 5 -12.21 0.92 -9.41
N ARG A 6 -11.74 -0.33 -9.58
CA ARG A 6 -10.78 -0.97 -8.66
C ARG A 6 -9.43 -0.28 -8.73
N ARG A 7 -8.93 -0.05 -9.95
CA ARG A 7 -7.68 0.69 -10.20
C ARG A 7 -7.77 2.10 -9.63
N LEU A 8 -8.90 2.80 -9.80
CA LEU A 8 -9.15 4.13 -9.24
C LEU A 8 -9.09 4.14 -7.70
N SER A 9 -9.78 3.21 -7.03
CA SER A 9 -9.76 3.09 -5.56
C SER A 9 -8.36 2.77 -5.04
N ILE A 10 -7.68 1.79 -5.66
CA ILE A 10 -6.29 1.44 -5.35
C ILE A 10 -5.38 2.67 -5.54
N GLN A 11 -5.46 3.39 -6.67
CA GLN A 11 -4.67 4.61 -6.91
C GLN A 11 -4.95 5.69 -5.86
N ARG A 12 -6.21 5.88 -5.45
CA ARG A 12 -6.62 6.80 -4.36
C ARG A 12 -5.87 6.47 -3.08
N CYS A 13 -5.89 5.20 -2.67
CA CYS A 13 -5.20 4.77 -1.46
C CYS A 13 -3.67 4.75 -1.62
N ILE A 14 -3.13 4.47 -2.81
CA ILE A 14 -1.68 4.54 -3.07
C ILE A 14 -1.19 5.99 -2.98
N GLN A 15 -1.94 6.94 -3.53
CA GLN A 15 -1.61 8.37 -3.39
C GLN A 15 -1.69 8.76 -1.91
N SER A 16 -2.70 8.28 -1.18
CA SER A 16 -2.82 8.50 0.27
C SER A 16 -1.68 7.85 1.07
N LEU A 17 -1.14 6.71 0.63
CA LEU A 17 -0.03 5.98 1.23
C LEU A 17 1.30 6.72 1.05
N VAL A 18 1.64 7.13 -0.18
CA VAL A 18 2.87 7.90 -0.45
C VAL A 18 2.79 9.28 0.22
N HIS A 19 1.59 9.88 0.23
CA HIS A 19 1.31 11.12 0.96
C HIS A 19 1.60 10.88 2.45
N ALA A 20 0.98 9.88 3.08
CA ALA A 20 1.18 9.59 4.50
C ALA A 20 2.65 9.32 4.87
N CYS A 21 3.40 8.66 4.00
CA CYS A 21 4.82 8.40 4.23
C CYS A 21 5.65 9.70 4.11
N GLN A 22 5.31 10.63 3.20
CA GLN A 22 6.00 11.94 3.09
C GLN A 22 5.37 13.10 3.90
N CYS A 23 4.25 12.89 4.59
CA CYS A 23 3.48 13.88 5.36
C CYS A 23 4.16 14.28 6.68
N ARG A 24 4.83 15.45 6.66
CA ARG A 24 5.50 16.04 7.85
C ARG A 24 4.54 16.89 8.70
N ASN A 25 3.27 16.94 8.30
CA ASN A 25 2.14 17.62 8.96
C ASN A 25 1.33 16.66 9.87
N ALA A 26 1.90 15.52 10.25
CA ALA A 26 1.38 14.34 10.98
C ALA A 26 -0.10 14.31 11.44
N ASN A 27 -0.61 15.32 12.14
CA ASN A 27 -2.03 15.47 12.54
C ASN A 27 -2.87 16.05 11.37
N CYS A 28 -2.57 15.59 10.15
CA CYS A 28 -3.11 16.01 8.86
C CYS A 28 -4.65 15.90 8.76
N SER A 29 -5.25 16.74 7.90
CA SER A 29 -6.70 16.83 7.66
C SER A 29 -7.26 15.82 6.64
N LEU A 30 -6.40 15.15 5.85
CA LEU A 30 -6.85 14.14 4.88
C LEU A 30 -7.32 12.86 5.57
N PRO A 31 -8.44 12.23 5.14
CA PRO A 31 -9.00 11.05 5.79
C PRO A 31 -8.11 9.80 5.65
N SER A 32 -7.65 9.48 4.44
CA SER A 32 -6.81 8.29 4.22
C SER A 32 -5.34 8.47 4.61
N CYS A 33 -4.89 9.72 4.85
CA CYS A 33 -3.55 10.01 5.37
C CYS A 33 -3.40 9.38 6.75
N GLN A 34 -4.32 9.73 7.67
CA GLN A 34 -4.37 9.20 9.03
C GLN A 34 -4.54 7.67 9.06
N LYS A 35 -5.35 7.11 8.14
CA LYS A 35 -5.57 5.66 7.99
C LYS A 35 -4.29 4.92 7.54
N MET A 36 -3.46 5.55 6.71
CA MET A 36 -2.17 4.97 6.29
C MET A 36 -1.11 5.18 7.37
N LYS A 37 -1.05 6.35 8.01
CA LYS A 37 -0.09 6.64 9.09
C LYS A 37 -0.20 5.64 10.25
N ARG A 38 -1.41 5.32 10.72
CA ARG A 38 -1.59 4.36 11.82
C ARG A 38 -1.04 2.97 11.49
N VAL A 39 -1.20 2.50 10.25
CA VAL A 39 -0.66 1.20 9.81
C VAL A 39 0.84 1.24 9.52
N VAL A 40 1.36 2.35 8.97
CA VAL A 40 2.81 2.54 8.72
C VAL A 40 3.56 2.60 10.06
N GLN A 41 3.04 3.31 11.07
CA GLN A 41 3.66 3.35 12.40
C GLN A 41 3.51 2.01 13.15
N HIS A 42 2.43 1.27 12.90
CA HIS A 42 2.22 -0.08 13.47
C HIS A 42 3.27 -1.07 12.94
N THR A 43 3.35 -1.25 11.62
CA THR A 43 4.23 -2.25 10.99
C THR A 43 5.72 -2.07 11.33
N LYS A 44 6.18 -0.81 11.50
CA LYS A 44 7.57 -0.49 11.91
C LYS A 44 7.96 -1.08 13.26
N GLY A 45 6.99 -1.35 14.15
CA GLY A 45 7.19 -1.93 15.48
C GLY A 45 6.61 -3.34 15.65
N CYS A 46 6.03 -3.94 14.60
CA CYS A 46 5.40 -5.25 14.63
C CYS A 46 6.42 -6.42 14.74
N LYS A 47 6.05 -7.47 15.49
CA LYS A 47 6.86 -8.69 15.74
C LYS A 47 6.76 -9.71 14.60
N ARG A 48 5.73 -9.60 13.78
CA ARG A 48 5.40 -10.40 12.58
C ARG A 48 5.06 -9.47 11.40
N LYS A 49 4.79 -10.04 10.23
CA LYS A 49 4.38 -9.36 8.99
C LYS A 49 3.50 -10.34 8.18
N THR A 50 3.23 -10.02 6.91
CA THR A 50 2.50 -10.88 5.96
C THR A 50 3.12 -12.29 5.82
N ASN A 51 4.45 -12.39 5.94
CA ASN A 51 5.21 -13.64 5.88
C ASN A 51 4.88 -14.61 7.05
N GLY A 52 4.55 -14.04 8.21
CA GLY A 52 4.19 -14.77 9.43
C GLY A 52 2.68 -14.97 9.55
N GLY A 53 1.95 -13.89 9.84
CA GLY A 53 0.48 -13.92 9.97
C GLY A 53 -0.22 -12.60 10.31
N CYS A 54 0.47 -11.45 10.31
CA CYS A 54 -0.14 -10.17 10.69
C CYS A 54 -1.10 -9.64 9.60
N PRO A 55 -2.41 -9.41 9.91
CA PRO A 55 -3.39 -8.97 8.92
C PRO A 55 -3.22 -7.50 8.50
N VAL A 56 -2.85 -6.58 9.41
CA VAL A 56 -2.64 -5.16 9.08
C VAL A 56 -1.40 -4.98 8.20
N CYS A 57 -0.27 -5.63 8.52
CA CYS A 57 0.91 -5.63 7.65
C CYS A 57 0.54 -6.22 6.28
N LYS A 58 -0.18 -7.36 6.21
CA LYS A 58 -0.64 -7.98 4.95
C LYS A 58 -1.52 -7.05 4.10
N GLN A 59 -2.51 -6.40 4.71
CA GLN A 59 -3.41 -5.45 4.02
C GLN A 59 -2.65 -4.20 3.54
N LEU A 60 -1.63 -3.75 4.29
CA LEU A 60 -0.75 -2.65 3.89
C LEU A 60 0.15 -3.09 2.71
N ILE A 61 0.70 -4.32 2.76
CA ILE A 61 1.53 -4.91 1.70
C ILE A 61 0.76 -4.97 0.37
N ALA A 62 -0.53 -5.26 0.38
CA ALA A 62 -1.35 -5.35 -0.82
C ALA A 62 -1.30 -4.06 -1.66
N LEU A 63 -1.44 -2.89 -1.03
CA LEU A 63 -1.35 -1.61 -1.76
C LEU A 63 0.11 -1.18 -1.98
N CYS A 64 1.03 -1.46 -1.04
CA CYS A 64 2.45 -1.13 -1.21
C CYS A 64 3.07 -1.90 -2.39
N CYS A 65 2.74 -3.19 -2.58
CA CYS A 65 3.25 -3.97 -3.71
C CYS A 65 2.68 -3.48 -5.04
N TYR A 66 1.38 -3.13 -5.09
CA TYR A 66 0.76 -2.54 -6.28
C TYR A 66 1.48 -1.22 -6.63
N HIS A 67 1.76 -0.38 -5.63
CA HIS A 67 2.50 0.89 -5.77
C HIS A 67 3.93 0.67 -6.30
N ALA A 68 4.71 -0.20 -5.65
CA ALA A 68 6.11 -0.47 -5.95
C ALA A 68 6.38 -0.89 -7.41
N LYS A 69 5.40 -1.54 -8.07
CA LYS A 69 5.50 -1.95 -9.48
C LYS A 69 5.62 -0.72 -10.40
N HIS A 70 4.92 0.37 -10.07
CA HIS A 70 4.91 1.65 -10.80
C HIS A 70 5.98 2.64 -10.35
N CYS A 71 6.35 2.62 -9.07
CA CYS A 71 7.38 3.50 -8.50
C CYS A 71 8.76 3.20 -9.12
N GLN A 72 9.50 4.25 -9.46
CA GLN A 72 10.81 4.21 -10.14
C GLN A 72 11.88 5.07 -9.43
N GLU A 73 11.54 5.62 -8.26
CA GLU A 73 12.39 6.47 -7.42
C GLU A 73 13.62 5.70 -6.87
N ASN A 74 14.72 6.41 -6.60
CA ASN A 74 15.95 5.81 -6.07
C ASN A 74 15.84 5.44 -4.58
N LYS A 75 15.17 6.28 -3.78
CA LYS A 75 14.91 6.13 -2.34
C LYS A 75 13.51 6.69 -1.97
N CYS A 76 12.45 5.93 -2.28
CA CYS A 76 11.06 6.35 -2.04
C CYS A 76 10.69 6.40 -0.54
N PRO A 77 9.81 7.34 -0.13
CA PRO A 77 9.34 7.52 1.24
C PRO A 77 8.58 6.31 1.82
N VAL A 78 7.90 5.50 1.00
CA VAL A 78 7.14 4.33 1.47
C VAL A 78 8.11 3.24 1.98
N PRO A 79 7.93 2.68 3.20
CA PRO A 79 8.89 1.74 3.80
C PRO A 79 9.02 0.41 3.04
N PHE A 80 7.91 -0.19 2.59
CA PHE A 80 7.98 -1.47 1.87
C PHE A 80 8.38 -1.29 0.41
N CYS A 81 7.95 -0.19 -0.23
CA CYS A 81 8.21 0.09 -1.64
C CYS A 81 9.68 -0.12 -2.03
N LEU A 82 10.62 0.52 -1.34
CA LEU A 82 12.05 0.41 -1.64
C LEU A 82 12.54 -1.04 -1.60
N ASN A 83 12.10 -1.82 -0.61
CA ASN A 83 12.42 -3.24 -0.47
C ASN A 83 11.80 -4.07 -1.62
N ILE A 84 10.50 -3.88 -1.88
CA ILE A 84 9.74 -4.52 -2.96
C ILE A 84 10.38 -4.19 -4.32
N LYS A 85 10.77 -2.93 -4.57
CA LYS A 85 11.48 -2.52 -5.78
C LYS A 85 12.79 -3.27 -5.89
N HIS A 86 13.65 -3.29 -4.86
CA HIS A 86 14.90 -4.06 -4.94
C HIS A 86 14.68 -5.55 -5.27
N LYS A 87 13.69 -6.23 -4.67
CA LYS A 87 13.41 -7.64 -5.04
C LYS A 87 12.78 -7.77 -6.44
N LEU A 88 11.98 -6.81 -6.90
CA LEU A 88 11.42 -6.80 -8.27
C LEU A 88 12.51 -6.45 -9.32
N ARG A 89 13.49 -5.63 -8.96
CA ARG A 89 14.68 -5.27 -9.77
C ARG A 89 15.56 -6.51 -9.92
N GLN A 90 15.75 -7.29 -8.85
CA GLN A 90 16.51 -8.55 -8.90
C GLN A 90 15.76 -9.67 -9.64
N GLN A 91 14.42 -9.76 -9.51
CA GLN A 91 13.61 -10.81 -10.16
C GLN A 91 13.25 -10.51 -11.63
N GLN A 92 12.51 -9.43 -11.89
CA GLN A 92 12.05 -9.03 -13.23
C GLN A 92 13.04 -8.10 -13.95
N GLY A 93 13.53 -7.07 -13.27
CA GLY A 93 14.54 -6.10 -13.75
C GLY A 93 14.11 -5.11 -14.85
N SER A 94 13.01 -5.36 -15.56
CA SER A 94 12.49 -4.51 -16.66
C SER A 94 10.97 -4.33 -16.61
N GLY A 95 10.49 -3.20 -17.13
CA GLY A 95 9.07 -2.85 -17.19
C GLY A 95 8.42 -2.44 -15.85
N SER A 96 7.17 -1.99 -15.93
CA SER A 96 6.36 -1.51 -14.78
C SER A 96 4.89 -2.01 -14.80
N GLY A 97 4.56 -2.98 -15.66
CA GLY A 97 3.21 -3.53 -15.80
C GLY A 97 2.25 -2.64 -16.61
N SER A 98 0.94 -2.78 -16.36
CA SER A 98 -0.14 -2.04 -17.02
C SER A 98 -1.27 -1.72 -16.02
N GLN A 99 -2.08 -0.69 -16.30
CA GLN A 99 -3.24 -0.36 -15.46
C GLN A 99 -4.42 -1.28 -15.72
N ALA A 100 -4.51 -1.81 -16.95
CA ALA A 100 -5.56 -2.74 -17.29
C ALA A 100 -5.24 -4.17 -16.83
N MET A 101 -3.93 -4.47 -16.71
CA MET A 101 -3.37 -5.74 -16.23
C MET A 101 -2.41 -5.42 -15.08
N ASP A 102 -2.99 -5.14 -13.93
CA ASP A 102 -2.32 -4.73 -12.69
C ASP A 102 -2.46 -5.78 -11.59
N ASP A 103 -1.98 -5.47 -10.38
CA ASP A 103 -2.05 -6.35 -9.20
C ASP A 103 -3.45 -6.36 -8.55
N LEU A 104 -4.49 -6.55 -9.37
CA LEU A 104 -5.92 -6.58 -9.05
C LEU A 104 -6.38 -7.83 -8.27
N MET A 105 -5.57 -8.25 -7.30
CA MET A 105 -5.75 -9.40 -6.42
C MET A 105 -6.78 -9.20 -5.28
N LEU A 106 -7.35 -7.99 -5.17
CA LEU A 106 -8.20 -7.54 -4.07
C LEU A 106 -9.53 -6.88 -4.51
N SER A 107 -10.40 -6.56 -3.55
CA SER A 107 -11.68 -5.86 -3.75
C SER A 107 -11.56 -4.39 -3.31
N PRO A 108 -11.97 -3.39 -4.11
CA PRO A 108 -11.78 -1.98 -3.77
C PRO A 108 -12.63 -1.45 -2.63
N ASP A 109 -13.78 -2.06 -2.31
CA ASP A 109 -14.61 -1.63 -1.19
C ASP A 109 -14.03 -2.15 0.14
N ASP A 110 -13.08 -3.09 0.08
CA ASP A 110 -12.43 -3.68 1.25
C ASP A 110 -11.23 -2.85 1.72
N ILE A 111 -10.53 -2.14 0.81
CA ILE A 111 -9.39 -1.26 1.19
C ILE A 111 -9.84 -0.15 2.14
N GLU A 112 -11.10 0.28 2.02
CA GLU A 112 -11.72 1.29 2.87
C GLU A 112 -12.03 0.76 4.29
N GLN A 113 -11.86 -0.56 4.50
CA GLN A 113 -12.09 -1.31 5.74
C GLN A 113 -10.76 -1.79 6.35
N TRP A 114 -9.78 -2.15 5.51
CA TRP A 114 -8.43 -2.60 5.87
C TRP A 114 -7.71 -1.71 6.88
N PHE A 115 -8.05 -0.41 6.91
CA PHE A 115 -7.44 0.61 7.75
C PHE A 115 -8.37 1.18 8.85
N THR A 116 -9.56 0.62 9.03
CA THR A 116 -10.55 1.05 10.03
C THR A 116 -11.03 -0.05 10.97
N GLU A 117 -11.04 -1.31 10.51
CA GLU A 117 -11.49 -2.46 11.28
C GLU A 117 -10.60 -3.71 11.11
N ASP A 118 -10.64 -4.60 12.10
CA ASP A 118 -9.91 -5.87 12.14
C ASP A 118 -10.76 -7.06 11.62
N PRO A 119 -10.14 -8.16 11.12
CA PRO A 119 -10.86 -9.33 10.60
C PRO A 119 -11.82 -9.98 11.63
N GLY A 120 -12.98 -10.44 11.15
CA GLY A 120 -14.00 -11.09 11.98
C GLY A 120 -13.64 -12.52 12.43
N PRO A 121 -14.29 -13.05 13.49
CA PRO A 121 -14.06 -14.40 14.00
C PRO A 121 -14.59 -15.50 13.06
N ASP A 122 -14.08 -16.73 13.25
CA ASP A 122 -14.48 -17.91 12.46
C ASP A 122 -15.93 -18.35 12.77
N SER A 1 -15.95 0.10 -16.20
CA SER A 1 -15.27 -1.20 -16.09
C SER A 1 -14.85 -1.53 -14.64
N PRO A 2 -14.99 -2.79 -14.18
CA PRO A 2 -14.55 -3.20 -12.84
C PRO A 2 -13.06 -2.94 -12.62
N GLN A 3 -12.25 -3.15 -13.67
CA GLN A 3 -10.81 -2.89 -13.70
C GLN A 3 -10.49 -1.41 -13.47
N GLU A 4 -11.27 -0.50 -14.07
CA GLU A 4 -11.08 0.94 -13.91
C GLU A 4 -11.45 1.35 -12.48
N SER A 5 -12.60 0.90 -11.97
CA SER A 5 -13.02 1.17 -10.60
C SER A 5 -11.99 0.63 -9.59
N ARG A 6 -11.42 -0.55 -9.86
CA ARG A 6 -10.39 -1.17 -9.02
C ARG A 6 -9.13 -0.31 -8.98
N ARG A 7 -8.56 0.02 -10.14
CA ARG A 7 -7.35 0.85 -10.18
C ARG A 7 -7.60 2.25 -9.63
N LEU A 8 -8.81 2.82 -9.75
CA LEU A 8 -9.18 4.11 -9.16
C LEU A 8 -9.17 4.06 -7.62
N SER A 9 -9.83 3.08 -6.99
CA SER A 9 -9.84 2.94 -5.52
C SER A 9 -8.42 2.66 -4.97
N ILE A 10 -7.70 1.77 -5.64
CA ILE A 10 -6.30 1.44 -5.31
C ILE A 10 -5.41 2.68 -5.48
N GLN A 11 -5.52 3.46 -6.57
CA GLN A 11 -4.75 4.71 -6.74
C GLN A 11 -5.10 5.72 -5.65
N ARG A 12 -6.37 5.83 -5.23
CA ARG A 12 -6.80 6.67 -4.09
C ARG A 12 -6.01 6.30 -2.83
N CYS A 13 -5.98 5.02 -2.51
CA CYS A 13 -5.24 4.54 -1.34
C CYS A 13 -3.71 4.64 -1.52
N ILE A 14 -3.16 4.40 -2.71
CA ILE A 14 -1.72 4.52 -2.99
C ILE A 14 -1.26 5.97 -2.90
N GLN A 15 -2.04 6.92 -3.41
CA GLN A 15 -1.74 8.35 -3.29
C GLN A 15 -1.81 8.74 -1.80
N SER A 16 -2.82 8.26 -1.07
CA SER A 16 -2.92 8.48 0.38
C SER A 16 -1.74 7.87 1.16
N LEU A 17 -1.20 6.72 0.71
CA LEU A 17 -0.06 6.01 1.30
C LEU A 17 1.24 6.75 1.07
N VAL A 18 1.57 7.15 -0.17
CA VAL A 18 2.79 7.91 -0.47
C VAL A 18 2.72 9.30 0.18
N HIS A 19 1.52 9.91 0.22
CA HIS A 19 1.27 11.15 0.94
C HIS A 19 1.61 10.95 2.41
N ALA A 20 1.01 9.96 3.07
CA ALA A 20 1.24 9.70 4.50
C ALA A 20 2.71 9.42 4.84
N CYS A 21 3.43 8.72 3.95
CA CYS A 21 4.85 8.45 4.15
C CYS A 21 5.70 9.72 3.98
N GLN A 22 5.34 10.64 3.07
CA GLN A 22 6.05 11.93 2.90
C GLN A 22 5.47 13.12 3.72
N CYS A 23 4.37 12.93 4.45
CA CYS A 23 3.66 13.96 5.22
C CYS A 23 4.42 14.36 6.50
N ARG A 24 5.13 15.50 6.44
CA ARG A 24 5.89 16.07 7.57
C ARG A 24 5.03 16.99 8.46
N ASN A 25 3.75 17.09 8.13
CA ASN A 25 2.69 17.85 8.79
C ASN A 25 1.84 16.96 9.75
N ALA A 26 2.36 15.78 10.13
CA ALA A 26 1.81 14.65 10.92
C ALA A 26 0.35 14.72 11.45
N ASN A 27 -0.04 15.79 12.15
CA ASN A 27 -1.42 16.06 12.60
C ASN A 27 -2.32 16.56 11.43
N CYS A 28 -2.06 16.07 10.22
CA CYS A 28 -2.69 16.38 8.94
C CYS A 28 -4.22 16.16 8.95
N SER A 29 -4.95 16.97 8.17
CA SER A 29 -6.42 16.95 8.07
C SER A 29 -7.00 15.95 7.06
N LEU A 30 -6.17 15.31 6.22
CA LEU A 30 -6.64 14.31 5.26
C LEU A 30 -7.09 13.01 5.97
N PRO A 31 -8.23 12.39 5.59
CA PRO A 31 -8.75 11.20 6.26
C PRO A 31 -7.88 9.95 6.08
N SER A 32 -7.47 9.63 4.85
CA SER A 32 -6.64 8.44 4.58
C SER A 32 -5.16 8.65 4.92
N CYS A 33 -4.72 9.90 5.16
CA CYS A 33 -3.37 10.20 5.64
C CYS A 33 -3.22 9.60 7.05
N GLN A 34 -4.13 9.98 7.96
CA GLN A 34 -4.21 9.47 9.33
C GLN A 34 -4.31 7.93 9.35
N LYS A 35 -5.14 7.33 8.48
CA LYS A 35 -5.30 5.86 8.37
C LYS A 35 -4.01 5.17 7.91
N MET A 36 -3.32 5.73 6.91
CA MET A 36 -2.05 5.17 6.43
C MET A 36 -0.92 5.36 7.46
N LYS A 37 -0.84 6.52 8.14
CA LYS A 37 0.15 6.77 9.21
C LYS A 37 -0.01 5.75 10.34
N ARG A 38 -1.25 5.43 10.75
CA ARG A 38 -1.54 4.41 11.77
C ARG A 38 -0.94 3.04 11.41
N VAL A 39 -1.20 2.54 10.20
CA VAL A 39 -0.67 1.23 9.76
C VAL A 39 0.85 1.25 9.51
N VAL A 40 1.41 2.36 9.03
CA VAL A 40 2.87 2.53 8.83
C VAL A 40 3.58 2.56 10.20
N GLN A 41 3.06 3.29 11.18
CA GLN A 41 3.64 3.33 12.53
C GLN A 41 3.47 1.95 13.23
N HIS A 42 2.36 1.26 12.99
CA HIS A 42 2.10 -0.09 13.52
C HIS A 42 3.16 -1.09 13.00
N THR A 43 3.30 -1.24 11.67
CA THR A 43 4.21 -2.24 11.07
C THR A 43 5.68 -2.04 11.47
N LYS A 44 6.13 -0.80 11.65
CA LYS A 44 7.51 -0.48 12.10
C LYS A 44 7.84 -1.00 13.50
N GLY A 45 6.82 -1.26 14.33
CA GLY A 45 6.94 -1.80 15.70
C GLY A 45 6.38 -3.22 15.88
N CYS A 46 5.84 -3.84 14.83
CA CYS A 46 5.22 -5.16 14.87
C CYS A 46 6.24 -6.31 15.03
N LYS A 47 5.85 -7.36 15.78
CA LYS A 47 6.66 -8.57 16.07
C LYS A 47 6.49 -9.69 15.03
N ARG A 48 5.60 -9.48 14.07
CA ARG A 48 5.21 -10.33 12.92
C ARG A 48 4.94 -9.41 11.72
N LYS A 49 4.70 -10.00 10.54
CA LYS A 49 4.34 -9.33 9.28
C LYS A 49 3.46 -10.27 8.44
N THR A 50 3.24 -9.94 7.17
CA THR A 50 2.52 -10.78 6.18
C THR A 50 3.15 -12.18 6.05
N ASN A 51 4.47 -12.28 6.24
CA ASN A 51 5.25 -13.53 6.19
C ASN A 51 4.89 -14.51 7.32
N GLY A 52 4.42 -13.99 8.46
CA GLY A 52 4.01 -14.76 9.64
C GLY A 52 2.49 -14.93 9.70
N GLY A 53 1.76 -13.85 9.96
CA GLY A 53 0.30 -13.85 10.03
C GLY A 53 -0.40 -12.52 10.36
N CYS A 54 0.30 -11.37 10.38
CA CYS A 54 -0.32 -10.09 10.76
C CYS A 54 -1.26 -9.56 9.64
N PRO A 55 -2.57 -9.34 9.90
CA PRO A 55 -3.52 -8.88 8.89
C PRO A 55 -3.32 -7.43 8.46
N VAL A 56 -2.98 -6.52 9.37
CA VAL A 56 -2.73 -5.10 9.05
C VAL A 56 -1.46 -4.95 8.22
N CYS A 57 -0.36 -5.64 8.57
CA CYS A 57 0.85 -5.64 7.75
C CYS A 57 0.53 -6.23 6.35
N LYS A 58 -0.19 -7.37 6.26
CA LYS A 58 -0.59 -7.98 4.97
C LYS A 58 -1.46 -7.05 4.10
N GLN A 59 -2.43 -6.38 4.70
CA GLN A 59 -3.31 -5.43 4.01
C GLN A 59 -2.54 -4.17 3.56
N LEU A 60 -1.56 -3.72 4.33
CA LEU A 60 -0.66 -2.63 3.94
C LEU A 60 0.25 -3.10 2.79
N ILE A 61 0.80 -4.32 2.86
CA ILE A 61 1.62 -4.94 1.81
C ILE A 61 0.87 -5.03 0.49
N ALA A 62 -0.44 -5.33 0.50
CA ALA A 62 -1.25 -5.42 -0.72
C ALA A 62 -1.22 -4.12 -1.53
N LEU A 63 -1.45 -2.96 -0.89
CA LEU A 63 -1.38 -1.66 -1.55
C LEU A 63 0.07 -1.21 -1.82
N CYS A 64 1.01 -1.46 -0.90
CA CYS A 64 2.42 -1.12 -1.10
C CYS A 64 3.05 -1.90 -2.27
N CYS A 65 2.71 -3.18 -2.45
CA CYS A 65 3.21 -4.00 -3.55
C CYS A 65 2.63 -3.53 -4.89
N TYR A 66 1.33 -3.19 -4.93
CA TYR A 66 0.70 -2.61 -6.12
C TYR A 66 1.41 -1.28 -6.48
N HIS A 67 1.68 -0.43 -5.50
CA HIS A 67 2.42 0.84 -5.65
C HIS A 67 3.83 0.63 -6.21
N ALA A 68 4.62 -0.24 -5.57
CA ALA A 68 6.02 -0.51 -5.92
C ALA A 68 6.24 -0.92 -7.38
N LYS A 69 5.28 -1.63 -7.99
CA LYS A 69 5.34 -2.04 -9.41
C LYS A 69 5.38 -0.83 -10.35
N HIS A 70 4.61 0.22 -10.01
CA HIS A 70 4.48 1.47 -10.77
C HIS A 70 5.51 2.55 -10.38
N CYS A 71 5.97 2.57 -9.13
CA CYS A 71 6.97 3.50 -8.61
C CYS A 71 8.35 3.29 -9.29
N GLN A 72 9.09 4.37 -9.49
CA GLN A 72 10.39 4.41 -10.18
C GLN A 72 11.44 5.31 -9.50
N GLU A 73 11.12 5.92 -8.36
CA GLU A 73 12.01 6.79 -7.59
C GLU A 73 13.23 6.04 -7.02
N ASN A 74 14.36 6.73 -6.85
CA ASN A 74 15.61 6.16 -6.34
C ASN A 74 15.51 5.63 -4.90
N LYS A 75 14.93 6.41 -4.00
CA LYS A 75 14.79 6.16 -2.56
C LYS A 75 13.42 6.69 -2.07
N CYS A 76 12.34 6.03 -2.50
CA CYS A 76 10.96 6.42 -2.20
C CYS A 76 10.61 6.43 -0.70
N PRO A 77 9.74 7.37 -0.26
CA PRO A 77 9.31 7.52 1.13
C PRO A 77 8.55 6.33 1.73
N VAL A 78 7.86 5.50 0.93
CA VAL A 78 7.07 4.36 1.43
C VAL A 78 8.02 3.28 2.01
N PRO A 79 7.76 2.75 3.23
CA PRO A 79 8.67 1.82 3.91
C PRO A 79 8.93 0.50 3.17
N PHE A 80 7.89 -0.13 2.61
CA PHE A 80 8.04 -1.41 1.92
C PHE A 80 8.43 -1.25 0.44
N CYS A 81 8.00 -0.16 -0.22
CA CYS A 81 8.22 0.10 -1.63
C CYS A 81 9.68 -0.15 -2.06
N LEU A 82 10.65 0.47 -1.38
CA LEU A 82 12.07 0.34 -1.72
C LEU A 82 12.56 -1.14 -1.74
N ASN A 83 12.15 -1.93 -0.75
CA ASN A 83 12.46 -3.35 -0.65
C ASN A 83 11.78 -4.13 -1.79
N ILE A 84 10.47 -3.90 -1.99
CA ILE A 84 9.66 -4.52 -3.06
C ILE A 84 10.24 -4.18 -4.44
N LYS A 85 10.61 -2.92 -4.70
CA LYS A 85 11.26 -2.48 -5.95
C LYS A 85 12.55 -3.24 -6.15
N HIS A 86 13.47 -3.27 -5.17
CA HIS A 86 14.72 -4.03 -5.31
C HIS A 86 14.46 -5.51 -5.69
N LYS A 87 13.59 -6.23 -4.97
CA LYS A 87 13.28 -7.64 -5.32
C LYS A 87 12.54 -7.78 -6.66
N LEU A 88 11.75 -6.79 -7.10
CA LEU A 88 11.09 -6.79 -8.42
C LEU A 88 12.08 -6.46 -9.54
N ARG A 89 13.06 -5.58 -9.32
CA ARG A 89 14.16 -5.30 -10.27
C ARG A 89 14.97 -6.59 -10.46
N GLN A 90 15.20 -7.33 -9.37
CA GLN A 90 15.91 -8.61 -9.41
C GLN A 90 15.11 -9.73 -10.14
N GLN A 91 13.83 -9.94 -9.82
CA GLN A 91 13.01 -11.03 -10.39
C GLN A 91 12.24 -10.73 -11.68
N GLN A 92 11.52 -9.60 -11.75
CA GLN A 92 10.68 -9.20 -12.89
C GLN A 92 11.44 -8.37 -13.94
N GLY A 93 12.28 -7.43 -13.50
CA GLY A 93 13.13 -6.55 -14.32
C GLY A 93 12.42 -5.43 -15.11
N SER A 94 11.18 -5.64 -15.57
CA SER A 94 10.40 -4.69 -16.38
C SER A 94 8.94 -4.55 -15.90
N GLY A 95 8.30 -3.41 -16.22
CA GLY A 95 6.89 -3.13 -15.89
C GLY A 95 5.87 -3.80 -16.83
N SER A 96 4.59 -3.80 -16.42
CA SER A 96 3.49 -4.45 -17.16
C SER A 96 3.04 -3.70 -18.43
N GLY A 97 3.20 -2.37 -18.48
CA GLY A 97 2.86 -1.53 -19.65
C GLY A 97 1.37 -1.31 -19.94
N SER A 98 0.45 -1.75 -19.07
CA SER A 98 -1.00 -1.61 -19.23
C SER A 98 -1.73 -1.58 -17.88
N GLN A 99 -2.79 -0.77 -17.75
CA GLN A 99 -3.61 -0.70 -16.53
C GLN A 99 -4.47 -1.96 -16.32
N ALA A 100 -4.69 -2.77 -17.36
CA ALA A 100 -5.43 -4.03 -17.24
C ALA A 100 -4.55 -5.18 -16.70
N MET A 101 -3.22 -5.04 -16.81
CA MET A 101 -2.25 -5.97 -16.25
C MET A 101 -1.69 -5.33 -14.97
N ASP A 102 -2.52 -5.40 -13.93
CA ASP A 102 -2.29 -4.85 -12.60
C ASP A 102 -2.24 -5.96 -11.55
N ASP A 103 -1.93 -5.62 -10.30
CA ASP A 103 -1.90 -6.59 -9.20
C ASP A 103 -3.32 -6.82 -8.66
N LEU A 104 -4.19 -7.40 -9.51
CA LEU A 104 -5.63 -7.68 -9.29
C LEU A 104 -5.95 -8.79 -8.25
N MET A 105 -5.08 -8.93 -7.25
CA MET A 105 -5.16 -9.93 -6.18
C MET A 105 -6.09 -9.56 -5.01
N LEU A 106 -6.73 -8.38 -5.07
CA LEU A 106 -7.59 -7.82 -4.01
C LEU A 106 -8.82 -7.06 -4.54
N SER A 107 -9.84 -6.94 -3.69
CA SER A 107 -11.10 -6.22 -3.99
C SER A 107 -11.01 -4.73 -3.60
N PRO A 108 -11.41 -3.79 -4.49
CA PRO A 108 -11.36 -2.36 -4.20
C PRO A 108 -12.37 -1.88 -3.15
N ASP A 109 -13.38 -2.69 -2.81
CA ASP A 109 -14.35 -2.38 -1.76
C ASP A 109 -13.89 -2.93 -0.40
N ASP A 110 -12.86 -3.77 -0.39
CA ASP A 110 -12.27 -4.36 0.81
C ASP A 110 -11.15 -3.49 1.39
N ILE A 111 -10.43 -2.72 0.56
CA ILE A 111 -9.36 -1.81 1.02
C ILE A 111 -9.88 -0.77 2.01
N GLU A 112 -11.13 -0.34 1.83
CA GLU A 112 -11.80 0.62 2.70
C GLU A 112 -12.12 0.02 4.09
N GLN A 113 -12.17 -1.31 4.17
CA GLN A 113 -12.44 -2.10 5.38
C GLN A 113 -11.15 -2.36 6.16
N TRP A 114 -10.01 -2.56 5.46
CA TRP A 114 -8.68 -2.77 6.04
C TRP A 114 -8.26 -1.65 7.01
N PHE A 115 -8.74 -0.43 6.76
CA PHE A 115 -8.48 0.76 7.58
C PHE A 115 -9.62 1.12 8.56
N THR A 116 -10.55 0.17 8.75
CA THR A 116 -11.70 0.24 9.67
C THR A 116 -11.62 -0.91 10.69
N GLU A 117 -11.15 -2.09 10.28
CA GLU A 117 -10.99 -3.29 11.12
C GLU A 117 -9.76 -3.26 12.05
N ASP A 118 -8.78 -2.40 11.77
CA ASP A 118 -7.53 -2.23 12.53
C ASP A 118 -7.70 -1.29 13.75
N PRO A 119 -6.90 -1.45 14.83
CA PRO A 119 -6.99 -0.60 16.02
C PRO A 119 -6.57 0.85 15.76
N GLY A 120 -7.07 1.78 16.58
CA GLY A 120 -6.78 3.22 16.48
C GLY A 120 -7.53 4.07 17.52
N PRO A 121 -7.33 5.40 17.50
CA PRO A 121 -7.98 6.35 18.42
C PRO A 121 -9.48 6.53 18.12
N ASP A 122 -10.24 7.01 19.12
CA ASP A 122 -11.68 7.26 19.01
C ASP A 122 -12.00 8.44 18.06
#